data_2X1E
#
_entry.id   2X1E
#
_cell.length_a   198.180
_cell.length_b   68.380
_cell.length_c   146.570
_cell.angle_alpha   90.00
_cell.angle_beta   128.81
_cell.angle_gamma   90.00
#
_symmetry.space_group_name_H-M   'C 1 2 1'
#
loop_
_entity.id
_entity.type
_entity.pdbx_description
1 polymer ACYL-COENZYME
2 non-polymer 'PHOSPHATE ION'
3 non-polymer GLYCEROL
4 non-polymer '(2S,5R,6R)-6-AMINO-3,3-DIMETHYL-7-OXO-4-THIA-1-AZABICYCLO[3.2.0]HEPTANE-2-CARBOXYLIC ACID'
5 non-polymer 'CHLORIDE ION'
6 water water
#
_entity_poly.entity_id   1
_entity_poly.type   'polypeptide(L)'
_entity_poly.pdbx_seq_one_letter_code
;MLHILCQGTPFEIGYEHGSAAKAVIARSIDFAVDLIRGKTKKTDEELKQVLSQLGRVIEERWPKYYEEIRGIAKGAERDV
SEIVMLNTRTEFAYGLKAARDG(CSD)TTAYCQLPNGALQGQNWDFFSATKENLIRLTIRQAGLPTIKFITEAGIIGKVG
FNSAGVAVNYNALHLQGLRPTGVPSHIALRIALESTSPSQAYDRIVEQGGMAASAFIMVGNGHEAFGLEFSPTSIRKQVL
DANGRMVHTNHCLLQHGKNEKELDPLPDSWNRHQRMEFLLDGFDGTKQAFAQLWADEDNYPFSICRAYEEGKSRGATLFN
IIYDHARREATVRLGRPTNPDEMFVMRFDEEDERSALNARL
;
_entity_poly.pdbx_strand_id   A,B,C,D
#
# COMPACT_ATOMS: atom_id res chain seq x y z
N MET A 1 14.38 32.82 -21.00
CA MET A 1 14.32 31.67 -21.92
C MET A 1 13.02 31.70 -22.69
N LEU A 2 13.07 31.38 -23.99
CA LEU A 2 11.87 31.28 -24.81
C LEU A 2 10.87 30.33 -24.16
N HIS A 3 9.65 30.82 -23.98
CA HIS A 3 8.58 30.06 -23.36
C HIS A 3 7.38 30.08 -24.30
N ILE A 4 7.03 28.90 -24.79
CA ILE A 4 5.93 28.77 -25.75
C ILE A 4 4.74 28.03 -25.14
N LEU A 5 3.57 28.63 -25.25
CA LEU A 5 2.34 27.99 -24.81
C LEU A 5 1.69 27.28 -26.00
N CYS A 6 1.59 25.96 -25.89
CA CYS A 6 1.03 25.13 -26.96
C CYS A 6 -0.28 24.50 -26.50
N GLN A 7 -1.31 24.62 -27.32
CA GLN A 7 -2.64 24.08 -27.01
C GLN A 7 -3.41 23.67 -28.26
N GLY A 8 -4.35 22.74 -28.09
CA GLY A 8 -5.19 22.26 -29.18
C GLY A 8 -4.89 20.81 -29.56
N THR A 9 -5.04 20.49 -30.84
CA THR A 9 -4.75 19.14 -31.34
C THR A 9 -3.23 18.87 -31.27
N PRO A 10 -2.81 17.58 -31.33
CA PRO A 10 -1.38 17.30 -31.40
C PRO A 10 -0.66 18.09 -32.50
N PHE A 11 -1.23 18.14 -33.71
CA PHE A 11 -0.66 18.95 -34.79
C PHE A 11 -0.53 20.43 -34.44
N GLU A 12 -1.57 21.00 -33.81
CA GLU A 12 -1.54 22.43 -33.47
C GLU A 12 -0.50 22.69 -32.41
N ILE A 13 -0.37 21.75 -31.49
CA ILE A 13 0.63 21.82 -30.44
C ILE A 13 2.02 21.85 -31.08
N GLY A 14 2.29 20.91 -31.98
CA GLY A 14 3.58 20.85 -32.66
C GLY A 14 3.86 22.11 -33.46
N TYR A 15 2.83 22.58 -34.17
CA TYR A 15 2.93 23.77 -35.02
C TYR A 15 3.33 25.04 -34.25
N GLU A 16 2.75 25.24 -33.07
CA GLU A 16 3.06 26.43 -32.27
C GLU A 16 4.53 26.40 -31.84
N HIS A 17 4.95 25.23 -31.37
CA HIS A 17 6.33 24.94 -30.98
C HIS A 17 7.27 25.22 -32.16
N GLY A 18 6.97 24.63 -33.32
CA GLY A 18 7.78 24.79 -34.52
C GLY A 18 7.87 26.21 -35.03
N SER A 19 6.74 26.91 -35.05
CA SER A 19 6.69 28.31 -35.53
C SER A 19 7.44 29.26 -34.61
N ALA A 20 7.10 29.23 -33.33
CA ALA A 20 7.66 30.17 -32.37
C ALA A 20 9.14 29.91 -32.08
N ALA A 21 9.58 28.68 -32.31
CA ALA A 21 10.99 28.33 -32.08
C ALA A 21 11.75 28.03 -33.37
N LYS A 22 11.24 28.53 -34.49
CA LYS A 22 11.76 28.23 -35.83
C LYS A 22 13.29 28.31 -35.92
N ALA A 23 13.84 29.47 -35.56
CA ALA A 23 15.27 29.71 -35.62
C ALA A 23 16.07 28.83 -34.64
N VAL A 24 15.47 28.53 -33.50
CA VAL A 24 16.12 27.68 -32.50
C VAL A 24 16.19 26.24 -33.02
N ILE A 25 15.10 25.77 -33.65
CA ILE A 25 15.05 24.42 -34.20
C ILE A 25 16.11 24.20 -35.30
N ALA A 26 16.31 25.21 -36.14
CA ALA A 26 17.39 25.21 -37.13
C ALA A 26 18.76 24.98 -36.47
N ARG A 27 18.98 25.61 -35.33
CA ARG A 27 20.24 25.42 -34.58
C ARG A 27 20.32 24.01 -34.00
N SER A 28 19.20 23.53 -33.46
CA SER A 28 19.11 22.16 -32.93
C SER A 28 19.50 21.15 -34.00
N ILE A 29 18.92 21.30 -35.19
CA ILE A 29 19.18 20.41 -36.31
C ILE A 29 20.65 20.49 -36.72
N ASP A 30 21.17 21.70 -36.84
CA ASP A 30 22.58 21.92 -37.18
C ASP A 30 23.49 21.17 -36.22
N PHE A 31 23.28 21.38 -34.91
CA PHE A 31 24.09 20.72 -33.90
C PHE A 31 23.99 19.20 -33.99
N ALA A 32 22.75 18.70 -34.11
CA ALA A 32 22.51 17.25 -34.24
C ALA A 32 23.18 16.66 -35.48
N VAL A 33 23.12 17.36 -36.60
CA VAL A 33 23.75 16.90 -37.85
C VAL A 33 25.27 16.73 -37.65
N ASP A 34 25.90 17.74 -37.04
CA ASP A 34 27.33 17.67 -36.71
C ASP A 34 27.65 16.49 -35.82
N LEU A 35 26.90 16.34 -34.73
CA LEU A 35 27.07 15.21 -33.80
C LEU A 35 26.94 13.87 -34.52
N ILE A 36 25.85 13.70 -35.26
CA ILE A 36 25.53 12.47 -36.01
C ILE A 36 26.63 12.12 -37.01
N ARG A 37 27.10 13.11 -37.76
CA ARG A 37 28.16 12.91 -38.74
C ARG A 37 29.48 12.47 -38.11
N GLY A 38 29.70 12.84 -36.85
CA GLY A 38 30.86 12.40 -36.10
C GLY A 38 30.82 10.93 -35.68
N LYS A 39 29.66 10.29 -35.84
CA LYS A 39 29.46 8.91 -35.37
C LYS A 39 29.41 7.86 -36.49
N THR A 40 29.55 8.30 -37.75
CA THR A 40 29.28 7.42 -38.89
C THR A 40 30.13 7.69 -40.13
N LYS A 41 30.24 6.68 -41.00
CA LYS A 41 30.86 6.82 -42.32
C LYS A 41 29.79 6.80 -43.42
N LYS A 42 28.53 6.57 -43.03
CA LYS A 42 27.41 6.53 -43.96
C LYS A 42 27.19 7.86 -44.66
N THR A 43 26.73 7.81 -45.92
CA THR A 43 26.33 9.02 -46.66
C THR A 43 25.07 9.64 -46.05
N ASP A 44 24.82 10.91 -46.34
CA ASP A 44 23.61 11.58 -45.86
C ASP A 44 22.32 10.94 -46.38
N GLU A 45 22.34 10.52 -47.64
CA GLU A 45 21.21 9.83 -48.26
C GLU A 45 20.79 8.60 -47.46
N GLU A 46 21.77 7.81 -47.04
CA GLU A 46 21.51 6.64 -46.22
C GLU A 46 20.95 7.04 -44.86
N LEU A 47 21.53 8.06 -44.25
CA LEU A 47 21.03 8.60 -42.98
C LEU A 47 19.56 9.05 -43.10
N LYS A 48 19.22 9.72 -44.20
CA LYS A 48 17.82 10.15 -44.45
C LYS A 48 16.87 8.95 -44.46
N GLN A 49 17.28 7.86 -45.11
CA GLN A 49 16.50 6.65 -45.18
C GLN A 49 16.29 5.97 -43.83
N VAL A 50 17.34 5.92 -43.00
CA VAL A 50 17.23 5.41 -41.63
C VAL A 50 16.18 6.22 -40.85
N LEU A 51 16.25 7.54 -40.99
CA LEU A 51 15.30 8.44 -40.32
C LEU A 51 13.87 8.26 -40.81
N SER A 52 13.71 7.97 -42.10
CA SER A 52 12.41 7.67 -42.66
C SER A 52 11.86 6.38 -42.05
N GLN A 53 12.72 5.37 -41.90
CA GLN A 53 12.35 4.15 -41.18
C GLN A 53 11.94 4.40 -39.72
N LEU A 54 12.72 5.20 -38.99
CA LEU A 54 12.38 5.55 -37.60
C LEU A 54 11.07 6.35 -37.51
N GLY A 55 10.88 7.28 -38.44
CA GLY A 55 9.63 8.03 -38.56
C GLY A 55 8.42 7.12 -38.71
N ARG A 56 8.55 6.09 -39.55
CA ARG A 56 7.46 5.12 -39.75
C ARG A 56 7.12 4.33 -38.48
N VAL A 57 8.13 4.03 -37.67
CA VAL A 57 7.92 3.38 -36.37
C VAL A 57 7.10 4.28 -35.45
N ILE A 58 7.47 5.56 -35.37
CA ILE A 58 6.79 6.50 -34.48
C ILE A 58 5.35 6.74 -34.96
N GLU A 59 5.19 6.82 -36.27
CA GLU A 59 3.87 6.99 -36.90
C GLU A 59 2.94 5.82 -36.56
N GLU A 60 3.45 4.60 -36.66
CA GLU A 60 2.67 3.40 -36.34
C GLU A 60 2.38 3.29 -34.85
N ARG A 61 3.43 3.45 -34.04
CA ARG A 61 3.35 3.14 -32.62
C ARG A 61 2.77 4.25 -31.75
N TRP A 62 3.10 5.50 -32.07
CA TRP A 62 2.60 6.64 -31.29
C TRP A 62 2.05 7.74 -32.21
N PRO A 63 0.93 7.46 -32.91
CA PRO A 63 0.39 8.41 -33.87
C PRO A 63 0.18 9.82 -33.31
N LYS A 64 -0.23 9.91 -32.04
CA LYS A 64 -0.45 11.20 -31.37
C LYS A 64 0.86 11.99 -31.32
N TYR A 65 1.96 11.31 -30.99
CA TYR A 65 3.27 11.97 -30.94
C TYR A 65 3.81 12.28 -32.33
N TYR A 66 3.52 11.40 -33.30
CA TYR A 66 3.93 11.64 -34.68
C TYR A 66 3.24 12.87 -35.27
N GLU A 67 1.94 13.01 -34.99
CA GLU A 67 1.18 14.17 -35.45
C GLU A 67 1.79 15.47 -34.92
N GLU A 68 2.21 15.46 -33.65
CA GLU A 68 2.86 16.61 -33.04
C GLU A 68 4.20 16.90 -33.74
N ILE A 69 4.96 15.84 -34.00
CA ILE A 69 6.20 15.94 -34.76
C ILE A 69 5.97 16.54 -36.15
N ARG A 70 4.92 16.09 -36.84
CA ARG A 70 4.52 16.68 -38.13
C ARG A 70 4.22 18.19 -38.03
N GLY A 71 3.53 18.58 -36.96
CA GLY A 71 3.26 20.00 -36.68
C GLY A 71 4.52 20.81 -36.45
N ILE A 72 5.45 20.26 -35.68
CA ILE A 72 6.75 20.91 -35.44
C ILE A 72 7.47 21.16 -36.77
N ALA A 73 7.57 20.11 -37.57
CA ALA A 73 8.16 20.19 -38.92
C ALA A 73 7.49 21.27 -39.78
N LYS A 74 6.17 21.30 -39.78
CA LYS A 74 5.43 22.28 -40.58
C LYS A 74 5.70 23.71 -40.08
N GLY A 75 5.55 23.93 -38.78
CA GLY A 75 5.81 25.23 -38.17
C GLY A 75 7.24 25.72 -38.31
N ALA A 76 8.21 24.81 -38.25
CA ALA A 76 9.61 25.18 -38.36
C ALA A 76 10.09 25.22 -39.82
N GLU A 77 9.24 24.78 -40.74
CA GLU A 77 9.57 24.69 -42.17
C GLU A 77 10.77 23.76 -42.37
N ARG A 78 10.71 22.59 -41.75
CA ARG A 78 11.79 21.59 -41.83
C ARG A 78 11.17 20.26 -42.25
N ASP A 79 12.01 19.33 -42.68
CA ASP A 79 11.53 18.00 -43.06
C ASP A 79 11.17 17.24 -41.79
N VAL A 80 10.14 16.40 -41.87
CA VAL A 80 9.72 15.58 -40.73
C VAL A 80 10.88 14.72 -40.23
N SER A 81 11.67 14.17 -41.15
CA SER A 81 12.85 13.37 -40.80
C SER A 81 13.86 14.13 -39.93
N GLU A 82 13.99 15.44 -40.15
CA GLU A 82 14.87 16.26 -39.33
C GLU A 82 14.38 16.33 -37.88
N ILE A 83 13.07 16.42 -37.69
CA ILE A 83 12.48 16.48 -36.35
C ILE A 83 12.52 15.11 -35.71
N VAL A 84 12.25 14.08 -36.51
CA VAL A 84 12.40 12.69 -36.07
C VAL A 84 13.83 12.50 -35.54
N MET A 85 14.81 12.98 -36.29
CA MET A 85 16.21 12.96 -35.86
C MET A 85 16.40 13.57 -34.47
N LEU A 86 15.85 14.77 -34.26
CA LEU A 86 15.95 15.44 -32.97
C LEU A 86 15.40 14.57 -31.85
N ASN A 87 14.24 13.97 -32.09
CA ASN A 87 13.54 13.20 -31.06
C ASN A 87 14.08 11.79 -30.81
N THR A 88 14.98 11.33 -31.66
CA THR A 88 15.63 10.02 -31.50
C THR A 88 17.16 10.16 -31.52
N ARG A 89 17.66 11.34 -31.15
CA ARG A 89 19.07 11.67 -31.38
C ARG A 89 20.04 10.70 -30.71
N THR A 90 19.80 10.42 -29.43
CA THR A 90 20.65 9.51 -28.66
C THR A 90 20.65 8.12 -29.29
N GLU A 91 19.46 7.55 -29.47
CA GLU A 91 19.28 6.24 -30.12
C GLU A 91 19.96 6.18 -31.49
N PHE A 92 19.70 7.17 -32.33
CA PHE A 92 20.26 7.31 -33.68
C PHE A 92 21.80 7.35 -33.61
N ALA A 93 22.32 8.20 -32.71
CA ALA A 93 23.77 8.33 -32.52
C ALA A 93 24.44 7.02 -32.07
N TYR A 94 23.86 6.38 -31.06
N TYR A 94 23.86 6.34 -31.09
CA TYR A 94 24.31 5.10 -30.53
CA TYR A 94 24.44 5.09 -30.59
C TYR A 94 24.38 4.04 -31.64
C TYR A 94 24.39 3.97 -31.64
N GLY A 95 23.28 3.90 -32.38
CA GLY A 95 23.15 2.92 -33.47
C GLY A 95 24.19 3.09 -34.54
N LEU A 96 24.41 4.34 -34.94
CA LEU A 96 25.43 4.67 -35.95
C LEU A 96 26.84 4.32 -35.50
N LYS A 97 27.14 4.64 -34.24
CA LYS A 97 28.48 4.39 -33.69
C LYS A 97 28.76 2.89 -33.55
N ALA A 98 27.73 2.13 -33.17
CA ALA A 98 27.85 0.68 -33.07
C ALA A 98 28.04 0.04 -34.45
N ALA A 99 27.27 0.51 -35.42
CA ALA A 99 27.42 0.09 -36.81
C ALA A 99 28.83 0.36 -37.34
N ARG A 100 29.38 1.54 -37.02
CA ARG A 100 30.71 1.93 -37.50
C ARG A 100 31.86 1.13 -36.86
N ASP A 101 31.75 0.86 -35.56
CA ASP A 101 32.87 0.28 -34.80
C ASP A 101 32.82 -1.25 -34.61
N THR A 104 23.50 14.86 -12.78
CA THR A 104 23.37 14.44 -11.39
C THR A 104 21.93 14.73 -10.95
N THR A 105 21.26 13.74 -10.39
CA THR A 105 19.86 13.84 -10.05
C THR A 105 19.60 13.32 -8.64
N ALA A 106 18.71 14.00 -7.93
CA ALA A 106 18.41 13.61 -6.56
C ALA A 106 16.95 13.82 -6.18
N TYR A 107 16.46 12.95 -5.32
CA TYR A 107 15.15 13.07 -4.71
C TYR A 107 15.36 12.89 -3.20
N CYS A 108 14.71 13.76 -2.42
N CYS A 108 14.67 13.71 -2.41
CA CYS A 108 14.76 13.69 -0.96
CA CYS A 108 14.80 13.67 -0.96
C CYS A 108 13.36 13.78 -0.40
C CYS A 108 13.44 13.82 -0.31
N GLN A 109 12.95 12.75 0.32
CA GLN A 109 11.69 12.79 1.04
C GLN A 109 11.95 13.59 2.31
N LEU A 110 11.10 14.57 2.58
CA LEU A 110 11.30 15.48 3.71
C LEU A 110 9.99 15.75 4.43
N PRO A 111 10.05 16.25 5.69
CA PRO A 111 8.82 16.44 6.47
C PRO A 111 7.93 17.57 5.94
N ASN A 112 8.52 18.69 5.53
CA ASN A 112 7.73 19.76 4.95
C ASN A 112 7.63 19.71 3.41
N GLY A 113 7.79 18.52 2.86
CA GLY A 113 7.68 18.32 1.41
C GLY A 113 8.96 17.82 0.76
N ALA A 114 8.81 16.84 -0.12
CA ALA A 114 9.93 16.29 -0.87
C ALA A 114 10.56 17.34 -1.78
N LEU A 115 11.86 17.17 -2.02
CA LEU A 115 12.58 18.00 -2.98
C LEU A 115 13.26 17.09 -3.99
N GLN A 116 13.21 17.49 -5.24
CA GLN A 116 13.73 16.69 -6.35
C GLN A 116 14.38 17.66 -7.31
N GLY A 117 15.47 17.22 -7.93
CA GLY A 117 16.19 18.10 -8.83
C GLY A 117 17.28 17.40 -9.61
N GLN A 118 17.81 18.10 -10.61
CA GLN A 118 18.99 17.64 -11.32
C GLN A 118 19.79 18.79 -11.92
N ASN A 119 21.04 18.50 -12.23
CA ASN A 119 21.81 19.28 -13.20
C ASN A 119 21.81 18.47 -14.48
N TRP A 120 21.60 19.15 -15.60
CA TRP A 120 21.70 18.55 -16.93
C TRP A 120 23.04 19.01 -17.49
N ASP A 121 23.91 18.06 -17.82
CA ASP A 121 25.27 18.33 -18.30
C ASP A 121 25.41 17.87 -19.74
N PHE A 122 25.83 18.78 -20.62
CA PHE A 122 25.97 18.45 -22.03
C PHE A 122 26.89 19.43 -22.75
N PHE A 123 27.01 19.27 -24.07
CA PHE A 123 27.80 20.19 -24.89
C PHE A 123 27.15 21.58 -24.85
N SER A 124 27.98 22.58 -24.59
CA SER A 124 27.50 23.95 -24.35
C SER A 124 26.72 24.57 -25.49
N ALA A 125 27.01 24.10 -26.71
CA ALA A 125 26.28 24.54 -27.92
C ALA A 125 24.76 24.38 -27.79
N THR A 126 24.31 23.39 -27.03
CA THR A 126 22.88 23.16 -26.87
C THR A 126 22.18 24.10 -25.86
N LYS A 127 22.95 24.80 -25.04
CA LYS A 127 22.35 25.68 -24.03
C LYS A 127 21.53 26.81 -24.69
N GLU A 128 22.08 27.41 -25.74
CA GLU A 128 21.36 28.45 -26.47
C GLU A 128 20.12 27.91 -27.19
N ASN A 129 19.97 26.58 -27.24
CA ASN A 129 18.83 25.95 -27.91
C ASN A 129 17.76 25.47 -26.93
N LEU A 130 18.01 25.68 -25.65
CA LEU A 130 17.06 25.32 -24.61
C LEU A 130 15.91 26.29 -24.61
N ILE A 131 14.70 25.74 -24.70
CA ILE A 131 13.46 26.49 -24.60
C ILE A 131 12.58 25.80 -23.56
N ARG A 132 11.45 26.41 -23.21
CA ARG A 132 10.47 25.72 -22.41
C ARG A 132 9.10 25.79 -23.04
N LEU A 133 8.35 24.71 -22.88
CA LEU A 133 7.00 24.61 -23.42
C LEU A 133 6.03 24.43 -22.28
N THR A 134 4.89 25.10 -22.37
CA THR A 134 3.73 24.73 -21.59
C THR A 134 2.77 24.10 -22.58
N ILE A 135 2.40 22.85 -22.32
CA ILE A 135 1.52 22.14 -23.24
C ILE A 135 0.19 21.78 -22.56
N ARG A 136 -0.90 22.35 -23.09
CA ARG A 136 -2.25 22.03 -22.65
C ARG A 136 -2.88 21.06 -23.63
N GLN A 137 -3.35 19.93 -23.12
CA GLN A 137 -4.16 18.98 -23.90
C GLN A 137 -5.36 18.63 -23.05
N ALA A 138 -6.55 18.87 -23.59
CA ALA A 138 -7.79 18.69 -22.84
C ALA A 138 -7.87 17.30 -22.22
N GLY A 139 -8.04 17.23 -20.90
CA GLY A 139 -8.22 15.95 -20.21
C GLY A 139 -6.93 15.25 -19.82
N LEU A 140 -5.78 15.86 -20.13
CA LEU A 140 -4.46 15.38 -19.69
C LEU A 140 -3.78 16.45 -18.85
N PRO A 141 -2.84 16.05 -17.96
CA PRO A 141 -2.16 17.10 -17.20
C PRO A 141 -1.51 18.14 -18.10
N THR A 142 -1.52 19.39 -17.66
CA THR A 142 -0.75 20.44 -18.33
C THR A 142 0.71 20.20 -17.96
N ILE A 143 1.59 20.30 -18.96
CA ILE A 143 3.01 20.02 -18.79
C ILE A 143 3.82 21.28 -18.95
N LYS A 144 4.79 21.47 -18.06
CA LYS A 144 5.80 22.53 -18.25
C LYS A 144 7.16 21.88 -18.21
N PHE A 145 7.90 21.96 -19.31
CA PHE A 145 9.21 21.31 -19.38
C PHE A 145 10.24 22.09 -20.18
N ILE A 146 11.51 21.87 -19.81
CA ILE A 146 12.66 22.43 -20.50
C ILE A 146 13.12 21.41 -21.51
N THR A 147 13.38 21.86 -22.74
CA THR A 147 13.81 20.95 -23.79
C THR A 147 14.73 21.69 -24.77
N GLU A 148 15.44 20.93 -25.60
CA GLU A 148 16.09 21.51 -26.75
C GLU A 148 14.99 21.72 -27.78
N ALA A 149 14.98 22.89 -28.43
CA ALA A 149 13.92 23.21 -29.39
C ALA A 149 13.79 22.09 -30.41
N GLY A 150 12.56 21.66 -30.62
CA GLY A 150 12.25 20.60 -31.59
C GLY A 150 11.88 19.25 -30.99
N ILE A 151 12.18 19.05 -29.71
CA ILE A 151 12.02 17.76 -29.03
C ILE A 151 10.78 17.79 -28.13
N ILE A 152 9.99 16.73 -28.17
CA ILE A 152 8.66 16.71 -27.54
C ILE A 152 8.58 16.21 -26.07
N GLY A 153 9.71 15.78 -25.53
CA GLY A 153 9.75 15.28 -24.15
C GLY A 153 11.14 15.40 -23.58
N LYS A 154 11.24 15.95 -22.37
CA LYS A 154 12.53 16.14 -21.73
C LYS A 154 12.34 16.25 -20.22
N VAL A 155 12.79 17.34 -19.62
CA VAL A 155 12.82 17.45 -18.17
C VAL A 155 11.83 18.49 -17.70
N GLY A 156 10.87 18.08 -16.86
CA GLY A 156 9.89 19.02 -16.30
C GLY A 156 8.86 18.37 -15.41
N PHE A 157 7.73 19.05 -15.24
CA PHE A 157 6.65 18.54 -14.38
C PHE A 157 5.27 18.88 -14.92
N ASN A 158 4.23 18.29 -14.33
CA ASN A 158 2.87 18.53 -14.80
C ASN A 158 1.93 18.98 -13.69
N SER A 159 0.72 19.39 -14.07
CA SER A 159 -0.24 19.95 -13.12
C SER A 159 -0.74 18.89 -12.13
N ALA A 160 -0.46 17.62 -12.43
CA ALA A 160 -0.78 16.52 -11.53
C ALA A 160 0.30 16.29 -10.48
N GLY A 161 1.40 17.04 -10.59
CA GLY A 161 2.50 16.97 -9.61
C GLY A 161 3.59 15.98 -9.97
N VAL A 162 3.48 15.40 -11.17
CA VAL A 162 4.47 14.42 -11.61
C VAL A 162 5.68 15.18 -12.16
N ALA A 163 6.85 14.91 -11.56
CA ALA A 163 8.08 15.58 -11.92
C ALA A 163 9.08 14.56 -12.46
N VAL A 164 9.69 14.86 -13.60
N VAL A 164 9.74 14.90 -13.57
CA VAL A 164 10.60 13.93 -14.25
CA VAL A 164 10.56 13.96 -14.34
C VAL A 164 12.00 14.48 -14.41
C VAL A 164 11.99 14.47 -14.54
N ASN A 165 12.97 13.58 -14.29
CA ASN A 165 14.38 13.88 -14.53
C ASN A 165 14.99 12.83 -15.44
N TYR A 166 16.07 13.19 -16.13
CA TYR A 166 16.70 12.34 -17.14
C TYR A 166 18.21 12.36 -17.00
N ASN A 167 18.81 11.17 -17.01
CA ASN A 167 20.26 11.02 -16.95
C ASN A 167 20.74 10.11 -18.07
N ALA A 168 21.83 10.52 -18.75
CA ALA A 168 22.46 9.63 -19.72
C ALA A 168 22.92 8.36 -19.02
N LEU A 169 22.78 7.23 -19.70
CA LEU A 169 23.23 5.95 -19.20
C LEU A 169 23.60 5.14 -20.43
N HIS A 170 24.69 4.38 -20.38
N HIS A 170 24.61 4.29 -20.26
CA HIS A 170 25.10 3.70 -21.60
CA HIS A 170 25.31 3.68 -21.38
C HIS A 170 25.26 2.19 -21.48
C HIS A 170 25.31 2.14 -21.35
N LEU A 171 24.14 1.53 -21.20
CA LEU A 171 24.04 0.07 -21.33
C LEU A 171 23.95 -0.23 -22.83
N GLN A 172 24.55 -1.34 -23.23
CA GLN A 172 24.65 -1.76 -24.62
C GLN A 172 23.31 -2.31 -25.15
N GLY A 173 23.02 -1.99 -26.41
CA GLY A 173 21.88 -2.58 -27.12
C GLY A 173 21.00 -1.54 -27.78
N LEU A 174 20.44 -1.88 -28.93
CA LEU A 174 19.53 -0.99 -29.63
C LEU A 174 18.38 -1.78 -30.23
N ARG A 175 17.16 -1.31 -29.99
CA ARG A 175 16.00 -1.89 -30.64
C ARG A 175 15.25 -0.76 -31.35
N PRO A 176 15.44 -0.64 -32.68
CA PRO A 176 14.82 0.43 -33.48
C PRO A 176 13.30 0.54 -33.34
N THR A 177 12.62 -0.56 -33.02
CA THR A 177 11.15 -0.54 -32.88
C THR A 177 10.69 -0.27 -31.44
N GLY A 178 11.63 -0.17 -30.51
CA GLY A 178 11.31 0.11 -29.10
C GLY A 178 10.97 1.58 -28.86
N VAL A 179 10.61 1.93 -27.63
CA VAL A 179 10.23 3.31 -27.34
C VAL A 179 11.47 4.20 -27.15
N PRO A 180 11.57 5.30 -27.92
CA PRO A 180 12.67 6.24 -27.71
C PRO A 180 12.61 6.92 -26.34
N SER A 181 13.77 7.25 -25.77
CA SER A 181 13.83 7.82 -24.42
C SER A 181 13.02 9.08 -24.22
N HIS A 182 13.04 9.97 -25.21
CA HIS A 182 12.30 11.22 -25.14
C HIS A 182 10.78 11.04 -25.30
N ILE A 183 10.37 9.96 -25.96
CA ILE A 183 8.96 9.60 -26.01
C ILE A 183 8.52 9.08 -24.65
N ALA A 184 9.37 8.26 -24.02
CA ALA A 184 9.07 7.77 -22.67
C ALA A 184 8.98 8.93 -21.70
N LEU A 185 9.83 9.95 -21.87
CA LEU A 185 9.77 11.16 -21.03
C LEU A 185 8.42 11.86 -21.20
N ARG A 186 7.97 11.99 -22.44
CA ARG A 186 6.67 12.58 -22.71
C ARG A 186 5.53 11.75 -22.14
N ILE A 187 5.62 10.42 -22.26
CA ILE A 187 4.63 9.53 -21.65
C ILE A 187 4.56 9.77 -20.14
N ALA A 188 5.71 9.82 -19.46
CA ALA A 188 5.73 10.09 -18.03
C ALA A 188 5.10 11.46 -17.70
N LEU A 189 5.40 12.47 -18.52
CA LEU A 189 4.88 13.84 -18.29
C LEU A 189 3.38 13.96 -18.53
N GLU A 190 2.79 12.99 -19.21
CA GLU A 190 1.35 12.97 -19.47
C GLU A 190 0.57 12.09 -18.48
N SER A 191 1.29 11.54 -17.50
CA SER A 191 0.70 10.66 -16.51
C SER A 191 0.27 11.42 -15.27
N THR A 192 -0.74 10.90 -14.56
CA THR A 192 -1.30 11.57 -13.39
C THR A 192 -0.63 11.17 -12.06
N SER A 193 0.22 10.15 -12.08
CA SER A 193 1.01 9.76 -10.90
C SER A 193 2.28 9.04 -11.36
N PRO A 194 3.28 8.93 -10.46
CA PRO A 194 4.47 8.13 -10.78
C PRO A 194 4.15 6.66 -11.08
N SER A 195 3.19 6.10 -10.35
CA SER A 195 2.73 4.73 -10.60
C SER A 195 2.17 4.56 -12.01
N GLN A 196 1.33 5.50 -12.44
CA GLN A 196 0.78 5.48 -13.80
C GLN A 196 1.87 5.67 -14.84
N ALA A 197 2.82 6.57 -14.55
CA ALA A 197 3.99 6.79 -15.39
C ALA A 197 4.77 5.49 -15.58
N TYR A 198 5.06 4.80 -14.47
CA TYR A 198 5.72 3.49 -14.50
C TYR A 198 4.95 2.52 -15.40
N ASP A 199 3.66 2.34 -15.10
CA ASP A 199 2.76 1.48 -15.86
C ASP A 199 2.77 1.78 -17.37
N ARG A 200 2.75 3.06 -17.71
CA ARG A 200 2.62 3.44 -19.12
C ARG A 200 3.93 3.31 -19.90
N ILE A 201 5.05 3.53 -19.22
CA ILE A 201 6.36 3.28 -19.84
C ILE A 201 6.53 1.78 -20.10
N VAL A 202 6.27 0.97 -19.08
CA VAL A 202 6.28 -0.50 -19.20
C VAL A 202 5.33 -1.01 -20.27
N GLU A 203 4.17 -0.37 -20.37
CA GLU A 203 3.15 -0.72 -21.38
C GLU A 203 3.71 -0.77 -22.79
N GLN A 204 4.71 0.06 -23.07
CA GLN A 204 5.31 0.14 -24.42
C GLN A 204 6.00 -1.17 -24.83
N GLY A 205 6.35 -2.01 -23.85
CA GLY A 205 6.87 -3.33 -24.13
C GLY A 205 8.33 -3.38 -24.53
N GLY A 206 9.07 -2.32 -24.21
CA GLY A 206 10.52 -2.34 -24.36
C GLY A 206 11.14 -1.05 -24.87
N MET A 207 12.28 -0.68 -24.28
CA MET A 207 12.97 0.55 -24.64
C MET A 207 13.82 0.38 -25.91
N ALA A 208 14.00 1.48 -26.65
CA ALA A 208 14.84 1.52 -27.85
C ALA A 208 16.33 1.47 -27.53
N ALA A 209 16.73 2.04 -26.40
CA ALA A 209 18.15 2.13 -26.04
C ALA A 209 18.31 2.23 -24.53
N SER A 210 19.32 2.99 -24.09
CA SER A 210 19.65 3.11 -22.68
C SER A 210 19.58 4.54 -22.18
N ALA A 211 19.04 4.70 -20.97
CA ALA A 211 19.03 5.96 -20.25
C ALA A 211 18.60 5.67 -18.82
N PHE A 212 18.54 6.73 -18.01
CA PHE A 212 17.93 6.67 -16.68
C PHE A 212 16.86 7.73 -16.61
N ILE A 213 15.69 7.35 -16.10
CA ILE A 213 14.59 8.29 -15.91
C ILE A 213 14.14 8.23 -14.44
N MET A 214 14.02 9.39 -13.82
CA MET A 214 13.42 9.50 -12.49
C MET A 214 12.04 10.13 -12.56
N VAL A 215 11.07 9.53 -11.89
CA VAL A 215 9.72 10.08 -11.82
C VAL A 215 9.31 10.20 -10.35
N GLY A 216 8.85 11.38 -9.95
CA GLY A 216 8.41 11.58 -8.56
C GLY A 216 7.27 12.56 -8.39
N ASN A 217 6.56 12.44 -7.27
CA ASN A 217 5.69 13.51 -6.80
C ASN A 217 6.01 13.76 -5.34
N GLY A 218 5.10 14.38 -4.61
CA GLY A 218 5.34 14.62 -3.19
C GLY A 218 5.36 13.38 -2.30
N HIS A 219 4.81 12.27 -2.81
N HIS A 219 4.88 12.25 -2.83
CA HIS A 219 4.60 11.08 -1.99
CA HIS A 219 4.54 11.10 -1.99
C HIS A 219 5.62 9.99 -2.27
C HIS A 219 5.23 9.77 -2.35
N GLU A 220 5.82 9.70 -3.55
CA GLU A 220 6.65 8.55 -3.97
C GLU A 220 7.57 8.96 -5.14
N ALA A 221 8.60 8.15 -5.37
CA ALA A 221 9.50 8.35 -6.50
C ALA A 221 10.18 7.03 -6.87
N PHE A 222 10.53 6.88 -8.14
CA PHE A 222 11.30 5.74 -8.59
C PHE A 222 12.26 6.20 -9.69
N GLY A 223 13.37 5.48 -9.80
CA GLY A 223 14.26 5.64 -10.93
C GLY A 223 14.18 4.40 -11.80
N LEU A 224 14.40 4.56 -13.10
CA LEU A 224 14.48 3.42 -14.01
C LEU A 224 15.84 3.43 -14.72
N GLU A 225 16.61 2.37 -14.52
CA GLU A 225 17.80 2.13 -15.36
C GLU A 225 17.38 1.11 -16.40
N PHE A 226 17.61 1.42 -17.67
CA PHE A 226 17.12 0.55 -18.73
C PHE A 226 18.03 0.38 -19.94
N SER A 227 17.88 -0.78 -20.57
CA SER A 227 18.36 -1.02 -21.92
C SER A 227 17.18 -1.68 -22.66
N PRO A 228 17.38 -2.05 -23.94
CA PRO A 228 16.29 -2.79 -24.61
C PRO A 228 16.01 -4.17 -24.00
N THR A 229 16.89 -4.62 -23.11
CA THR A 229 16.77 -5.95 -22.50
C THR A 229 16.76 -5.90 -20.96
N SER A 230 16.59 -4.71 -20.40
CA SER A 230 16.60 -4.56 -18.94
C SER A 230 15.86 -3.31 -18.49
N ILE A 231 14.91 -3.47 -17.57
CA ILE A 231 14.26 -2.33 -16.91
C ILE A 231 14.31 -2.55 -15.40
N ARG A 232 15.25 -1.90 -14.74
CA ARG A 232 15.41 -2.09 -13.31
C ARG A 232 14.99 -0.84 -12.56
N LYS A 233 14.25 -1.05 -11.46
CA LYS A 233 13.67 0.07 -10.72
C LYS A 233 14.51 0.44 -9.51
N GLN A 234 14.86 1.72 -9.41
CA GLN A 234 15.53 2.26 -8.23
C GLN A 234 14.49 2.86 -7.27
N VAL A 235 14.62 2.54 -5.99
CA VAL A 235 13.70 3.02 -4.98
C VAL A 235 14.44 3.86 -3.94
N LEU A 236 13.69 4.59 -3.13
CA LEU A 236 14.27 5.36 -2.02
C LEU A 236 15.07 4.47 -1.07
N ASP A 237 16.22 4.96 -0.60
CA ASP A 237 17.03 4.21 0.37
C ASP A 237 16.46 4.40 1.78
N ALA A 238 17.21 3.94 2.78
CA ALA A 238 16.77 4.02 4.18
C ALA A 238 16.59 5.47 4.68
N ASN A 239 17.23 6.42 4.02
CA ASN A 239 17.11 7.84 4.38
C ASN A 239 16.05 8.61 3.60
N GLY A 240 15.25 7.90 2.78
CA GLY A 240 14.25 8.54 1.93
C GLY A 240 14.87 9.28 0.76
N ARG A 241 16.04 8.81 0.32
CA ARG A 241 16.85 9.49 -0.70
C ARG A 241 17.07 8.63 -1.93
N MET A 242 17.21 9.30 -3.06
CA MET A 242 17.60 8.67 -4.31
C MET A 242 18.60 9.60 -4.98
N VAL A 243 19.75 9.05 -5.36
CA VAL A 243 20.78 9.80 -6.10
C VAL A 243 21.15 9.01 -7.38
N HIS A 244 21.27 9.70 -8.50
CA HIS A 244 21.75 9.05 -9.72
C HIS A 244 22.64 9.95 -10.55
N THR A 245 23.68 9.35 -11.15
CA THR A 245 24.57 10.06 -12.05
C THR A 245 24.47 9.39 -13.42
N ASN A 246 25.59 8.93 -13.97
CA ASN A 246 25.62 8.38 -15.34
C ASN A 246 26.13 6.94 -15.41
N HIS A 247 25.98 6.19 -14.32
CA HIS A 247 26.37 4.79 -14.33
C HIS A 247 25.36 3.94 -13.58
N CYS A 248 25.37 2.64 -13.85
CA CYS A 248 24.43 1.71 -13.24
C CYS A 248 24.69 1.51 -11.76
N LEU A 249 23.67 1.76 -10.95
CA LEU A 249 23.73 1.53 -9.51
C LEU A 249 23.04 0.22 -9.18
N LEU A 250 22.18 -0.24 -10.09
CA LEU A 250 21.43 -1.49 -9.86
C LEU A 250 22.08 -2.67 -10.57
N GLN A 251 21.88 -3.87 -10.03
CA GLN A 251 22.40 -5.08 -10.67
C GLN A 251 21.49 -5.41 -11.85
N HIS A 252 22.08 -5.50 -13.03
CA HIS A 252 21.36 -5.91 -14.23
C HIS A 252 21.74 -7.34 -14.58
N GLY A 253 21.04 -7.93 -15.55
CA GLY A 253 21.31 -9.31 -15.98
C GLY A 253 22.76 -9.52 -16.39
N LYS A 254 23.16 -10.79 -16.48
CA LYS A 254 24.53 -11.16 -16.84
C LYS A 254 24.93 -10.65 -18.23
N ASN A 255 23.99 -10.66 -19.17
CA ASN A 255 24.24 -10.22 -20.54
C ASN A 255 24.40 -8.71 -20.71
N GLU A 256 24.01 -7.94 -19.69
CA GLU A 256 24.05 -6.48 -19.78
C GLU A 256 25.47 -5.96 -19.69
N LYS A 257 25.77 -4.93 -20.48
CA LYS A 257 27.14 -4.39 -20.56
C LYS A 257 27.12 -2.87 -20.59
N GLU A 258 27.78 -2.27 -19.61
CA GLU A 258 27.90 -0.82 -19.53
C GLU A 258 29.10 -0.36 -20.35
N LEU A 259 28.88 0.62 -21.21
CA LEU A 259 29.90 1.06 -22.18
C LEU A 259 30.54 2.42 -21.85
N ASP A 260 31.80 2.38 -21.44
CA ASP A 260 32.62 3.60 -21.24
C ASP A 260 31.93 4.73 -20.45
N PRO A 261 31.37 4.41 -19.26
CA PRO A 261 30.85 5.52 -18.46
C PRO A 261 32.01 6.37 -17.92
N LEU A 262 31.76 7.65 -17.68
CA LEU A 262 32.83 8.53 -17.21
C LEU A 262 33.22 8.22 -15.77
N PRO A 263 34.54 8.23 -15.48
CA PRO A 263 35.01 7.98 -14.13
C PRO A 263 34.35 8.91 -13.10
N ASP A 264 34.18 10.19 -13.46
CA ASP A 264 33.57 11.15 -12.53
C ASP A 264 32.11 10.81 -12.16
N SER A 265 31.45 9.97 -12.94
CA SER A 265 30.10 9.53 -12.61
C SER A 265 30.05 8.86 -11.22
N TRP A 266 31.07 8.07 -10.91
CA TRP A 266 31.24 7.50 -9.56
C TRP A 266 31.56 8.56 -8.52
N ASN A 267 32.46 9.46 -8.87
CA ASN A 267 32.87 10.53 -7.96
C ASN A 267 31.70 11.41 -7.55
N ARG A 268 30.91 11.81 -8.54
CA ARG A 268 29.76 12.69 -8.31
C ARG A 268 28.67 12.04 -7.47
N HIS A 269 28.45 10.74 -7.65
CA HIS A 269 27.42 10.03 -6.89
C HIS A 269 27.81 9.97 -5.41
N GLN A 270 29.05 9.55 -5.17
CA GLN A 270 29.66 9.51 -3.84
C GLN A 270 29.61 10.90 -3.20
N ARG A 271 29.99 11.93 -3.96
CA ARG A 271 29.92 13.32 -3.50
C ARG A 271 28.50 13.78 -3.11
N MET A 272 27.52 13.53 -3.98
CA MET A 272 26.14 13.96 -3.68
C MET A 272 25.60 13.26 -2.42
N GLU A 273 25.88 11.96 -2.29
CA GLU A 273 25.45 11.21 -1.10
C GLU A 273 26.08 11.75 0.18
N PHE A 274 27.37 12.09 0.12
CA PHE A 274 28.05 12.79 1.21
C PHE A 274 27.38 14.13 1.53
N LEU A 275 27.14 14.95 0.51
CA LEU A 275 26.50 16.26 0.67
C LEU A 275 25.11 16.16 1.30
N LEU A 276 24.32 15.19 0.83
CA LEU A 276 22.99 14.97 1.41
C LEU A 276 22.99 14.51 2.86
N ASP A 277 24.10 13.91 3.30
CA ASP A 277 24.29 13.53 4.71
C ASP A 277 24.32 14.72 5.65
N GLY A 278 24.92 15.82 5.20
CA GLY A 278 25.03 17.05 6.01
C GLY A 278 23.97 18.07 5.66
N PHE A 279 23.03 17.66 4.84
CA PHE A 279 21.95 18.51 4.33
C PHE A 279 20.88 18.72 5.40
N ASP A 280 20.58 19.98 5.70
CA ASP A 280 19.65 20.31 6.81
C ASP A 280 18.16 20.25 6.42
N GLY A 281 17.89 20.01 5.13
CA GLY A 281 16.51 19.87 4.66
C GLY A 281 15.92 21.11 3.99
N THR A 282 16.54 22.26 4.18
CA THR A 282 16.00 23.53 3.67
C THR A 282 16.17 23.64 2.17
N LYS A 283 15.25 24.38 1.55
CA LYS A 283 15.29 24.61 0.10
C LYS A 283 16.55 25.39 -0.30
N GLN A 284 16.97 26.33 0.55
CA GLN A 284 18.21 27.10 0.31
C GLN A 284 19.43 26.18 0.20
N ALA A 285 19.58 25.27 1.16
CA ALA A 285 20.70 24.32 1.16
C ALA A 285 20.61 23.33 0.00
N PHE A 286 19.38 22.92 -0.33
CA PHE A 286 19.16 22.02 -1.45
C PHE A 286 19.64 22.63 -2.76
N ALA A 287 19.29 23.89 -2.98
CA ALA A 287 19.73 24.65 -4.14
C ALA A 287 21.27 24.77 -4.23
N GLN A 288 21.92 24.96 -3.08
CA GLN A 288 23.38 25.07 -3.05
C GLN A 288 24.13 23.78 -3.39
N LEU A 289 23.52 22.61 -3.16
CA LEU A 289 24.12 21.32 -3.54
C LEU A 289 24.54 21.29 -5.02
N TRP A 290 23.73 21.90 -5.85
CA TRP A 290 23.92 21.83 -7.29
C TRP A 290 25.03 22.75 -7.80
N ALA A 291 25.59 23.56 -6.89
CA ALA A 291 26.70 24.44 -7.22
C ALA A 291 28.03 23.86 -6.75
N ASP A 292 28.00 22.60 -6.29
CA ASP A 292 29.23 21.97 -5.78
C ASP A 292 30.30 21.84 -6.86
N GLU A 293 31.52 22.20 -6.50
CA GLU A 293 32.63 22.23 -7.44
C GLU A 293 33.78 21.30 -7.07
N ASP A 294 33.53 20.36 -6.16
CA ASP A 294 34.53 19.36 -5.82
C ASP A 294 34.84 18.51 -7.05
N ASN A 295 36.14 18.36 -7.33
CA ASN A 295 36.64 17.62 -8.48
C ASN A 295 36.43 18.39 -9.81
N TYR A 296 36.27 19.70 -9.69
CA TYR A 296 36.23 20.61 -10.84
C TYR A 296 37.36 20.25 -11.82
N PRO A 297 37.10 20.27 -13.15
CA PRO A 297 35.85 20.66 -13.82
C PRO A 297 34.80 19.55 -13.92
N PHE A 298 35.14 18.35 -13.43
CA PHE A 298 34.24 17.18 -13.52
C PHE A 298 33.25 17.11 -12.36
N SER A 299 32.91 18.27 -11.81
CA SER A 299 32.09 18.38 -10.61
C SER A 299 30.58 18.30 -10.89
N ILE A 300 29.79 18.21 -9.81
CA ILE A 300 28.33 18.21 -9.90
C ILE A 300 27.89 19.43 -10.70
N CYS A 301 28.45 20.59 -10.36
CA CYS A 301 28.31 21.77 -11.19
C CYS A 301 29.48 21.72 -12.17
N ARG A 302 29.22 21.10 -13.32
CA ARG A 302 30.27 20.76 -14.28
C ARG A 302 30.70 21.97 -15.09
N ALA A 303 32.00 22.09 -15.36
CA ALA A 303 32.54 23.17 -16.15
C ALA A 303 33.17 22.67 -17.46
N TYR A 304 33.00 23.46 -18.51
CA TYR A 304 33.71 23.20 -19.75
C TYR A 304 35.14 23.71 -19.62
N GLU A 305 36.09 22.82 -19.91
CA GLU A 305 37.50 23.16 -19.92
C GLU A 305 38.14 22.34 -21.04
N GLU A 306 38.50 23.03 -22.11
CA GLU A 306 39.04 22.42 -23.31
C GLU A 306 40.28 21.58 -23.01
N GLY A 307 40.21 20.32 -23.40
CA GLY A 307 41.28 19.36 -23.13
C GLY A 307 41.03 18.53 -21.88
N LYS A 308 39.98 18.85 -21.12
CA LYS A 308 39.65 18.10 -19.90
C LYS A 308 38.21 17.63 -19.87
N SER A 309 37.28 18.58 -19.88
N SER A 309 37.28 18.57 -19.87
CA SER A 309 35.85 18.30 -19.86
CA SER A 309 35.86 18.27 -19.88
C SER A 309 35.17 18.94 -21.06
C SER A 309 35.22 18.92 -21.09
N ARG A 310 34.43 18.13 -21.82
CA ARG A 310 33.83 18.58 -23.08
C ARG A 310 32.53 19.33 -22.86
N GLY A 311 31.94 19.16 -21.69
CA GLY A 311 30.64 19.75 -21.41
C GLY A 311 30.61 20.52 -20.12
N ALA A 312 29.46 21.11 -19.84
CA ALA A 312 29.22 21.89 -18.63
C ALA A 312 27.81 21.60 -18.14
N THR A 313 27.49 22.01 -16.92
CA THR A 313 26.09 22.01 -16.46
C THR A 313 25.40 23.10 -17.23
N LEU A 314 24.34 22.73 -17.95
CA LEU A 314 23.61 23.65 -18.81
C LEU A 314 22.32 24.17 -18.19
N PHE A 315 21.76 23.40 -17.26
CA PHE A 315 20.69 23.91 -16.41
C PHE A 315 20.47 23.03 -15.18
N ASN A 316 19.85 23.65 -14.20
CA ASN A 316 19.46 23.02 -12.97
C ASN A 316 17.97 23.25 -12.80
N ILE A 317 17.27 22.22 -12.33
CA ILE A 317 15.85 22.31 -12.00
C ILE A 317 15.62 21.73 -10.61
N ILE A 318 14.80 22.42 -9.81
CA ILE A 318 14.46 21.98 -8.45
C ILE A 318 12.94 21.95 -8.31
N TYR A 319 12.40 20.76 -8.05
CA TYR A 319 10.97 20.60 -7.85
C TYR A 319 10.63 20.72 -6.39
N ASP A 320 9.88 21.77 -6.04
CA ASP A 320 9.35 21.96 -4.71
C ASP A 320 7.97 21.29 -4.72
N HIS A 321 7.97 20.01 -4.37
CA HIS A 321 6.74 19.19 -4.42
C HIS A 321 5.60 19.74 -3.54
N ALA A 322 5.96 20.28 -2.37
CA ALA A 322 4.96 20.87 -1.48
C ALA A 322 4.08 21.94 -2.16
N ARG A 323 4.71 22.77 -2.99
CA ARG A 323 4.08 23.95 -3.55
C ARG A 323 3.78 23.80 -5.05
N ARG A 324 4.19 22.66 -5.63
CA ARG A 324 4.09 22.42 -7.08
CA ARG A 324 4.09 22.41 -7.07
C ARG A 324 4.74 23.55 -7.88
N GLU A 325 5.97 23.89 -7.52
CA GLU A 325 6.77 24.91 -8.21
C GLU A 325 8.09 24.32 -8.62
N ALA A 326 8.55 24.66 -9.82
CA ALA A 326 9.84 24.22 -10.29
C ALA A 326 10.72 25.44 -10.46
N THR A 327 11.85 25.48 -9.76
CA THR A 327 12.80 26.58 -9.95
C THR A 327 13.87 26.14 -10.93
N VAL A 328 14.04 26.94 -11.99
CA VAL A 328 14.98 26.63 -13.06
C VAL A 328 16.12 27.65 -13.03
N ARG A 329 17.35 27.15 -13.06
CA ARG A 329 18.52 27.99 -13.24
C ARG A 329 19.23 27.58 -14.51
N LEU A 330 19.32 28.53 -15.45
CA LEU A 330 20.00 28.29 -16.72
C LEU A 330 21.51 28.46 -16.52
N GLY A 331 22.31 27.59 -17.16
CA GLY A 331 23.76 27.63 -17.01
C GLY A 331 24.18 26.93 -15.73
N ARG A 332 25.33 27.33 -15.22
CA ARG A 332 25.92 26.72 -14.03
C ARG A 332 25.36 27.38 -12.78
N PRO A 333 24.86 26.57 -11.83
CA PRO A 333 24.30 27.11 -10.58
C PRO A 333 25.24 27.98 -9.73
N THR A 334 26.54 27.88 -9.94
CA THR A 334 27.51 28.78 -9.28
C THR A 334 27.30 30.24 -9.67
N ASN A 335 26.83 30.45 -10.90
CA ASN A 335 26.51 31.79 -11.41
C ASN A 335 25.54 31.67 -12.59
N PRO A 336 24.24 31.48 -12.29
CA PRO A 336 23.27 31.18 -13.34
C PRO A 336 23.12 32.28 -14.36
N ASP A 337 22.88 31.90 -15.63
CA ASP A 337 22.57 32.88 -16.67
C ASP A 337 21.20 33.52 -16.44
N GLU A 338 20.27 32.71 -15.94
CA GLU A 338 18.87 33.09 -15.73
C GLU A 338 18.35 32.27 -14.57
N MET A 339 17.33 32.79 -13.88
CA MET A 339 16.61 32.01 -12.89
C MET A 339 15.13 32.41 -12.93
N PHE A 340 14.25 31.42 -12.90
CA PHE A 340 12.81 31.67 -12.90
C PHE A 340 12.07 30.50 -12.27
N VAL A 341 10.83 30.74 -11.88
CA VAL A 341 10.02 29.70 -11.23
C VAL A 341 8.81 29.40 -12.13
N MET A 342 8.58 28.12 -12.42
CA MET A 342 7.42 27.71 -13.20
C MET A 342 6.32 27.27 -12.25
N ARG A 343 5.10 27.67 -12.57
CA ARG A 343 3.93 27.26 -11.77
C ARG A 343 2.67 27.24 -12.64
N PHE A 344 1.75 26.35 -12.28
CA PHE A 344 0.50 26.18 -13.02
C PHE A 344 -0.59 27.10 -12.51
N ASP A 345 -1.30 27.75 -13.42
CA ASP A 345 -2.42 28.60 -13.05
C ASP A 345 -3.75 27.84 -13.22
N GLU A 346 -4.86 28.50 -12.96
CA GLU A 346 -6.16 27.82 -13.01
C GLU A 346 -6.59 27.40 -14.41
N GLU A 347 -6.08 28.11 -15.42
CA GLU A 347 -6.31 27.74 -16.81
C GLU A 347 -5.64 26.42 -17.17
N ASP A 348 -4.39 26.26 -16.71
CA ASP A 348 -3.65 24.99 -16.84
C ASP A 348 -4.45 23.87 -16.22
N GLU A 349 -5.04 24.16 -15.05
CA GLU A 349 -5.81 23.18 -14.30
C GLU A 349 -7.15 22.88 -14.99
N ARG A 350 -7.79 23.89 -15.57
CA ARG A 350 -9.03 23.68 -16.34
C ARG A 350 -8.86 22.77 -17.56
N SER A 351 -7.79 22.98 -18.31
CA SER A 351 -7.46 22.12 -19.44
C SER A 351 -7.27 20.67 -18.99
N ALA A 352 -6.56 20.46 -17.88
CA ALA A 352 -6.34 19.11 -17.32
C ALA A 352 -7.63 18.40 -16.92
N LEU A 353 -8.61 19.17 -16.42
CA LEU A 353 -9.91 18.62 -16.04
C LEU A 353 -10.83 18.48 -17.24
N ASN A 354 -10.43 19.04 -18.38
CA ASN A 354 -11.28 19.11 -19.57
C ASN A 354 -12.54 19.96 -19.28
N ALA A 355 -12.32 21.03 -18.53
CA ALA A 355 -13.38 21.99 -18.22
C ALA A 355 -13.14 23.29 -18.98
N MET B 1 -0.16 -40.02 -14.08
CA MET B 1 0.76 -39.05 -14.74
C MET B 1 2.19 -39.28 -14.26
N LEU B 2 3.15 -39.20 -15.18
CA LEU B 2 4.55 -39.25 -14.82
C LEU B 2 4.91 -38.07 -13.92
N HIS B 3 5.53 -38.37 -12.78
CA HIS B 3 6.00 -37.36 -11.83
C HIS B 3 7.52 -37.43 -11.69
N ILE B 4 8.20 -36.34 -12.01
CA ILE B 4 9.66 -36.31 -11.97
C ILE B 4 10.12 -35.33 -10.89
N LEU B 5 10.88 -35.83 -9.92
CA LEU B 5 11.53 -34.97 -8.95
C LEU B 5 12.93 -34.61 -9.46
N CYS B 6 13.13 -33.32 -9.70
CA CYS B 6 14.38 -32.79 -10.25
C CYS B 6 15.15 -32.02 -9.20
N GLN B 7 16.41 -32.37 -9.04
CA GLN B 7 17.24 -31.85 -7.95
C GLN B 7 18.63 -31.49 -8.47
N GLY B 8 19.27 -30.53 -7.80
CA GLY B 8 20.67 -30.25 -8.05
C GLY B 8 20.88 -28.95 -8.82
N THR B 9 21.93 -28.93 -9.63
CA THR B 9 22.28 -27.78 -10.47
C THR B 9 21.24 -27.66 -11.60
N PRO B 10 21.20 -26.50 -12.28
CA PRO B 10 20.31 -26.36 -13.44
C PRO B 10 20.48 -27.52 -14.44
N PHE B 11 21.72 -27.88 -14.78
CA PHE B 11 21.97 -28.96 -15.74
C PHE B 11 21.44 -30.30 -15.25
N GLU B 12 21.69 -30.60 -13.98
CA GLU B 12 21.23 -31.85 -13.37
C GLU B 12 19.70 -31.92 -13.32
N ILE B 13 19.07 -30.81 -12.96
CA ILE B 13 17.61 -30.70 -12.95
C ILE B 13 17.08 -31.04 -14.34
N GLY B 14 17.70 -30.47 -15.36
CA GLY B 14 17.33 -30.72 -16.75
C GLY B 14 17.58 -32.16 -17.16
N TYR B 15 18.71 -32.72 -16.75
CA TYR B 15 19.01 -34.11 -17.07
C TYR B 15 17.95 -35.09 -16.52
N GLU B 16 17.51 -34.84 -15.28
CA GLU B 16 16.49 -35.67 -14.63
C GLU B 16 15.19 -35.67 -15.45
N HIS B 17 14.73 -34.47 -15.79
CA HIS B 17 13.59 -34.23 -16.67
C HIS B 17 13.75 -34.98 -18.02
N GLY B 18 14.86 -34.72 -18.72
CA GLY B 18 15.12 -35.30 -20.05
C GLY B 18 15.18 -36.81 -20.07
N SER B 19 15.90 -37.39 -19.11
CA SER B 19 16.08 -38.84 -19.04
C SER B 19 14.80 -39.56 -18.56
N ALA B 20 14.15 -39.01 -17.54
CA ALA B 20 12.95 -39.64 -17.00
C ALA B 20 11.76 -39.57 -17.97
N ALA B 21 11.69 -38.49 -18.77
CA ALA B 21 10.59 -38.30 -19.73
C ALA B 21 11.04 -38.42 -21.19
N LYS B 22 12.15 -39.12 -21.41
CA LYS B 22 12.75 -39.26 -22.74
C LYS B 22 11.74 -39.58 -23.86
N ALA B 23 10.97 -40.65 -23.70
CA ALA B 23 10.01 -41.08 -24.73
C ALA B 23 8.89 -40.04 -24.91
N VAL B 24 8.50 -39.41 -23.80
CA VAL B 24 7.46 -38.39 -23.86
C VAL B 24 7.96 -37.14 -24.60
N ILE B 25 9.20 -36.75 -24.34
CA ILE B 25 9.82 -35.61 -25.03
C ILE B 25 9.91 -35.81 -26.55
N ALA B 26 10.21 -37.03 -27.00
CA ALA B 26 10.21 -37.36 -28.43
C ALA B 26 8.86 -37.02 -29.03
N ARG B 27 7.78 -37.34 -28.31
CA ARG B 27 6.42 -37.03 -28.76
C ARG B 27 6.15 -35.52 -28.73
N SER B 28 6.64 -34.81 -27.72
CA SER B 28 6.45 -33.35 -27.66
C SER B 28 7.09 -32.69 -28.88
N ILE B 29 8.28 -33.17 -29.24
CA ILE B 29 9.02 -32.60 -30.37
C ILE B 29 8.27 -32.84 -31.69
N ASP B 30 7.80 -34.07 -31.88
CA ASP B 30 7.03 -34.45 -33.08
C ASP B 30 5.79 -33.58 -33.21
N PHE B 31 5.07 -33.42 -32.10
CA PHE B 31 3.88 -32.57 -32.12
C PHE B 31 4.23 -31.12 -32.43
N ALA B 32 5.26 -30.60 -31.77
CA ALA B 32 5.67 -29.20 -31.95
C ALA B 32 6.11 -28.89 -33.38
N VAL B 33 6.84 -29.83 -33.99
CA VAL B 33 7.28 -29.67 -35.36
C VAL B 33 6.06 -29.55 -36.29
N ASP B 34 5.08 -30.44 -36.12
CA ASP B 34 3.86 -30.41 -36.93
C ASP B 34 3.02 -29.15 -36.68
N LEU B 35 2.91 -28.72 -35.44
CA LEU B 35 2.18 -27.51 -35.11
C LEU B 35 2.82 -26.27 -35.76
N ILE B 36 4.14 -26.14 -35.59
CA ILE B 36 4.88 -24.97 -36.09
C ILE B 36 4.86 -24.89 -37.62
N ARG B 37 5.08 -26.02 -38.29
CA ARG B 37 5.03 -26.07 -39.75
C ARG B 37 3.64 -25.74 -40.28
N GLY B 38 2.62 -26.24 -39.58
CA GLY B 38 1.23 -25.97 -39.92
C GLY B 38 0.82 -24.52 -39.70
N LYS B 39 1.09 -24.00 -38.50
CA LYS B 39 0.69 -22.64 -38.11
C LYS B 39 1.43 -21.51 -38.84
N THR B 40 2.72 -21.72 -39.11
CA THR B 40 3.50 -20.71 -39.82
C THR B 40 3.60 -21.06 -41.30
N LYS B 41 4.06 -20.11 -42.10
CA LYS B 41 4.28 -20.39 -43.51
C LYS B 41 5.75 -20.20 -43.86
N LYS B 42 6.61 -20.48 -42.88
CA LYS B 42 8.05 -20.36 -43.03
C LYS B 42 8.65 -21.66 -43.56
N THR B 43 9.75 -21.55 -44.31
CA THR B 43 10.50 -22.72 -44.76
C THR B 43 11.22 -23.33 -43.57
N ASP B 44 11.59 -24.60 -43.68
CA ASP B 44 12.41 -25.26 -42.67
C ASP B 44 13.72 -24.50 -42.47
N GLU B 45 14.28 -23.95 -43.55
CA GLU B 45 15.48 -23.13 -43.45
C GLU B 45 15.25 -21.89 -42.55
N GLU B 46 14.17 -21.15 -42.81
CA GLU B 46 13.81 -20.00 -41.99
C GLU B 46 13.60 -20.39 -40.52
N LEU B 47 12.85 -21.47 -40.30
CA LEU B 47 12.56 -21.92 -38.93
C LEU B 47 13.82 -22.29 -38.15
N LYS B 48 14.77 -22.96 -38.81
CA LYS B 48 16.04 -23.31 -38.18
C LYS B 48 16.83 -22.07 -37.81
N GLN B 49 16.81 -21.06 -38.69
CA GLN B 49 17.44 -19.77 -38.42
C GLN B 49 16.86 -19.08 -37.17
N VAL B 50 15.53 -18.96 -37.12
CA VAL B 50 14.85 -18.40 -35.95
C VAL B 50 15.23 -19.19 -34.69
N LEU B 51 15.28 -20.51 -34.83
CA LEU B 51 15.59 -21.39 -33.71
C LEU B 51 17.01 -21.15 -33.20
N SER B 52 17.94 -20.92 -34.14
CA SER B 52 19.31 -20.57 -33.82
C SER B 52 19.38 -19.24 -33.04
N GLN B 53 18.68 -18.23 -33.54
CA GLN B 53 18.58 -16.94 -32.87
C GLN B 53 18.01 -17.10 -31.45
N LEU B 54 16.91 -17.84 -31.32
CA LEU B 54 16.26 -18.03 -30.02
C LEU B 54 17.18 -18.75 -29.03
N GLY B 55 17.91 -19.75 -29.52
CA GLY B 55 18.87 -20.49 -28.69
C GLY B 55 19.97 -19.61 -28.12
N ARG B 56 20.55 -18.78 -29.00
CA ARG B 56 21.59 -17.83 -28.62
C ARG B 56 21.09 -16.82 -27.59
N VAL B 57 19.87 -16.33 -27.77
CA VAL B 57 19.28 -15.36 -26.85
C VAL B 57 19.12 -15.96 -25.45
N ILE B 58 18.59 -17.17 -25.39
CA ILE B 58 18.39 -17.83 -24.10
C ILE B 58 19.75 -18.10 -23.43
N GLU B 59 20.72 -18.56 -24.20
CA GLU B 59 22.06 -18.82 -23.70
C GLU B 59 22.68 -17.57 -23.06
N GLU B 60 22.61 -16.44 -23.77
CA GLU B 60 23.21 -15.19 -23.31
C GLU B 60 22.41 -14.54 -22.19
N ARG B 61 21.09 -14.58 -22.29
CA ARG B 61 20.24 -13.84 -21.37
C ARG B 61 19.87 -14.59 -20.08
N TRP B 62 19.63 -15.90 -20.18
CA TRP B 62 19.24 -16.71 -19.01
C TRP B 62 20.09 -17.99 -18.95
N PRO B 63 21.39 -17.85 -18.64
CA PRO B 63 22.31 -19.00 -18.69
C PRO B 63 21.81 -20.18 -17.84
N LYS B 64 21.20 -19.87 -16.70
CA LYS B 64 20.65 -20.86 -15.78
C LYS B 64 19.57 -21.68 -16.49
N TYR B 65 18.68 -21.01 -17.22
CA TYR B 65 17.63 -21.72 -17.95
C TYR B 65 18.19 -22.47 -19.15
N TYR B 66 19.20 -21.90 -19.79
CA TYR B 66 19.85 -22.57 -20.92
C TYR B 66 20.55 -23.86 -20.50
N GLU B 67 21.26 -23.81 -19.35
CA GLU B 67 21.90 -24.98 -18.77
C GLU B 67 20.88 -26.10 -18.53
N GLU B 68 19.70 -25.74 -18.04
CA GLU B 68 18.63 -26.72 -17.78
C GLU B 68 18.14 -27.33 -19.09
N ILE B 69 17.95 -26.48 -20.10
CA ILE B 69 17.58 -26.91 -21.45
C ILE B 69 18.64 -27.88 -22.01
N ARG B 70 19.91 -27.55 -21.81
CA ARG B 70 21.00 -28.43 -22.23
C ARG B 70 20.94 -29.77 -21.49
N GLY B 71 20.63 -29.72 -20.19
CA GLY B 71 20.43 -30.94 -19.41
C GLY B 71 19.29 -31.81 -19.96
N ILE B 72 18.16 -31.18 -20.29
CA ILE B 72 17.02 -31.87 -20.89
C ILE B 72 17.42 -32.55 -22.21
N ALA B 73 18.15 -31.82 -23.05
CA ALA B 73 18.62 -32.37 -24.32
C ALA B 73 19.52 -33.58 -24.11
N LYS B 74 20.45 -33.48 -23.15
CA LYS B 74 21.34 -34.60 -22.86
C LYS B 74 20.55 -35.82 -22.37
N GLY B 75 19.65 -35.59 -21.42
CA GLY B 75 18.82 -36.65 -20.85
C GLY B 75 17.93 -37.33 -21.86
N ALA B 76 17.31 -36.54 -22.73
CA ALA B 76 16.38 -37.06 -23.74
C ALA B 76 17.07 -37.52 -25.02
N GLU B 77 18.39 -37.31 -25.08
CA GLU B 77 19.21 -37.62 -26.27
C GLU B 77 18.71 -36.94 -27.55
N ARG B 78 18.46 -35.64 -27.44
CA ARG B 78 17.99 -34.80 -28.52
C ARG B 78 18.94 -33.60 -28.67
N ASP B 79 18.86 -32.90 -29.79
CA ASP B 79 19.66 -31.69 -29.97
C ASP B 79 19.16 -30.58 -29.06
N VAL B 80 20.07 -29.75 -28.56
CA VAL B 80 19.69 -28.59 -27.75
C VAL B 80 18.61 -27.77 -28.45
N SER B 81 18.75 -27.59 -29.76
CA SER B 81 17.80 -26.77 -30.53
C SER B 81 16.37 -27.30 -30.45
N GLU B 82 16.23 -28.62 -30.41
CA GLU B 82 14.91 -29.24 -30.27
C GLU B 82 14.22 -28.88 -28.96
N ILE B 83 14.99 -28.87 -27.88
CA ILE B 83 14.47 -28.45 -26.58
C ILE B 83 14.23 -26.92 -26.54
N VAL B 84 15.08 -26.15 -27.22
CA VAL B 84 14.81 -24.72 -27.39
C VAL B 84 13.48 -24.50 -28.12
N MET B 85 13.27 -25.26 -29.20
CA MET B 85 11.99 -25.21 -29.93
C MET B 85 10.77 -25.41 -29.04
N LEU B 86 10.80 -26.46 -28.21
CA LEU B 86 9.71 -26.73 -27.26
C LEU B 86 9.46 -25.57 -26.31
N ASN B 87 10.52 -24.98 -25.79
CA ASN B 87 10.42 -23.89 -24.81
C ASN B 87 10.13 -22.53 -25.43
N THR B 88 10.14 -22.48 -26.76
CA THR B 88 9.79 -21.28 -27.51
C THR B 88 8.63 -21.57 -28.47
N ARG B 89 7.87 -22.62 -28.20
CA ARG B 89 6.80 -23.04 -29.12
C ARG B 89 5.80 -21.93 -29.41
N THR B 90 5.48 -21.15 -28.38
CA THR B 90 4.55 -20.02 -28.48
C THR B 90 5.08 -18.99 -29.47
N GLU B 91 6.35 -18.67 -29.36
CA GLU B 91 7.02 -17.71 -30.23
C GLU B 91 6.93 -18.11 -31.71
N PHE B 92 6.94 -19.41 -31.99
CA PHE B 92 6.74 -19.91 -33.36
C PHE B 92 5.27 -19.91 -33.78
N ALA B 93 4.44 -20.64 -33.04
CA ALA B 93 3.03 -20.86 -33.39
C ALA B 93 2.11 -19.63 -33.30
N TYR B 94 2.43 -18.70 -32.39
CA TYR B 94 1.65 -17.45 -32.26
C TYR B 94 2.42 -16.25 -32.78
N GLY B 95 3.71 -16.16 -32.43
CA GLY B 95 4.56 -15.04 -32.84
C GLY B 95 4.83 -14.99 -34.34
N LEU B 96 4.81 -16.15 -35.00
CA LEU B 96 5.00 -16.22 -36.45
C LEU B 96 3.81 -16.80 -37.22
N LYS B 97 2.63 -16.78 -36.60
CA LYS B 97 1.39 -17.28 -37.22
C LYS B 97 1.12 -16.60 -38.56
N ALA B 98 0.69 -17.39 -39.55
CA ALA B 98 0.42 -16.87 -40.90
C ALA B 98 -0.89 -16.09 -40.99
N THR B 104 -9.58 -21.00 -19.89
CA THR B 104 -10.39 -20.15 -19.03
C THR B 104 -9.74 -20.13 -17.66
N THR B 105 -9.51 -18.95 -17.12
CA THR B 105 -8.73 -18.77 -15.90
C THR B 105 -9.46 -17.84 -14.96
N ALA B 106 -9.45 -18.14 -13.67
CA ALA B 106 -10.13 -17.30 -12.70
C ALA B 106 -9.42 -17.21 -11.35
N TYR B 107 -9.58 -16.06 -10.71
CA TYR B 107 -9.09 -15.81 -9.36
C TYR B 107 -10.22 -15.12 -8.60
N CYS B 108 -10.50 -15.63 -7.41
N CYS B 108 -10.48 -15.59 -7.39
CA CYS B 108 -11.54 -15.09 -6.53
CA CYS B 108 -11.56 -15.06 -6.58
C CYS B 108 -10.99 -14.87 -5.14
C CYS B 108 -11.11 -14.88 -5.12
N GLN B 109 -11.02 -13.63 -4.67
CA GLN B 109 -10.71 -13.31 -3.27
C GLN B 109 -11.89 -13.77 -2.42
N LEU B 110 -11.59 -14.46 -1.32
CA LEU B 110 -12.63 -15.03 -0.46
C LEU B 110 -12.21 -14.95 1.01
N PRO B 111 -13.19 -14.89 1.93
CA PRO B 111 -12.87 -14.75 3.36
C PRO B 111 -12.20 -15.99 3.97
N ASN B 112 -12.37 -17.15 3.31
CA ASN B 112 -11.71 -18.39 3.71
C ASN B 112 -10.36 -18.58 3.05
N GLY B 113 -9.99 -17.64 2.18
CA GLY B 113 -8.78 -17.78 1.39
C GLY B 113 -9.15 -17.79 -0.08
N ALA B 114 -8.31 -17.15 -0.88
CA ALA B 114 -8.53 -17.01 -2.32
C ALA B 114 -8.54 -18.36 -3.04
N LEU B 115 -9.35 -18.44 -4.10
CA LEU B 115 -9.32 -19.60 -4.99
C LEU B 115 -8.99 -19.16 -6.41
N GLN B 116 -8.13 -19.93 -7.06
CA GLN B 116 -7.61 -19.60 -8.37
C GLN B 116 -7.57 -20.91 -9.14
N GLY B 117 -7.81 -20.86 -10.44
CA GLY B 117 -7.61 -22.05 -11.25
C GLY B 117 -7.77 -21.80 -12.71
N GLN B 118 -7.58 -22.84 -13.51
CA GLN B 118 -7.84 -22.74 -14.94
C GLN B 118 -8.19 -24.08 -15.56
N ASN B 119 -8.88 -24.01 -16.68
CA ASN B 119 -8.89 -25.10 -17.63
C ASN B 119 -7.88 -24.79 -18.72
N TRP B 120 -7.04 -25.77 -19.03
CA TRP B 120 -6.10 -25.65 -20.13
C TRP B 120 -6.70 -26.38 -21.33
N ASP B 121 -6.88 -25.65 -22.42
CA ASP B 121 -7.52 -26.19 -23.62
C ASP B 121 -6.49 -26.24 -24.74
N PHE B 122 -6.35 -27.38 -25.39
CA PHE B 122 -5.37 -27.51 -26.46
C PHE B 122 -5.66 -28.73 -27.33
N PHE B 123 -4.84 -28.93 -28.37
CA PHE B 123 -4.93 -30.12 -29.19
C PHE B 123 -4.79 -31.39 -28.33
N SER B 124 -5.72 -32.32 -28.53
CA SER B 124 -5.82 -33.54 -27.71
C SER B 124 -4.55 -34.39 -27.73
N ALA B 125 -3.77 -34.29 -28.80
CA ALA B 125 -2.55 -35.07 -28.96
C ALA B 125 -1.51 -34.76 -27.88
N THR B 126 -1.62 -33.60 -27.24
CA THR B 126 -0.66 -33.20 -26.20
C THR B 126 -0.98 -33.74 -24.81
N LYS B 127 -2.21 -34.23 -24.61
CA LYS B 127 -2.59 -34.71 -23.28
C LYS B 127 -1.68 -35.83 -22.77
N GLU B 128 -1.40 -36.81 -23.63
CA GLU B 128 -0.50 -37.91 -23.28
C GLU B 128 0.94 -37.44 -22.99
N ASN B 129 1.25 -36.18 -23.28
CA ASN B 129 2.59 -35.63 -23.03
C ASN B 129 2.70 -34.77 -21.80
N LEU B 130 1.58 -34.60 -21.08
CA LEU B 130 1.58 -33.84 -19.83
C LEU B 130 2.24 -34.68 -18.75
N ILE B 131 3.17 -34.04 -18.03
CA ILE B 131 3.88 -34.68 -16.94
C ILE B 131 3.88 -33.70 -15.79
N ARG B 132 4.27 -34.14 -14.61
CA ARG B 132 4.42 -33.20 -13.54
C ARG B 132 5.82 -33.25 -12.96
N LEU B 133 6.33 -32.07 -12.64
CA LEU B 133 7.67 -31.88 -12.15
C LEU B 133 7.62 -31.28 -10.76
N THR B 134 8.49 -31.78 -9.90
CA THR B 134 8.82 -31.11 -8.66
C THR B 134 10.28 -30.69 -8.84
N ILE B 135 10.54 -29.39 -8.74
CA ILE B 135 11.91 -28.91 -8.91
C ILE B 135 12.41 -28.28 -7.62
N ARG B 136 13.46 -28.88 -7.07
CA ARG B 136 14.10 -28.39 -5.87
C ARG B 136 15.45 -27.81 -6.25
N GLN B 137 15.62 -26.51 -6.03
CA GLN B 137 16.90 -25.85 -6.20
C GLN B 137 17.18 -25.11 -4.92
N ALA B 138 18.33 -25.41 -4.30
CA ALA B 138 18.69 -24.81 -3.03
C ALA B 138 18.51 -23.28 -3.06
N GLY B 139 17.80 -22.75 -2.08
CA GLY B 139 17.64 -21.30 -1.94
C GLY B 139 16.54 -20.68 -2.78
N LEU B 140 15.89 -21.47 -3.63
CA LEU B 140 14.75 -20.99 -4.42
C LEU B 140 13.47 -21.75 -4.03
N PRO B 141 12.28 -21.13 -4.19
CA PRO B 141 11.06 -21.87 -3.91
C PRO B 141 11.03 -23.20 -4.65
N THR B 142 10.57 -24.25 -3.97
CA THR B 142 10.35 -25.53 -4.60
C THR B 142 9.14 -25.39 -5.51
N ILE B 143 9.23 -25.92 -6.72
CA ILE B 143 8.16 -25.75 -7.71
C ILE B 143 7.49 -27.08 -7.99
N LYS B 144 6.16 -27.03 -8.13
CA LYS B 144 5.35 -28.17 -8.53
C LYS B 144 4.38 -27.73 -9.63
N PHE B 145 4.60 -28.24 -10.84
CA PHE B 145 3.82 -27.80 -11.98
C PHE B 145 3.59 -28.88 -13.02
N ILE B 146 2.54 -28.69 -13.79
CA ILE B 146 2.15 -29.55 -14.88
C ILE B 146 2.66 -28.91 -16.16
N THR B 147 3.38 -29.70 -16.95
CA THR B 147 3.97 -29.20 -18.18
C THR B 147 3.88 -30.28 -19.26
N GLU B 148 4.09 -29.87 -20.51
CA GLU B 148 4.32 -30.83 -21.58
C GLU B 148 5.79 -31.18 -21.47
N ALA B 149 6.10 -32.47 -21.58
CA ALA B 149 7.46 -32.94 -21.36
C ALA B 149 8.47 -32.20 -22.22
N GLY B 150 9.51 -31.69 -21.58
CA GLY B 150 10.57 -30.95 -22.26
C GLY B 150 10.53 -29.44 -22.02
N ILE B 151 9.43 -28.94 -21.46
CA ILE B 151 9.20 -27.51 -21.25
C ILE B 151 9.43 -27.15 -19.77
N ILE B 152 10.24 -26.12 -19.54
CA ILE B 152 10.74 -25.81 -18.18
C ILE B 152 9.89 -24.82 -17.37
N GLY B 153 8.83 -24.30 -17.98
CA GLY B 153 7.89 -23.41 -17.30
C GLY B 153 6.50 -23.60 -17.85
N LYS B 154 5.52 -23.79 -16.97
CA LYS B 154 4.13 -23.94 -17.43
C LYS B 154 3.14 -23.54 -16.34
N VAL B 155 2.26 -24.46 -15.94
CA VAL B 155 1.17 -24.13 -15.00
C VAL B 155 1.33 -24.87 -13.68
N GLY B 156 1.51 -24.13 -12.60
CA GLY B 156 1.68 -24.71 -11.28
C GLY B 156 1.94 -23.68 -10.21
N PHE B 157 2.52 -24.12 -9.10
CA PHE B 157 2.76 -23.25 -7.97
C PHE B 157 4.04 -23.59 -7.22
N ASN B 158 4.37 -22.79 -6.22
CA ASN B 158 5.62 -22.99 -5.50
C ASN B 158 5.46 -22.91 -3.98
N SER B 159 6.52 -23.24 -3.26
CA SER B 159 6.48 -23.29 -1.80
C SER B 159 6.25 -21.93 -1.16
N ALA B 160 6.47 -20.84 -1.92
CA ALA B 160 6.14 -19.49 -1.44
C ALA B 160 4.66 -19.15 -1.60
N GLY B 161 3.89 -20.07 -2.19
CA GLY B 161 2.46 -19.86 -2.40
C GLY B 161 2.12 -19.10 -3.67
N VAL B 162 3.13 -18.84 -4.51
CA VAL B 162 2.89 -18.19 -5.79
C VAL B 162 2.33 -19.19 -6.78
N ALA B 163 1.19 -18.86 -7.38
CA ALA B 163 0.51 -19.77 -8.30
C ALA B 163 0.30 -19.10 -9.65
N VAL B 164 0.58 -19.86 -10.70
CA VAL B 164 0.66 -19.32 -12.06
C VAL B 164 -0.31 -20.05 -12.99
N ASN B 165 -1.05 -19.26 -13.78
CA ASN B 165 -1.87 -19.77 -14.87
C ASN B 165 -1.47 -19.10 -16.18
N TYR B 166 -1.84 -19.73 -17.29
CA TYR B 166 -1.36 -19.36 -18.63
C TYR B 166 -2.46 -19.56 -19.68
N ASN B 167 -2.75 -18.52 -20.45
CA ASN B 167 -3.76 -18.57 -21.50
C ASN B 167 -3.15 -18.12 -22.81
N ALA B 168 -3.50 -18.78 -23.92
CA ALA B 168 -3.11 -18.32 -25.24
C ALA B 168 -3.73 -16.96 -25.52
N LEU B 169 -2.97 -16.10 -26.19
CA LEU B 169 -3.44 -14.80 -26.64
C LEU B 169 -2.91 -14.58 -28.04
N HIS B 170 -3.59 -13.76 -28.81
CA HIS B 170 -3.38 -13.73 -30.26
C HIS B 170 -2.94 -12.37 -30.79
N LEU B 171 -2.22 -11.59 -29.97
CA LEU B 171 -1.64 -10.35 -30.49
C LEU B 171 -0.49 -10.67 -31.44
N GLN B 172 -0.28 -9.79 -32.41
CA GLN B 172 0.69 -10.03 -33.47
C GLN B 172 2.09 -9.60 -33.03
N GLY B 173 3.11 -10.34 -33.48
CA GLY B 173 4.50 -9.91 -33.36
C GLY B 173 5.44 -10.92 -32.76
N LEU B 174 6.69 -10.91 -33.23
CA LEU B 174 7.75 -11.71 -32.61
C LEU B 174 9.02 -10.87 -32.45
N ARG B 175 9.57 -10.87 -31.24
CA ARG B 175 10.86 -10.25 -30.99
C ARG B 175 11.78 -11.34 -30.43
N PRO B 176 12.64 -11.92 -31.28
CA PRO B 176 13.46 -13.07 -30.89
C PRO B 176 14.37 -12.77 -29.71
N THR B 177 14.71 -11.50 -29.52
CA THR B 177 15.54 -11.09 -28.38
C THR B 177 14.74 -10.82 -27.10
N GLY B 178 13.41 -10.91 -27.17
CA GLY B 178 12.56 -10.74 -26.00
C GLY B 178 12.49 -12.01 -25.17
N VAL B 179 11.83 -11.94 -24.02
CA VAL B 179 11.68 -13.12 -23.16
C VAL B 179 10.57 -14.06 -23.64
N PRO B 180 10.90 -15.33 -23.93
CA PRO B 180 9.88 -16.30 -24.35
C PRO B 180 8.82 -16.46 -23.25
N SER B 181 7.57 -16.71 -23.65
CA SER B 181 6.50 -16.73 -22.67
C SER B 181 6.66 -17.85 -21.64
N HIS B 182 7.19 -19.00 -22.07
CA HIS B 182 7.43 -20.11 -21.15
C HIS B 182 8.60 -19.86 -20.19
N ILE B 183 9.54 -19.03 -20.61
CA ILE B 183 10.61 -18.57 -19.70
C ILE B 183 10.04 -17.62 -18.66
N ALA B 184 9.17 -16.70 -19.09
CA ALA B 184 8.46 -15.82 -18.16
C ALA B 184 7.69 -16.62 -17.10
N LEU B 185 7.05 -17.71 -17.52
CA LEU B 185 6.34 -18.61 -16.59
C LEU B 185 7.28 -19.17 -15.53
N ARG B 186 8.44 -19.65 -15.95
CA ARG B 186 9.45 -20.16 -15.02
C ARG B 186 10.01 -19.07 -14.08
N ILE B 187 10.19 -17.86 -14.61
CA ILE B 187 10.60 -16.74 -13.79
C ILE B 187 9.58 -16.48 -12.68
N ALA B 188 8.31 -16.50 -13.04
CA ALA B 188 7.22 -16.35 -12.09
C ALA B 188 7.18 -17.49 -11.08
N LEU B 189 7.40 -18.73 -11.54
CA LEU B 189 7.41 -19.91 -10.66
C LEU B 189 8.60 -19.91 -9.70
N GLU B 190 9.64 -19.14 -10.01
CA GLU B 190 10.79 -19.00 -9.10
C GLU B 190 10.71 -17.79 -8.17
N SER B 191 9.62 -17.04 -8.25
CA SER B 191 9.44 -15.83 -7.44
C SER B 191 8.76 -16.13 -6.10
N THR B 192 9.00 -15.26 -5.11
CA THR B 192 8.49 -15.48 -3.75
C THR B 192 7.15 -14.77 -3.47
N SER B 193 6.70 -13.94 -4.40
CA SER B 193 5.41 -13.26 -4.30
C SER B 193 4.93 -12.87 -5.70
N PRO B 194 3.63 -12.57 -5.87
CA PRO B 194 3.17 -12.09 -7.17
C PRO B 194 3.83 -10.76 -7.56
N SER B 195 4.06 -9.88 -6.58
CA SER B 195 4.74 -8.60 -6.81
C SER B 195 6.13 -8.81 -7.40
N GLN B 196 6.88 -9.72 -6.80
CA GLN B 196 8.20 -10.07 -7.30
C GLN B 196 8.14 -10.69 -8.70
N ALA B 197 7.15 -11.56 -8.93
CA ALA B 197 6.97 -12.18 -10.24
C ALA B 197 6.75 -11.11 -11.31
N TYR B 198 5.88 -10.15 -10.99
CA TYR B 198 5.63 -9.01 -11.87
C TYR B 198 6.91 -8.23 -12.19
N ASP B 199 7.65 -7.87 -11.13
CA ASP B 199 8.87 -7.06 -11.28
C ASP B 199 9.86 -7.77 -12.17
N ARG B 200 10.05 -9.06 -11.92
CA ARG B 200 11.06 -9.87 -12.60
C ARG B 200 10.72 -10.11 -14.07
N ILE B 201 9.44 -10.28 -14.39
CA ILE B 201 9.02 -10.37 -15.78
C ILE B 201 9.21 -9.03 -16.50
N VAL B 202 8.73 -7.95 -15.89
CA VAL B 202 8.88 -6.59 -16.43
C VAL B 202 10.36 -6.19 -16.57
N GLU B 203 11.17 -6.59 -15.58
CA GLU B 203 12.62 -6.36 -15.61
C GLU B 203 13.33 -6.85 -16.87
N GLN B 204 12.75 -7.85 -17.55
CA GLN B 204 13.35 -8.40 -18.78
C GLN B 204 13.35 -7.43 -19.95
N GLY B 205 12.49 -6.41 -19.88
CA GLY B 205 12.50 -5.32 -20.85
C GLY B 205 11.80 -5.63 -22.16
N GLY B 206 10.88 -6.60 -22.13
CA GLY B 206 10.03 -6.87 -23.28
C GLY B 206 9.82 -8.33 -23.61
N MET B 207 8.59 -8.66 -24.02
CA MET B 207 8.18 -10.04 -24.30
C MET B 207 8.53 -10.44 -25.74
N ALA B 208 8.80 -11.72 -25.95
CA ALA B 208 9.13 -12.24 -27.27
C ALA B 208 7.91 -12.34 -28.18
N ALA B 209 6.77 -12.70 -27.61
CA ALA B 209 5.55 -12.90 -28.40
C ALA B 209 4.34 -12.60 -27.54
N SER B 210 3.20 -13.22 -27.83
CA SER B 210 1.94 -12.88 -27.19
C SER B 210 1.35 -14.05 -26.42
N ALA B 211 0.87 -13.75 -25.21
CA ALA B 211 0.18 -14.71 -24.34
C ALA B 211 -0.43 -13.95 -23.17
N PHE B 212 -1.07 -14.69 -22.27
CA PHE B 212 -1.57 -14.12 -21.02
C PHE B 212 -1.05 -14.94 -19.86
N ILE B 213 -0.54 -14.24 -18.84
CA ILE B 213 -0.06 -14.90 -17.62
C ILE B 213 -0.81 -14.32 -16.41
N MET B 214 -1.30 -15.19 -15.54
CA MET B 214 -1.84 -14.76 -14.26
C MET B 214 -0.97 -15.31 -13.12
N VAL B 215 -0.71 -14.45 -12.14
CA VAL B 215 0.09 -14.85 -11.00
C VAL B 215 -0.66 -14.44 -9.75
N GLY B 216 -0.79 -15.36 -8.81
CA GLY B 216 -1.52 -15.04 -7.59
C GLY B 216 -1.03 -15.80 -6.38
N ASN B 217 -1.29 -15.24 -5.21
CA ASN B 217 -1.16 -15.96 -3.96
C ASN B 217 -2.42 -15.70 -3.13
N GLY B 218 -2.38 -15.96 -1.83
CA GLY B 218 -3.55 -15.73 -0.98
C GLY B 218 -3.93 -14.26 -0.83
N HIS B 219 -2.96 -13.37 -1.05
CA HIS B 219 -3.14 -11.94 -0.77
C HIS B 219 -3.46 -11.08 -1.99
N GLU B 220 -2.86 -11.40 -3.13
CA GLU B 220 -2.91 -10.52 -4.30
C GLU B 220 -2.82 -11.35 -5.58
N ALA B 221 -3.19 -10.73 -6.70
CA ALA B 221 -3.06 -11.36 -8.01
C ALA B 221 -3.03 -10.31 -9.10
N PHE B 222 -2.39 -10.64 -10.21
CA PHE B 222 -2.39 -9.79 -11.39
C PHE B 222 -2.41 -10.67 -12.64
N GLY B 223 -2.87 -10.09 -13.74
CA GLY B 223 -2.75 -10.72 -15.04
C GLY B 223 -1.93 -9.82 -15.95
N LEU B 224 -1.27 -10.43 -16.93
CA LEU B 224 -0.59 -9.65 -17.97
C LEU B 224 -1.04 -10.09 -19.35
N GLU B 225 -1.60 -9.14 -20.10
CA GLU B 225 -1.84 -9.33 -21.52
C GLU B 225 -0.68 -8.68 -22.25
N PHE B 226 0.02 -9.44 -23.08
CA PHE B 226 1.21 -8.89 -23.71
C PHE B 226 1.45 -9.30 -25.16
N SER B 227 2.25 -8.47 -25.83
CA SER B 227 2.83 -8.72 -27.12
C SER B 227 4.23 -8.10 -27.02
N PRO B 228 5.05 -8.20 -28.08
CA PRO B 228 6.36 -7.54 -28.03
C PRO B 228 6.29 -6.01 -27.93
N THR B 229 5.13 -5.43 -28.22
CA THR B 229 4.97 -3.97 -28.25
C THR B 229 3.87 -3.47 -27.30
N SER B 230 3.42 -4.35 -26.40
CA SER B 230 2.39 -3.99 -25.43
C SER B 230 2.39 -4.89 -24.20
N ILE B 231 2.39 -4.28 -23.02
CA ILE B 231 2.20 -5.02 -21.77
C ILE B 231 1.13 -4.30 -20.95
N ARG B 232 0.02 -4.99 -20.70
CA ARG B 232 -1.09 -4.42 -19.92
C ARG B 232 -1.38 -5.30 -18.71
N LYS B 233 -1.53 -4.65 -17.56
CA LYS B 233 -1.73 -5.36 -16.30
C LYS B 233 -3.24 -5.45 -16.00
N GLN B 234 -3.70 -6.67 -15.74
CA GLN B 234 -5.06 -6.90 -15.30
C GLN B 234 -5.04 -6.96 -13.77
N VAL B 235 -6.02 -6.30 -13.14
CA VAL B 235 -6.12 -6.29 -11.68
C VAL B 235 -7.49 -6.77 -11.24
N LEU B 236 -7.61 -7.12 -9.97
CA LEU B 236 -8.90 -7.58 -9.42
C LEU B 236 -9.99 -6.52 -9.64
N ASP B 237 -11.18 -6.95 -10.05
CA ASP B 237 -12.33 -6.05 -10.16
C ASP B 237 -12.90 -5.73 -8.78
N ALA B 238 -14.03 -5.01 -8.74
CA ALA B 238 -14.62 -4.57 -7.47
C ALA B 238 -15.15 -5.72 -6.60
N ASN B 239 -15.26 -6.91 -7.19
CA ASN B 239 -15.72 -8.08 -6.44
C ASN B 239 -14.56 -8.96 -5.99
N GLY B 240 -13.33 -8.50 -6.22
CA GLY B 240 -12.13 -9.26 -5.88
C GLY B 240 -11.86 -10.40 -6.84
N ARG B 241 -12.33 -10.26 -8.08
CA ARG B 241 -12.24 -11.32 -9.08
C ARG B 241 -11.45 -10.92 -10.29
N MET B 242 -10.77 -11.89 -10.88
N MET B 242 -10.83 -11.92 -10.91
CA MET B 242 -10.21 -11.77 -12.21
CA MET B 242 -10.16 -11.76 -12.20
C MET B 242 -10.65 -12.98 -12.99
C MET B 242 -10.50 -12.98 -13.05
N VAL B 243 -11.02 -12.75 -14.25
CA VAL B 243 -11.36 -13.81 -15.19
C VAL B 243 -10.64 -13.52 -16.50
N HIS B 244 -10.06 -14.54 -17.10
CA HIS B 244 -9.48 -14.38 -18.42
C HIS B 244 -9.73 -15.59 -19.30
N THR B 245 -10.01 -15.31 -20.57
CA THR B 245 -10.09 -16.36 -21.58
C THR B 245 -8.98 -16.17 -22.62
N ASN B 246 -9.32 -16.15 -23.90
CA ASN B 246 -8.30 -16.08 -24.96
C ASN B 246 -8.34 -14.81 -25.81
N HIS B 247 -8.88 -13.73 -25.26
CA HIS B 247 -8.92 -12.46 -25.97
C HIS B 247 -8.57 -11.30 -25.05
N CYS B 248 -8.14 -10.18 -25.65
CA CYS B 248 -7.78 -8.98 -24.89
C CYS B 248 -8.99 -8.35 -24.23
N LEU B 249 -8.90 -8.19 -22.92
CA LEU B 249 -9.92 -7.50 -22.12
C LEU B 249 -9.51 -6.07 -21.82
N LEU B 250 -8.22 -5.80 -21.96
CA LEU B 250 -7.67 -4.49 -21.62
C LEU B 250 -7.42 -3.67 -22.90
N GLN B 251 -7.35 -2.36 -22.75
CA GLN B 251 -7.08 -1.50 -23.89
C GLN B 251 -5.60 -1.47 -24.21
N HIS B 252 -5.26 -1.89 -25.43
CA HIS B 252 -3.89 -1.85 -25.92
C HIS B 252 -3.74 -0.72 -26.93
N GLY B 253 -2.49 -0.40 -27.29
CA GLY B 253 -2.21 0.62 -28.32
C GLY B 253 -2.95 0.37 -29.62
N LYS B 254 -3.18 1.45 -30.37
CA LYS B 254 -4.03 1.41 -31.57
C LYS B 254 -3.54 0.41 -32.60
N ASN B 255 -2.22 0.28 -32.71
CA ASN B 255 -1.61 -0.54 -33.75
C ASN B 255 -1.21 -1.95 -33.31
N GLU B 256 -1.72 -2.37 -32.15
CA GLU B 256 -1.73 -3.78 -31.76
C GLU B 256 -2.79 -4.49 -32.59
N LYS B 257 -2.50 -5.70 -33.04
CA LYS B 257 -3.44 -6.47 -33.84
C LYS B 257 -3.73 -7.83 -33.22
N GLU B 258 -5.01 -8.06 -32.92
CA GLU B 258 -5.46 -9.34 -32.39
C GLU B 258 -5.90 -10.23 -33.55
N LEU B 259 -5.18 -11.33 -33.76
CA LEU B 259 -5.38 -12.19 -34.94
C LEU B 259 -6.33 -13.35 -34.69
N ASP B 260 -7.54 -13.22 -35.23
CA ASP B 260 -8.56 -14.28 -35.24
C ASP B 260 -8.69 -15.02 -33.91
N PRO B 261 -9.12 -14.32 -32.85
CA PRO B 261 -9.38 -15.06 -31.63
C PRO B 261 -10.73 -15.79 -31.73
N LEU B 262 -10.84 -16.96 -31.10
CA LEU B 262 -12.06 -17.75 -31.11
C LEU B 262 -13.27 -16.93 -30.64
N PRO B 263 -14.35 -16.89 -31.45
CA PRO B 263 -15.56 -16.19 -30.99
C PRO B 263 -16.03 -16.66 -29.61
N ASP B 264 -15.87 -17.95 -29.32
CA ASP B 264 -16.30 -18.52 -28.04
C ASP B 264 -15.51 -18.03 -26.83
N SER B 265 -14.39 -17.36 -27.08
CA SER B 265 -13.59 -16.72 -26.02
C SER B 265 -14.39 -15.67 -25.25
N TRP B 266 -15.28 -14.98 -25.98
CA TRP B 266 -16.17 -13.99 -25.39
C TRP B 266 -17.29 -14.66 -24.57
N ASN B 267 -17.95 -15.64 -25.18
CA ASN B 267 -18.98 -16.45 -24.49
C ASN B 267 -18.48 -16.99 -23.15
N ARG B 268 -17.28 -17.59 -23.16
CA ARG B 268 -16.73 -18.24 -21.98
C ARG B 268 -16.37 -17.25 -20.88
N HIS B 269 -15.91 -16.05 -21.27
CA HIS B 269 -15.62 -15.00 -20.30
C HIS B 269 -16.89 -14.54 -19.60
N GLN B 270 -17.93 -14.27 -20.39
CA GLN B 270 -19.22 -13.83 -19.87
C GLN B 270 -19.86 -14.93 -19.01
N ARG B 271 -19.72 -16.19 -19.44
CA ARG B 271 -20.26 -17.33 -18.69
C ARG B 271 -19.57 -17.49 -17.33
N MET B 272 -18.24 -17.44 -17.32
CA MET B 272 -17.51 -17.56 -16.06
C MET B 272 -17.88 -16.43 -15.10
N GLU B 273 -17.95 -15.20 -15.61
CA GLU B 273 -18.37 -14.06 -14.77
C GLU B 273 -19.77 -14.26 -14.22
N PHE B 274 -20.67 -14.79 -15.05
CA PHE B 274 -22.00 -15.16 -14.61
C PHE B 274 -21.97 -16.23 -13.51
N LEU B 275 -21.20 -17.30 -13.72
CA LEU B 275 -21.11 -18.40 -12.75
C LEU B 275 -20.54 -17.92 -11.41
N LEU B 276 -19.49 -17.11 -11.49
CA LEU B 276 -18.89 -16.53 -10.28
C LEU B 276 -19.85 -15.58 -9.55
N ASP B 277 -20.81 -15.02 -10.28
CA ASP B 277 -21.87 -14.22 -9.67
C ASP B 277 -22.81 -15.05 -8.81
N GLY B 278 -23.07 -16.30 -9.21
CA GLY B 278 -23.99 -17.18 -8.47
C GLY B 278 -23.26 -18.12 -7.52
N PHE B 279 -21.94 -18.01 -7.54
CA PHE B 279 -21.02 -18.86 -6.81
C PHE B 279 -21.10 -18.62 -5.28
N ASP B 280 -21.21 -19.70 -4.51
CA ASP B 280 -21.36 -19.60 -3.06
C ASP B 280 -20.03 -19.46 -2.28
N GLY B 281 -18.91 -19.63 -2.99
CA GLY B 281 -17.58 -19.44 -2.37
C GLY B 281 -16.87 -20.70 -1.91
N THR B 282 -17.60 -21.81 -1.86
CA THR B 282 -17.02 -23.07 -1.39
C THR B 282 -16.07 -23.65 -2.44
N LYS B 283 -15.04 -24.35 -1.96
CA LYS B 283 -14.11 -25.06 -2.83
C LYS B 283 -14.86 -26.05 -3.74
N GLN B 284 -15.85 -26.75 -3.20
CA GLN B 284 -16.64 -27.72 -3.95
C GLN B 284 -17.33 -27.07 -5.15
N ALA B 285 -18.04 -25.97 -4.90
CA ALA B 285 -18.72 -25.27 -5.99
C ALA B 285 -17.71 -24.67 -6.98
N PHE B 286 -16.56 -24.23 -6.47
CA PHE B 286 -15.52 -23.70 -7.33
C PHE B 286 -15.02 -24.77 -8.31
N ALA B 287 -14.84 -26.00 -7.80
CA ALA B 287 -14.42 -27.12 -8.64
C ALA B 287 -15.42 -27.42 -9.75
N GLN B 288 -16.70 -27.34 -9.40
CA GLN B 288 -17.77 -27.65 -10.35
C GLN B 288 -17.88 -26.66 -11.52
N LEU B 289 -17.52 -25.40 -11.29
CA LEU B 289 -17.50 -24.40 -12.36
C LEU B 289 -16.74 -24.83 -13.63
N TRP B 290 -15.63 -25.53 -13.42
CA TRP B 290 -14.76 -25.94 -14.53
C TRP B 290 -15.34 -27.07 -15.36
N ALA B 291 -16.44 -27.64 -14.88
CA ALA B 291 -17.15 -28.70 -15.58
C ALA B 291 -18.27 -28.14 -16.46
N ASP B 292 -18.42 -26.81 -16.48
CA ASP B 292 -19.53 -26.18 -17.19
C ASP B 292 -19.51 -26.49 -18.69
N GLU B 293 -20.67 -26.86 -19.22
CA GLU B 293 -20.80 -27.23 -20.63
C GLU B 293 -21.77 -26.37 -21.43
N ASP B 294 -22.10 -25.20 -20.91
CA ASP B 294 -22.90 -24.24 -21.68
C ASP B 294 -22.14 -23.87 -22.96
N ASN B 295 -22.86 -23.86 -24.07
CA ASN B 295 -22.29 -23.64 -25.42
C ASN B 295 -21.37 -24.76 -25.91
N TYR B 296 -21.53 -25.95 -25.33
CA TYR B 296 -20.85 -27.17 -25.77
C TYR B 296 -20.89 -27.28 -27.32
N PRO B 297 -19.77 -27.66 -27.97
CA PRO B 297 -18.48 -28.12 -27.46
C PRO B 297 -17.48 -27.01 -27.16
N PHE B 298 -17.88 -25.75 -27.40
CA PHE B 298 -16.99 -24.60 -27.21
C PHE B 298 -17.07 -24.11 -25.77
N SER B 299 -17.40 -25.01 -24.87
CA SER B 299 -17.69 -24.68 -23.47
C SER B 299 -16.43 -24.48 -22.63
N ILE B 300 -16.60 -23.93 -21.42
CA ILE B 300 -15.51 -23.82 -20.46
C ILE B 300 -14.82 -25.18 -20.28
N CYS B 301 -15.63 -26.21 -20.08
CA CYS B 301 -15.15 -27.58 -20.16
C CYS B 301 -15.26 -27.99 -21.63
N ARG B 302 -14.16 -27.78 -22.36
CA ARG B 302 -14.16 -27.91 -23.81
C ARG B 302 -14.09 -29.35 -24.29
N ALA B 303 -14.75 -29.62 -25.41
CA ALA B 303 -14.78 -30.94 -26.01
C ALA B 303 -14.37 -30.91 -27.47
N TYR B 304 -13.67 -31.96 -27.89
CA TYR B 304 -13.36 -32.19 -29.28
C TYR B 304 -14.64 -32.65 -29.99
N GLU B 305 -14.90 -32.06 -31.16
CA GLU B 305 -15.99 -32.49 -32.02
C GLU B 305 -15.60 -32.23 -33.47
N GLU B 306 -15.46 -33.30 -34.25
CA GLU B 306 -15.03 -33.23 -35.65
C GLU B 306 -15.87 -32.23 -36.44
N GLY B 307 -15.24 -31.14 -36.87
CA GLY B 307 -15.90 -30.13 -37.70
C GLY B 307 -16.30 -28.88 -36.96
N LYS B 308 -16.26 -28.92 -35.63
CA LYS B 308 -16.65 -27.78 -34.80
C LYS B 308 -15.51 -27.31 -33.90
N SER B 309 -14.93 -28.23 -33.14
CA SER B 309 -13.90 -27.89 -32.16
C SER B 309 -12.67 -28.80 -32.30
N ARG B 310 -11.50 -28.18 -32.42
CA ARG B 310 -10.26 -28.88 -32.70
C ARG B 310 -9.56 -29.35 -31.41
N GLY B 311 -9.94 -28.75 -30.28
CA GLY B 311 -9.33 -29.09 -29.01
C GLY B 311 -10.33 -29.35 -27.89
N ALA B 312 -9.79 -29.72 -26.74
CA ALA B 312 -10.60 -30.02 -25.58
C ALA B 312 -9.87 -29.54 -24.32
N THR B 313 -10.58 -29.53 -23.19
CA THR B 313 -9.94 -29.30 -21.91
C THR B 313 -9.11 -30.53 -21.59
N LEU B 314 -7.82 -30.31 -21.43
CA LEU B 314 -6.85 -31.38 -21.23
C LEU B 314 -6.44 -31.53 -19.79
N PHE B 315 -6.53 -30.42 -19.05
CA PHE B 315 -6.45 -30.48 -17.60
C PHE B 315 -7.08 -29.27 -16.93
N ASN B 316 -7.42 -29.47 -15.66
CA ASN B 316 -7.92 -28.43 -14.79
C ASN B 316 -7.00 -28.40 -13.58
N ILE B 317 -6.72 -27.19 -13.09
CA ILE B 317 -5.99 -27.01 -11.84
C ILE B 317 -6.72 -26.00 -10.95
N ILE B 318 -6.74 -26.28 -9.65
CA ILE B 318 -7.33 -25.38 -8.65
C ILE B 318 -6.33 -25.16 -7.52
N TYR B 319 -6.00 -23.89 -7.27
CA TYR B 319 -5.11 -23.53 -6.18
C TYR B 319 -5.97 -23.15 -4.98
N ASP B 320 -5.82 -23.91 -3.90
CA ASP B 320 -6.44 -23.61 -2.61
C ASP B 320 -5.36 -22.85 -1.84
N HIS B 321 -5.40 -21.52 -1.93
CA HIS B 321 -4.36 -20.69 -1.36
C HIS B 321 -4.31 -20.78 0.17
N ALA B 322 -5.45 -20.93 0.82
CA ALA B 322 -5.46 -21.08 2.29
C ALA B 322 -4.61 -22.27 2.77
N ARG B 323 -4.64 -23.37 2.02
CA ARG B 323 -3.99 -24.62 2.44
C ARG B 323 -2.67 -24.90 1.71
N ARG B 324 -2.33 -24.03 0.76
CA ARG B 324 -1.22 -24.23 -0.18
C ARG B 324 -1.29 -25.60 -0.88
N GLU B 325 -2.45 -25.91 -1.43
CA GLU B 325 -2.70 -27.16 -2.13
C GLU B 325 -3.17 -26.88 -3.56
N ALA B 326 -2.69 -27.65 -4.51
CA ALA B 326 -3.17 -27.56 -5.88
C ALA B 326 -3.83 -28.88 -6.27
N THR B 327 -5.10 -28.83 -6.66
CA THR B 327 -5.78 -30.03 -7.13
C THR B 327 -5.75 -30.08 -8.64
N VAL B 328 -5.22 -31.17 -9.18
CA VAL B 328 -5.12 -31.35 -10.62
C VAL B 328 -6.10 -32.43 -11.06
N ARG B 329 -6.85 -32.14 -12.12
CA ARG B 329 -7.72 -33.12 -12.76
C ARG B 329 -7.27 -33.24 -14.21
N LEU B 330 -6.82 -34.43 -14.60
CA LEU B 330 -6.38 -34.69 -15.96
C LEU B 330 -7.59 -34.96 -16.86
N GLY B 331 -7.59 -34.38 -18.05
CA GLY B 331 -8.72 -34.52 -18.96
C GLY B 331 -9.82 -33.51 -18.69
N ARG B 332 -11.04 -33.89 -19.02
CA ARG B 332 -12.20 -33.00 -18.82
C ARG B 332 -12.77 -33.18 -17.42
N PRO B 333 -12.93 -32.08 -16.67
CA PRO B 333 -13.45 -32.12 -15.30
C PRO B 333 -14.82 -32.78 -15.15
N THR B 334 -15.58 -32.89 -16.24
CA THR B 334 -16.85 -33.64 -16.22
C THR B 334 -16.64 -35.11 -15.81
N ASN B 335 -15.53 -35.69 -16.25
CA ASN B 335 -15.06 -36.98 -15.75
C ASN B 335 -13.55 -37.14 -15.97
N PRO B 336 -12.76 -36.70 -15.00
CA PRO B 336 -11.31 -36.67 -15.15
C PRO B 336 -10.73 -38.07 -15.41
N ASP B 337 -9.63 -38.12 -16.17
CA ASP B 337 -8.89 -39.37 -16.37
C ASP B 337 -8.28 -39.80 -15.05
N GLU B 338 -7.83 -38.80 -14.30
CA GLU B 338 -7.25 -38.99 -12.99
C GLU B 338 -7.26 -37.65 -12.26
N MET B 339 -6.95 -37.71 -10.98
CA MET B 339 -7.06 -36.57 -10.10
C MET B 339 -6.03 -36.76 -8.98
N PHE B 340 -5.36 -35.68 -8.60
CA PHE B 340 -4.40 -35.70 -7.49
C PHE B 340 -4.20 -34.32 -6.89
N VAL B 341 -3.69 -34.28 -5.66
CA VAL B 341 -3.38 -33.03 -4.98
C VAL B 341 -1.87 -32.87 -4.85
N MET B 342 -1.37 -31.70 -5.21
CA MET B 342 0.03 -31.34 -5.00
C MET B 342 0.12 -30.48 -3.75
N ARG B 343 1.03 -30.83 -2.85
CA ARG B 343 1.31 -30.06 -1.63
C ARG B 343 2.82 -30.03 -1.46
N PHE B 344 3.30 -29.09 -0.64
CA PHE B 344 4.73 -29.04 -0.29
C PHE B 344 4.92 -29.57 1.13
N ASP B 345 5.86 -30.51 1.27
CA ASP B 345 6.21 -31.06 2.58
C ASP B 345 7.39 -30.30 3.18
N GLU B 346 7.88 -30.76 4.32
CA GLU B 346 8.93 -30.03 5.03
C GLU B 346 10.32 -30.10 4.35
N GLU B 347 10.55 -31.14 3.56
CA GLU B 347 11.74 -31.23 2.72
C GLU B 347 11.72 -30.25 1.53
N ASP B 348 10.54 -30.06 0.92
CA ASP B 348 10.37 -29.03 -0.12
C ASP B 348 10.67 -27.64 0.43
N GLU B 349 10.26 -27.41 1.68
CA GLU B 349 10.50 -26.16 2.37
C GLU B 349 11.98 -26.02 2.80
N ARG B 350 12.57 -27.12 3.27
CA ARG B 350 14.00 -27.14 3.61
C ARG B 350 14.87 -26.72 2.41
N SER B 351 14.57 -27.27 1.23
CA SER B 351 15.29 -26.90 0.00
C SER B 351 15.19 -25.40 -0.31
N ALA B 352 14.00 -24.84 -0.17
CA ALA B 352 13.77 -23.43 -0.44
C ALA B 352 14.57 -22.53 0.50
N LEU B 353 14.83 -23.01 1.71
CA LEU B 353 15.61 -22.27 2.70
C LEU B 353 17.11 -22.54 2.61
N ASN B 354 17.50 -23.48 1.75
CA ASN B 354 18.88 -24.00 1.72
C ASN B 354 19.36 -24.43 3.12
N ALA B 355 18.46 -25.04 3.89
CA ALA B 355 18.72 -25.36 5.30
C ALA B 355 19.29 -26.77 5.49
N ARG B 356 19.95 -26.98 6.65
CA ARG B 356 20.56 -28.25 7.05
C ARG B 356 21.75 -28.62 6.16
N MET C 1 -6.99 -33.29 25.48
CA MET C 1 -7.68 -32.02 25.85
C MET C 1 -9.12 -32.03 25.38
N LEU C 2 -10.04 -31.67 26.27
CA LEU C 2 -11.44 -31.53 25.92
C LEU C 2 -11.60 -30.58 24.74
N HIS C 3 -12.24 -31.09 23.68
CA HIS C 3 -12.66 -30.28 22.54
C HIS C 3 -14.18 -30.19 22.52
N ILE C 4 -14.71 -28.98 22.35
CA ILE C 4 -16.14 -28.78 22.15
C ILE C 4 -16.37 -28.04 20.85
N LEU C 5 -17.15 -28.65 19.96
CA LEU C 5 -17.61 -27.99 18.75
C LEU C 5 -18.89 -27.22 19.08
N CYS C 6 -18.81 -25.89 18.96
CA CYS C 6 -19.92 -25.01 19.26
C CYS C 6 -20.44 -24.35 17.99
N GLN C 7 -21.76 -24.29 17.87
CA GLN C 7 -22.40 -23.88 16.62
C GLN C 7 -23.78 -23.28 16.92
N GLY C 8 -24.19 -22.31 16.10
CA GLY C 8 -25.55 -21.78 16.18
C GLY C 8 -25.62 -20.33 16.61
N THR C 9 -26.67 -20.00 17.37
CA THR C 9 -26.85 -18.66 17.92
C THR C 9 -25.84 -18.44 19.05
N PRO C 10 -25.60 -17.18 19.45
CA PRO C 10 -24.65 -16.93 20.54
C PRO C 10 -24.99 -17.66 21.84
N PHE C 11 -26.25 -17.65 22.27
CA PHE C 11 -26.64 -18.36 23.48
C PHE C 11 -26.35 -19.87 23.37
N GLU C 12 -26.66 -20.43 22.21
CA GLU C 12 -26.51 -21.86 21.95
C GLU C 12 -25.03 -22.29 21.97
N ILE C 13 -24.18 -21.46 21.37
CA ILE C 13 -22.71 -21.61 21.39
C ILE C 13 -22.18 -21.60 22.83
N GLY C 14 -22.67 -20.65 23.62
CA GLY C 14 -22.32 -20.58 25.03
C GLY C 14 -22.81 -21.79 25.79
N TYR C 15 -24.06 -22.20 25.56
CA TYR C 15 -24.64 -23.34 26.25
C TYR C 15 -23.84 -24.63 26.02
N GLU C 16 -23.44 -24.86 24.77
N GLU C 16 -23.44 -24.86 24.77
CA GLU C 16 -22.66 -26.04 24.40
CA GLU C 16 -22.65 -26.03 24.41
C GLU C 16 -21.29 -26.05 25.12
C GLU C 16 -21.34 -26.03 25.21
N HIS C 17 -20.65 -24.89 25.17
CA HIS C 17 -19.39 -24.68 25.92
C HIS C 17 -19.64 -24.96 27.41
N GLY C 18 -20.64 -24.28 27.97
CA GLY C 18 -21.00 -24.42 29.38
C GLY C 18 -21.32 -25.83 29.84
N SER C 19 -22.15 -26.55 29.08
CA SER C 19 -22.58 -27.87 29.52
C SER C 19 -21.50 -28.94 29.37
N ALA C 20 -20.79 -28.95 28.24
CA ALA C 20 -19.71 -29.92 28.04
C ALA C 20 -18.50 -29.69 28.96
N ALA C 21 -18.27 -28.44 29.37
CA ALA C 21 -17.12 -28.11 30.21
C ALA C 21 -17.52 -27.73 31.65
N LYS C 22 -18.72 -28.15 32.06
CA LYS C 22 -19.32 -27.76 33.35
C LYS C 22 -18.37 -27.92 34.55
N ALA C 23 -17.77 -29.11 34.69
CA ALA C 23 -16.84 -29.37 35.79
C ALA C 23 -15.58 -28.51 35.70
N VAL C 24 -15.06 -28.33 34.48
CA VAL C 24 -13.85 -27.51 34.26
C VAL C 24 -14.12 -26.04 34.56
N ILE C 25 -15.33 -25.58 34.25
CA ILE C 25 -15.72 -24.20 34.50
C ILE C 25 -15.83 -23.92 36.00
N ALA C 26 -16.31 -24.90 36.78
CA ALA C 26 -16.31 -24.78 38.24
C ALA C 26 -14.88 -24.53 38.75
N ARG C 27 -13.90 -25.24 38.20
CA ARG C 27 -12.49 -25.06 38.56
C ARG C 27 -11.94 -23.71 38.12
N SER C 28 -12.33 -23.26 36.93
CA SER C 28 -11.94 -21.93 36.44
C SER C 28 -12.42 -20.83 37.39
N ILE C 29 -13.66 -20.97 37.85
CA ILE C 29 -14.25 -20.01 38.77
C ILE C 29 -13.50 -20.02 40.10
N ASP C 30 -13.26 -21.20 40.66
CA ASP C 30 -12.53 -21.34 41.92
C ASP C 30 -11.14 -20.70 41.83
N PHE C 31 -10.41 -21.01 40.76
CA PHE C 31 -9.12 -20.37 40.52
C PHE C 31 -9.17 -18.85 40.42
N ALA C 32 -10.10 -18.34 39.62
CA ALA C 32 -10.21 -16.90 39.36
C ALA C 32 -10.53 -16.14 40.65
N VAL C 33 -11.47 -16.67 41.43
CA VAL C 33 -11.80 -16.11 42.74
C VAL C 33 -10.53 -15.98 43.61
N ASP C 34 -9.77 -17.07 43.70
CA ASP C 34 -8.49 -17.09 44.45
C ASP C 34 -7.51 -16.04 43.94
N LEU C 35 -7.30 -16.02 42.63
CA LEU C 35 -6.38 -15.06 42.00
C LEU C 35 -6.80 -13.62 42.25
N ILE C 36 -8.07 -13.32 42.00
CA ILE C 36 -8.59 -11.95 42.17
C ILE C 36 -8.50 -11.48 43.62
N ARG C 37 -8.93 -12.33 44.56
CA ARG C 37 -8.80 -12.02 45.98
C ARG C 37 -7.33 -11.83 46.36
N GLY C 38 -6.47 -12.72 45.90
CA GLY C 38 -5.04 -12.65 46.21
C GLY C 38 -4.30 -11.47 45.59
N LYS C 39 -4.75 -11.02 44.42
CA LYS C 39 -4.07 -9.95 43.70
C LYS C 39 -4.61 -8.53 43.96
N THR C 40 -5.79 -8.43 44.58
CA THR C 40 -6.41 -7.13 44.86
C THR C 40 -6.60 -6.92 46.35
N LYS C 41 -6.92 -5.70 46.74
CA LYS C 41 -7.15 -5.40 48.16
C LYS C 41 -8.51 -4.76 48.46
N LYS C 42 -9.37 -4.71 47.45
CA LYS C 42 -10.75 -4.20 47.60
C LYS C 42 -11.58 -5.15 48.46
N THR C 43 -12.62 -4.61 49.10
CA THR C 43 -13.58 -5.42 49.85
C THR C 43 -14.34 -6.34 48.90
N ASP C 44 -14.83 -7.48 49.41
CA ASP C 44 -15.58 -8.43 48.59
C ASP C 44 -16.91 -7.79 48.11
N GLU C 45 -17.36 -6.78 48.87
CA GLU C 45 -18.46 -5.90 48.48
C GLU C 45 -18.04 -4.99 47.31
N GLU C 46 -16.83 -4.45 47.38
CA GLU C 46 -16.33 -3.54 46.36
C GLU C 46 -16.10 -4.29 45.05
N LEU C 47 -15.58 -5.51 45.15
CA LEU C 47 -15.35 -6.36 43.99
C LEU C 47 -16.67 -6.67 43.27
N LYS C 48 -17.70 -6.99 44.05
CA LYS C 48 -19.05 -7.21 43.52
C LYS C 48 -19.57 -6.00 42.73
N GLN C 49 -19.33 -4.81 43.26
CA GLN C 49 -19.74 -3.56 42.59
C GLN C 49 -19.05 -3.35 41.25
N VAL C 50 -17.76 -3.71 41.18
CA VAL C 50 -17.02 -3.65 39.94
C VAL C 50 -17.54 -4.70 38.96
N LEU C 51 -17.79 -5.91 39.47
CA LEU C 51 -18.34 -7.01 38.67
C LEU C 51 -19.69 -6.65 38.03
N SER C 52 -20.56 -6.04 38.82
CA SER C 52 -21.89 -5.60 38.37
C SER C 52 -21.81 -4.58 37.21
N GLN C 53 -20.92 -3.60 37.33
CA GLN C 53 -20.70 -2.62 36.28
C GLN C 53 -20.13 -3.25 35.01
N LEU C 54 -19.10 -4.07 35.17
CA LEU C 54 -18.50 -4.79 34.04
C LEU C 54 -19.53 -5.60 33.27
N GLY C 55 -20.39 -6.32 33.99
CA GLY C 55 -21.50 -7.07 33.39
C GLY C 55 -22.45 -6.19 32.58
N ARG C 56 -22.85 -5.08 33.17
CA ARG C 56 -23.73 -4.11 32.54
C ARG C 56 -23.08 -3.56 31.25
N VAL C 57 -21.79 -3.25 31.32
CA VAL C 57 -21.01 -2.77 30.17
C VAL C 57 -21.01 -3.80 29.02
N ILE C 58 -20.69 -5.06 29.32
CA ILE C 58 -20.65 -6.09 28.29
C ILE C 58 -22.03 -6.31 27.65
N GLU C 59 -23.07 -6.36 28.49
CA GLU C 59 -24.46 -6.50 28.03
C GLU C 59 -24.87 -5.43 27.02
N GLU C 60 -24.62 -4.17 27.34
CA GLU C 60 -25.00 -3.07 26.46
C GLU C 60 -24.06 -2.88 25.25
N ARG C 61 -22.76 -3.10 25.45
CA ARG C 61 -21.77 -2.82 24.39
C ARG C 61 -21.59 -3.97 23.40
N TRP C 62 -21.58 -5.21 23.89
CA TRP C 62 -21.41 -6.38 23.04
C TRP C 62 -22.46 -7.46 23.35
N PRO C 63 -23.73 -7.21 22.95
CA PRO C 63 -24.86 -8.10 23.29
C PRO C 63 -24.68 -9.52 22.79
N LYS C 64 -24.03 -9.69 21.63
CA LYS C 64 -23.68 -11.01 21.10
C LYS C 64 -22.84 -11.79 22.09
N TYR C 65 -21.80 -11.16 22.62
CA TYR C 65 -20.91 -11.83 23.57
C TYR C 65 -21.60 -12.06 24.91
N TYR C 66 -22.47 -11.14 25.30
CA TYR C 66 -23.19 -11.29 26.55
C TYR C 66 -24.15 -12.48 26.50
N GLU C 67 -24.82 -12.63 25.36
CA GLU C 67 -25.69 -13.78 25.11
C GLU C 67 -24.94 -15.10 25.25
N GLU C 68 -23.74 -15.15 24.68
CA GLU C 68 -22.86 -16.32 24.77
C GLU C 68 -22.49 -16.57 26.23
N ILE C 69 -22.18 -15.50 26.96
CA ILE C 69 -21.87 -15.58 28.38
C ILE C 69 -23.06 -16.13 29.18
N ARG C 70 -24.27 -15.64 28.89
CA ARG C 70 -25.51 -16.20 29.47
C ARG C 70 -25.64 -17.69 29.19
N GLY C 71 -25.34 -18.09 27.95
CA GLY C 71 -25.38 -19.50 27.56
C GLY C 71 -24.42 -20.35 28.35
N ILE C 72 -23.17 -19.87 28.49
CA ILE C 72 -22.17 -20.55 29.32
C ILE C 72 -22.66 -20.75 30.76
N ALA C 73 -23.24 -19.69 31.32
CA ALA C 73 -23.78 -19.73 32.69
C ALA C 73 -24.88 -20.78 32.82
N LYS C 74 -25.83 -20.77 31.89
CA LYS C 74 -26.90 -21.77 31.85
C LYS C 74 -26.34 -23.19 31.72
N GLY C 75 -25.47 -23.38 30.73
CA GLY C 75 -24.85 -24.69 30.50
C GLY C 75 -24.06 -25.22 31.69
N ALA C 76 -23.30 -24.33 32.35
CA ALA C 76 -22.44 -24.73 33.46
C ALA C 76 -23.16 -24.68 34.82
N GLU C 77 -24.44 -24.31 34.79
CA GLU C 77 -25.25 -24.06 35.98
C GLU C 77 -24.55 -23.13 36.98
N ARG C 78 -24.11 -21.98 36.49
CA ARG C 78 -23.43 -20.97 37.30
C ARG C 78 -24.18 -19.64 37.16
N ASP C 79 -23.86 -18.67 38.00
CA ASP C 79 -24.44 -17.33 37.85
C ASP C 79 -23.79 -16.64 36.66
N VAL C 80 -24.56 -15.82 35.95
CA VAL C 80 -24.01 -15.06 34.83
C VAL C 80 -22.81 -14.21 35.27
N SER C 81 -22.92 -13.59 36.45
CA SER C 81 -21.84 -12.77 37.01
C SER C 81 -20.51 -13.53 37.16
N GLU C 82 -20.57 -14.82 37.48
CA GLU C 82 -19.36 -15.66 37.58
C GLU C 82 -18.66 -15.82 36.23
N ILE C 83 -19.44 -15.94 35.17
CA ILE C 83 -18.87 -16.05 33.82
C ILE C 83 -18.35 -14.68 33.35
N VAL C 84 -19.06 -13.60 33.70
CA VAL C 84 -18.55 -12.26 33.45
C VAL C 84 -17.17 -12.11 34.09
N MET C 85 -17.06 -12.56 35.35
CA MET C 85 -15.81 -12.51 36.11
C MET C 85 -14.65 -13.22 35.40
N LEU C 86 -14.89 -14.45 34.95
CA LEU C 86 -13.89 -15.18 34.17
C LEU C 86 -13.43 -14.37 32.97
N ASN C 87 -14.38 -13.75 32.27
CA ASN C 87 -14.09 -13.02 31.04
C ASN C 87 -13.51 -11.62 31.24
N THR C 88 -13.51 -11.16 32.48
CA THR C 88 -12.90 -9.90 32.85
C THR C 88 -11.84 -10.11 33.92
N ARG C 89 -11.22 -11.29 33.93
CA ARG C 89 -10.29 -11.66 35.01
C ARG C 89 -9.06 -10.76 35.02
N THR C 90 -8.55 -10.45 33.83
CA THR C 90 -7.39 -9.59 33.64
C THR C 90 -7.67 -8.21 34.24
N GLU C 91 -8.85 -7.69 33.97
CA GLU C 91 -9.26 -6.39 34.50
C GLU C 91 -9.23 -6.36 36.04
N PHE C 92 -9.61 -7.46 36.66
CA PHE C 92 -9.51 -7.59 38.12
C PHE C 92 -8.05 -7.80 38.56
N ALA C 93 -7.45 -8.87 38.06
CA ALA C 93 -6.12 -9.32 38.50
C ALA C 93 -4.97 -8.33 38.21
N TYR C 94 -5.05 -7.64 37.09
CA TYR C 94 -4.01 -6.68 36.69
C TYR C 94 -4.50 -5.25 36.81
N GLY C 95 -5.72 -5.00 36.35
CA GLY C 95 -6.30 -3.67 36.33
C GLY C 95 -6.48 -3.03 37.70
N LEU C 96 -6.80 -3.85 38.69
CA LEU C 96 -7.03 -3.38 40.06
C LEU C 96 -5.91 -3.80 41.02
N LYS C 97 -4.76 -4.20 40.49
CA LYS C 97 -3.64 -4.63 41.33
C LYS C 97 -2.93 -3.43 41.94
N THR C 104 6.15 -15.78 25.94
CA THR C 104 7.06 -15.39 24.86
C THR C 104 6.33 -15.64 23.54
N THR C 105 6.37 -14.65 22.67
CA THR C 105 5.59 -14.67 21.43
C THR C 105 6.45 -14.18 20.29
N ALA C 106 6.35 -14.82 19.14
CA ALA C 106 7.17 -14.45 18.00
C ALA C 106 6.45 -14.65 16.68
N TYR C 107 6.74 -13.77 15.73
CA TYR C 107 6.27 -13.86 14.35
C TYR C 107 7.50 -13.70 13.46
N CYS C 108 7.62 -14.56 12.45
N CYS C 108 7.62 -14.59 12.47
CA CYS C 108 8.77 -14.55 11.55
CA CYS C 108 8.71 -14.57 11.52
C CYS C 108 8.33 -14.73 10.10
C CYS C 108 8.17 -14.68 10.10
N GLN C 109 8.44 -13.68 9.28
CA GLN C 109 8.15 -13.78 7.85
C GLN C 109 9.22 -14.66 7.22
N LEU C 110 8.78 -15.51 6.29
CA LEU C 110 9.67 -16.50 5.68
C LEU C 110 9.25 -16.75 4.23
N PRO C 111 10.19 -17.18 3.36
CA PRO C 111 9.81 -17.37 1.95
C PRO C 111 8.82 -18.55 1.76
N ASN C 112 8.86 -19.51 2.67
CA ASN C 112 7.92 -20.64 2.66
C ASN C 112 6.56 -20.31 3.24
N GLY C 113 6.44 -19.12 3.84
CA GLY C 113 5.25 -18.77 4.60
C GLY C 113 5.65 -18.45 6.04
N ALA C 114 4.98 -17.47 6.62
CA ALA C 114 5.29 -17.02 7.97
C ALA C 114 5.01 -18.08 9.05
N LEU C 115 5.79 -18.03 10.11
CA LEU C 115 5.56 -18.85 11.28
C LEU C 115 5.36 -17.94 12.49
N GLN C 116 4.45 -18.34 13.37
CA GLN C 116 4.05 -17.51 14.49
C GLN C 116 3.76 -18.47 15.63
N GLY C 117 4.03 -18.04 16.86
CA GLY C 117 3.70 -18.89 17.99
C GLY C 117 3.97 -18.20 19.31
N GLN C 118 3.62 -18.90 20.39
CA GLN C 118 3.93 -18.43 21.73
C GLN C 118 3.95 -19.58 22.71
N ASN C 119 4.72 -19.36 23.78
CA ASN C 119 4.54 -20.11 25.00
C ASN C 119 3.65 -19.29 25.92
N TRP C 120 2.71 -19.97 26.57
CA TRP C 120 1.86 -19.35 27.57
C TRP C 120 2.31 -19.79 28.95
N ASP C 121 2.70 -18.81 29.77
CA ASP C 121 3.25 -19.06 31.10
C ASP C 121 2.28 -18.53 32.15
N PHE C 122 1.93 -19.38 33.11
CA PHE C 122 0.93 -18.99 34.10
C PHE C 122 0.93 -19.99 35.23
N PHE C 123 0.06 -19.78 36.20
CA PHE C 123 -0.07 -20.65 37.36
C PHE C 123 -0.48 -22.06 36.97
N SER C 124 0.31 -23.04 37.42
CA SER C 124 0.15 -24.45 37.05
C SER C 124 -1.27 -24.98 37.23
N ALA C 125 -2.00 -24.46 38.23
CA ALA C 125 -3.39 -24.83 38.48
C ALA C 125 -4.33 -24.67 37.28
N THR C 126 -4.02 -23.72 36.40
CA THR C 126 -4.90 -23.47 35.24
C THR C 126 -4.68 -24.41 34.06
N LYS C 127 -3.62 -25.22 34.10
CA LYS C 127 -3.32 -26.10 32.98
C LYS C 127 -4.43 -27.15 32.78
N GLU C 128 -4.94 -27.70 33.88
CA GLU C 128 -6.03 -28.66 33.81
C GLU C 128 -7.37 -28.02 33.39
N ASN C 129 -7.41 -26.70 33.34
CA ASN C 129 -8.63 -25.98 32.94
C ASN C 129 -8.63 -25.55 31.46
N LEU C 130 -7.51 -25.82 30.78
CA LEU C 130 -7.42 -25.53 29.35
C LEU C 130 -8.23 -26.55 28.54
N ILE C 131 -9.09 -26.01 27.68
CA ILE C 131 -9.92 -26.80 26.78
C ILE C 131 -9.74 -26.19 25.40
N ARG C 132 -10.24 -26.86 24.37
CA ARG C 132 -10.23 -26.24 23.04
C ARG C 132 -11.61 -26.16 22.43
N LEU C 133 -11.87 -25.04 21.77
CA LEU C 133 -13.17 -24.79 21.19
C LEU C 133 -13.04 -24.62 19.69
N THR C 134 -13.99 -25.21 18.97
CA THR C 134 -14.23 -24.83 17.59
C THR C 134 -15.58 -24.11 17.63
N ILE C 135 -15.59 -22.86 17.20
CA ILE C 135 -16.83 -22.09 17.14
C ILE C 135 -17.22 -21.79 15.69
N ARG C 136 -18.42 -22.25 15.33
CA ARG C 136 -19.01 -21.96 14.01
C ARG C 136 -20.18 -20.98 14.14
N GLN C 137 -20.05 -19.85 13.47
CA GLN C 137 -21.10 -18.83 13.43
C GLN C 137 -21.27 -18.45 11.99
N ALA C 138 -22.47 -18.65 11.46
CA ALA C 138 -22.76 -18.38 10.06
C ALA C 138 -22.31 -16.98 9.66
N GLY C 139 -21.50 -16.91 8.60
CA GLY C 139 -21.04 -15.63 8.06
C GLY C 139 -19.82 -15.03 8.74
N LEU C 140 -19.30 -15.69 9.78
CA LEU C 140 -18.06 -15.26 10.43
C LEU C 140 -17.02 -16.38 10.29
N PRO C 141 -15.72 -16.03 10.34
CA PRO C 141 -14.72 -17.10 10.30
C PRO C 141 -14.95 -18.12 11.41
N THR C 142 -14.73 -19.40 11.09
CA THR C 142 -14.79 -20.44 12.08
C THR C 142 -13.53 -20.31 12.93
N ILE C 143 -13.69 -20.43 14.24
CA ILE C 143 -12.57 -20.20 15.15
C ILE C 143 -12.18 -21.49 15.84
N LYS C 144 -10.87 -21.75 15.88
CA LYS C 144 -10.30 -22.83 16.69
C LYS C 144 -9.28 -22.26 17.65
N PHE C 145 -9.55 -22.40 18.94
CA PHE C 145 -8.69 -21.77 19.94
C PHE C 145 -8.66 -22.51 21.25
N ILE C 146 -7.56 -22.30 21.97
CA ILE C 146 -7.35 -22.86 23.30
C ILE C 146 -7.68 -21.79 24.33
N THR C 147 -8.54 -22.12 25.27
CA THR C 147 -8.97 -21.16 26.28
C THR C 147 -9.05 -21.84 27.64
N GLU C 148 -9.14 -21.05 28.70
CA GLU C 148 -9.49 -21.64 29.99
C GLU C 148 -11.01 -21.77 29.98
N ALA C 149 -11.53 -22.92 30.41
CA ALA C 149 -12.97 -23.18 30.32
C ALA C 149 -13.78 -22.02 30.91
N GLY C 150 -14.75 -21.53 30.13
CA GLY C 150 -15.61 -20.42 30.54
C GLY C 150 -15.29 -19.08 29.88
N ILE C 151 -14.12 -18.99 29.26
CA ILE C 151 -13.65 -17.74 28.67
C ILE C 151 -13.83 -17.77 27.16
N ILE C 152 -14.44 -16.72 26.62
CA ILE C 152 -14.88 -16.72 25.21
C ILE C 152 -13.85 -16.21 24.17
N GLY C 153 -12.70 -15.74 24.64
CA GLY C 153 -11.62 -15.34 23.74
C GLY C 153 -10.28 -15.61 24.38
N LYS C 154 -9.37 -16.24 23.62
CA LYS C 154 -8.03 -16.50 24.12
C LYS C 154 -7.06 -16.63 22.95
N VAL C 155 -6.36 -17.76 22.87
CA VAL C 155 -5.27 -17.93 21.89
C VAL C 155 -5.64 -19.00 20.85
N GLY C 156 -5.62 -18.62 19.58
CA GLY C 156 -5.94 -19.56 18.50
C GLY C 156 -6.01 -18.87 17.16
N PHE C 157 -6.68 -19.52 16.20
CA PHE C 157 -6.77 -18.93 14.86
C PHE C 157 -8.13 -19.18 14.23
N ASN C 158 -8.35 -18.64 13.03
CA ASN C 158 -9.63 -18.82 12.35
C ASN C 158 -9.46 -19.20 10.88
N SER C 159 -10.57 -19.53 10.23
CA SER C 159 -10.57 -20.04 8.86
C SER C 159 -10.12 -19.01 7.84
N ALA C 160 -10.11 -17.73 8.27
CA ALA C 160 -9.61 -16.63 7.46
C ALA C 160 -8.09 -16.51 7.56
N GLY C 161 -7.49 -17.36 8.41
CA GLY C 161 -6.04 -17.38 8.56
C GLY C 161 -5.51 -16.39 9.58
N VAL C 162 -6.40 -15.73 10.31
CA VAL C 162 -5.99 -14.80 11.36
C VAL C 162 -5.60 -15.60 12.61
N ALA C 163 -4.38 -15.35 13.09
CA ALA C 163 -3.87 -16.07 14.25
C ALA C 163 -3.56 -15.07 15.36
N VAL C 164 -3.93 -15.44 16.58
CA VAL C 164 -3.88 -14.53 17.73
C VAL C 164 -3.03 -15.10 18.86
N ASN C 165 -2.15 -14.24 19.39
CA ASN C 165 -1.38 -14.53 20.59
C ASN C 165 -1.62 -13.47 21.66
N TYR C 166 -1.40 -13.85 22.92
CA TYR C 166 -1.75 -13.01 24.06
C TYR C 166 -0.63 -13.08 25.09
N ASN C 167 -0.15 -11.91 25.53
CA ASN C 167 0.88 -11.82 26.58
C ASN C 167 0.43 -10.90 27.71
N ALA C 168 0.67 -11.33 28.95
CA ALA C 168 0.47 -10.46 30.11
C ALA C 168 1.32 -9.21 29.99
N LEU C 169 0.75 -8.06 30.35
CA LEU C 169 1.48 -6.79 30.39
C LEU C 169 1.03 -5.99 31.61
N HIS C 170 1.93 -5.20 32.16
CA HIS C 170 1.75 -4.67 33.51
C HIS C 170 1.63 -3.16 33.63
N LEU C 171 1.02 -2.52 32.63
CA LEU C 171 0.76 -1.08 32.71
C LEU C 171 -0.41 -0.83 33.65
N GLN C 172 -0.41 0.33 34.31
CA GLN C 172 -1.37 0.60 35.37
C GLN C 172 -2.66 1.19 34.82
N GLY C 173 -3.79 0.78 35.40
CA GLY C 173 -5.08 1.42 35.17
C GLY C 173 -6.24 0.46 34.93
N LEU C 174 -7.42 0.84 35.40
CA LEU C 174 -8.65 0.13 35.04
C LEU C 174 -9.71 1.13 34.57
N ARG C 175 -10.35 0.81 33.45
CA ARG C 175 -11.51 1.56 32.98
C ARG C 175 -12.63 0.57 32.69
N PRO C 176 -13.57 0.42 33.65
CA PRO C 176 -14.62 -0.60 33.53
C PRO C 176 -15.52 -0.47 32.29
N THR C 177 -15.59 0.72 31.71
CA THR C 177 -16.39 0.94 30.50
C THR C 177 -15.65 0.67 29.18
N GLY C 178 -14.35 0.38 29.27
CA GLY C 178 -13.54 0.05 28.08
C GLY C 178 -13.71 -1.42 27.69
N VAL C 179 -13.00 -1.86 26.65
CA VAL C 179 -13.13 -3.24 26.20
C VAL C 179 -12.21 -4.17 27.00
N PRO C 180 -12.78 -5.24 27.60
CA PRO C 180 -11.98 -6.21 28.32
C PRO C 180 -11.01 -6.89 27.37
N SER C 181 -9.81 -7.23 27.86
N SER C 181 -9.83 -7.23 27.88
CA SER C 181 -8.78 -7.80 26.98
CA SER C 181 -8.76 -7.82 27.07
C SER C 181 -9.22 -9.11 26.32
C SER C 181 -9.20 -9.10 26.34
N HIS C 182 -9.91 -9.98 27.06
CA HIS C 182 -10.40 -11.24 26.49
C HIS C 182 -11.50 -11.04 25.47
N ILE C 183 -12.26 -9.96 25.60
CA ILE C 183 -13.27 -9.61 24.59
C ILE C 183 -12.57 -9.11 23.34
N ALA C 184 -11.52 -8.31 23.53
CA ALA C 184 -10.66 -7.85 22.43
C ALA C 184 -10.06 -9.03 21.67
N LEU C 185 -9.67 -10.09 22.39
CA LEU C 185 -9.18 -11.31 21.75
C LEU C 185 -10.24 -11.97 20.90
N ARG C 186 -11.46 -12.09 21.42
CA ARG C 186 -12.57 -12.64 20.65
C ARG C 186 -12.90 -11.81 19.40
N ILE C 187 -12.85 -10.48 19.52
CA ILE C 187 -13.04 -9.60 18.38
C ILE C 187 -12.00 -9.89 17.28
N ALA C 188 -10.73 -10.00 17.68
CA ALA C 188 -9.64 -10.38 16.76
C ALA C 188 -9.86 -11.77 16.16
N LEU C 189 -10.35 -12.71 16.97
CA LEU C 189 -10.62 -14.06 16.48
C LEU C 189 -11.76 -14.12 15.45
N GLU C 190 -12.61 -13.08 15.46
CA GLU C 190 -13.73 -13.02 14.51
C GLU C 190 -13.43 -12.14 13.28
N SER C 191 -12.19 -11.63 13.19
CA SER C 191 -11.81 -10.73 12.09
C SER C 191 -11.23 -11.49 10.89
N THR C 192 -11.35 -10.90 9.69
CA THR C 192 -10.92 -11.57 8.46
C THR C 192 -9.46 -11.28 8.05
N SER C 193 -8.81 -10.33 8.73
CA SER C 193 -7.40 -10.04 8.50
C SER C 193 -6.81 -9.38 9.74
N PRO C 194 -5.47 -9.33 9.85
CA PRO C 194 -4.89 -8.61 10.99
C PRO C 194 -5.22 -7.12 10.95
N SER C 195 -5.29 -6.53 9.75
CA SER C 195 -5.68 -5.12 9.59
C SER C 195 -7.08 -4.85 10.13
N GLN C 196 -8.02 -5.74 9.80
CA GLN C 196 -9.38 -5.63 10.32
C GLN C 196 -9.41 -5.83 11.84
N ALA C 197 -8.64 -6.79 12.34
CA ALA C 197 -8.55 -7.02 13.78
C ALA C 197 -8.06 -5.77 14.52
N TYR C 198 -7.01 -5.15 13.99
CA TYR C 198 -6.51 -3.89 14.54
C TYR C 198 -7.61 -2.83 14.57
N ASP C 199 -8.23 -2.60 13.40
CA ASP C 199 -9.30 -1.61 13.28
C ASP C 199 -10.40 -1.86 14.28
N ARG C 200 -10.83 -3.12 14.39
CA ARG C 200 -12.00 -3.46 15.21
C ARG C 200 -11.75 -3.32 16.72
N ILE C 201 -10.51 -3.58 17.15
CA ILE C 201 -10.10 -3.33 18.53
C ILE C 201 -10.04 -1.83 18.83
N VAL C 202 -9.40 -1.08 17.95
CA VAL C 202 -9.29 0.37 18.07
C VAL C 202 -10.67 1.02 18.03
N GLU C 203 -11.56 0.44 17.24
CA GLU C 203 -12.93 0.93 17.08
C GLU C 203 -13.70 0.97 18.39
N GLN C 204 -13.28 0.18 19.37
CA GLN C 204 -13.96 0.10 20.67
C GLN C 204 -13.75 1.37 21.51
N GLY C 205 -12.77 2.17 21.13
CA GLY C 205 -12.56 3.48 21.74
C GLY C 205 -11.88 3.47 23.10
N GLY C 206 -11.18 2.38 23.40
CA GLY C 206 -10.34 2.33 24.59
C GLY C 206 -10.40 1.01 25.31
N MET C 207 -9.25 0.55 25.78
CA MET C 207 -9.13 -0.71 26.49
C MET C 207 -9.50 -0.57 27.96
N ALA C 208 -10.01 -1.64 28.55
CA ALA C 208 -10.37 -1.65 29.97
C ALA C 208 -9.15 -1.72 30.89
N ALA C 209 -8.12 -2.46 30.49
CA ALA C 209 -6.92 -2.63 31.31
C ALA C 209 -5.69 -2.78 30.42
N SER C 210 -4.72 -3.58 30.85
CA SER C 210 -3.45 -3.69 30.15
C SER C 210 -3.12 -5.13 29.77
N ALA C 211 -2.57 -5.29 28.56
CA ALA C 211 -2.08 -6.57 28.05
C ALA C 211 -1.37 -6.33 26.73
N PHE C 212 -0.85 -7.42 26.16
CA PHE C 212 -0.32 -7.39 24.82
C PHE C 212 -1.06 -8.39 23.96
N ILE C 213 -1.41 -7.97 22.74
CA ILE C 213 -2.04 -8.86 21.75
C ILE C 213 -1.26 -8.83 20.45
N MET C 214 -0.98 -10.01 19.89
CA MET C 214 -0.41 -10.10 18.55
C MET C 214 -1.41 -10.75 17.62
N VAL C 215 -1.54 -10.17 16.42
CA VAL C 215 -2.41 -10.73 15.39
C VAL C 215 -1.61 -10.85 14.09
N GLY C 216 -1.66 -12.02 13.45
CA GLY C 216 -0.95 -12.22 12.19
C GLY C 216 -1.63 -13.18 11.23
N ASN C 217 -1.28 -13.05 9.95
CA ASN C 217 -1.60 -14.07 8.95
C ASN C 217 -0.37 -14.32 8.09
N GLY C 218 -0.55 -14.92 6.91
CA GLY C 218 0.59 -15.17 6.04
C GLY C 218 1.26 -13.89 5.53
N HIS C 219 0.52 -12.79 5.54
CA HIS C 219 0.94 -11.56 4.84
C HIS C 219 1.51 -10.48 5.76
N GLU C 220 0.96 -10.36 6.98
CA GLU C 220 1.26 -9.22 7.86
C GLU C 220 1.01 -9.60 9.31
N ALA C 221 1.61 -8.84 10.23
CA ALA C 221 1.35 -9.01 11.65
C ALA C 221 1.46 -7.68 12.36
N PHE C 222 0.74 -7.54 13.46
CA PHE C 222 0.93 -6.41 14.34
C PHE C 222 0.87 -6.83 15.80
N GLY C 223 1.56 -6.08 16.65
CA GLY C 223 1.44 -6.23 18.09
C GLY C 223 0.76 -5.00 18.65
N LEU C 224 0.08 -5.19 19.77
CA LEU C 224 -0.59 -4.10 20.45
C LEU C 224 -0.26 -4.13 21.94
N GLU C 225 0.48 -3.13 22.39
CA GLU C 225 0.75 -2.90 23.80
C GLU C 225 -0.19 -1.81 24.28
N PHE C 226 -1.01 -2.09 25.28
CA PHE C 226 -2.04 -1.13 25.67
C PHE C 226 -2.29 -1.00 27.17
N SER C 227 -2.90 0.13 27.54
CA SER C 227 -3.50 0.38 28.85
C SER C 227 -4.78 1.17 28.56
N PRO C 228 -5.56 1.52 29.60
CA PRO C 228 -6.70 2.44 29.38
C PRO C 228 -6.32 3.78 28.73
N THR C 229 -5.05 4.18 28.82
CA THR C 229 -4.62 5.50 28.35
C THR C 229 -3.49 5.46 27.30
N SER C 230 -3.24 4.30 26.71
CA SER C 230 -2.20 4.14 25.69
C SER C 230 -2.47 2.91 24.83
N ILE C 231 -2.40 3.09 23.51
CA ILE C 231 -2.47 1.99 22.57
C ILE C 231 -1.35 2.16 21.56
N ARG C 232 -0.30 1.34 21.69
CA ARG C 232 0.87 1.47 20.81
C ARG C 232 1.02 0.24 19.93
N LYS C 233 1.25 0.46 18.65
CA LYS C 233 1.36 -0.63 17.67
C LYS C 233 2.80 -1.06 17.44
N GLN C 234 3.05 -2.35 17.59
CA GLN C 234 4.33 -2.96 17.22
C GLN C 234 4.21 -3.47 15.78
N VAL C 235 5.23 -3.18 14.97
CA VAL C 235 5.27 -3.65 13.58
C VAL C 235 6.49 -4.53 13.38
N LEU C 236 6.53 -5.23 12.24
CA LEU C 236 7.65 -6.11 11.90
C LEU C 236 8.94 -5.30 11.77
N ASP C 237 10.04 -5.83 12.32
CA ASP C 237 11.34 -5.19 12.20
C ASP C 237 11.96 -5.39 10.80
N ALA C 238 13.19 -4.92 10.62
CA ALA C 238 13.89 -5.00 9.33
C ALA C 238 14.10 -6.44 8.85
N ASN C 239 13.98 -7.41 9.76
CA ASN C 239 14.10 -8.82 9.38
C ASN C 239 12.76 -9.54 9.19
N GLY C 240 11.67 -8.77 9.16
CA GLY C 240 10.32 -9.31 9.06
C GLY C 240 9.90 -10.06 10.32
N ARG C 241 10.47 -9.65 11.45
CA ARG C 241 10.29 -10.35 12.72
C ARG C 241 9.55 -9.51 13.75
N MET C 242 8.88 -10.19 14.67
CA MET C 242 8.32 -9.55 15.84
C MET C 242 8.47 -10.46 17.04
N VAL C 243 9.01 -9.94 18.13
CA VAL C 243 9.16 -10.70 19.37
C VAL C 243 8.54 -9.90 20.51
N HIS C 244 7.79 -10.58 21.38
CA HIS C 244 7.29 -9.91 22.59
C HIS C 244 7.29 -10.84 23.78
N THR C 245 7.59 -10.26 24.93
CA THR C 245 7.48 -10.99 26.18
C THR C 245 6.47 -10.30 27.10
N ASN C 246 6.89 -9.92 28.31
CA ASN C 246 5.98 -9.39 29.32
C ASN C 246 6.34 -7.97 29.79
N HIS C 247 6.98 -7.20 28.91
CA HIS C 247 7.31 -5.81 29.21
C HIS C 247 7.17 -4.92 27.98
N CYS C 248 7.00 -3.62 28.22
CA CYS C 248 6.83 -2.64 27.16
C CYS C 248 8.11 -2.47 26.35
N LEU C 249 7.99 -2.67 25.04
CA LEU C 249 9.10 -2.48 24.11
C LEU C 249 8.92 -1.16 23.38
N LEU C 250 7.71 -0.63 23.43
CA LEU C 250 7.38 0.58 22.70
C LEU C 250 7.40 1.79 23.62
N GLN C 251 7.65 2.95 23.03
CA GLN C 251 7.67 4.21 23.75
C GLN C 251 6.23 4.65 24.07
N HIS C 252 5.84 4.49 25.33
CA HIS C 252 4.56 5.01 25.81
C HIS C 252 4.83 6.37 26.46
N GLY C 253 3.77 7.14 26.72
CA GLY C 253 3.93 8.44 27.39
C GLY C 253 4.53 8.32 28.77
N LYS C 254 5.15 9.40 29.25
CA LYS C 254 5.81 9.43 30.57
C LYS C 254 4.91 9.02 31.74
N ASN C 255 3.61 9.24 31.59
CA ASN C 255 2.64 9.00 32.68
C ASN C 255 2.16 7.58 32.80
N GLU C 256 2.53 6.73 31.84
CA GLU C 256 2.25 5.30 31.92
C GLU C 256 3.22 4.69 32.91
N LYS C 257 2.69 3.86 33.81
CA LYS C 257 3.52 3.21 34.83
C LYS C 257 3.47 1.71 34.66
N GLU C 258 4.63 1.10 34.39
CA GLU C 258 4.74 -0.34 34.26
C GLU C 258 4.97 -0.95 35.65
N LEU C 259 4.00 -1.74 36.11
CA LEU C 259 4.00 -2.24 37.50
C LEU C 259 4.81 -3.51 37.68
N ASP C 260 6.08 -3.33 38.07
CA ASP C 260 6.99 -4.42 38.44
C ASP C 260 6.93 -5.65 37.53
N PRO C 261 7.49 -5.52 36.31
CA PRO C 261 7.56 -6.68 35.43
C PRO C 261 8.72 -7.58 35.84
N LEU C 262 8.68 -8.84 35.42
CA LEU C 262 9.75 -9.79 35.69
C LEU C 262 11.05 -9.34 35.04
N PRO C 263 12.17 -9.34 35.79
CA PRO C 263 13.46 -9.10 35.14
C PRO C 263 13.75 -10.06 33.98
N ASP C 264 13.35 -11.32 34.11
CA ASP C 264 13.55 -12.31 33.04
C ASP C 264 12.80 -12.01 31.74
N SER C 265 11.84 -11.09 31.79
CA SER C 265 11.14 -10.64 30.58
C SER C 265 12.11 -10.03 29.57
N TRP C 266 13.15 -9.37 30.08
CA TRP C 266 14.20 -8.79 29.23
C TRP C 266 15.12 -9.87 28.67
N ASN C 267 15.64 -10.74 29.53
CA ASN C 267 16.46 -11.89 29.10
C ASN C 267 15.75 -12.68 27.99
N ARG C 268 14.51 -13.08 28.24
CA ARG C 268 13.75 -13.91 27.29
C ARG C 268 13.54 -13.23 25.94
N HIS C 269 13.24 -11.93 25.95
CA HIS C 269 13.10 -11.16 24.71
C HIS C 269 14.40 -11.16 23.91
N GLN C 270 15.50 -10.82 24.58
CA GLN C 270 16.85 -10.85 23.99
C GLN C 270 17.22 -12.25 23.48
N ARG C 271 16.90 -13.27 24.27
CA ARG C 271 17.20 -14.67 23.91
C ARG C 271 16.43 -15.13 22.67
N MET C 272 15.13 -14.79 22.60
CA MET C 272 14.32 -15.17 21.44
C MET C 272 14.85 -14.47 20.19
N GLU C 273 15.21 -13.19 20.31
CA GLU C 273 15.80 -12.45 19.19
C GLU C 273 17.11 -13.08 18.72
N PHE C 274 17.92 -13.53 19.67
CA PHE C 274 19.15 -14.24 19.35
C PHE C 274 18.87 -15.55 18.61
N LEU C 275 17.94 -16.34 19.14
CA LEU C 275 17.58 -17.63 18.55
C LEU C 275 17.02 -17.47 17.14
N LEU C 276 16.15 -16.47 16.95
CA LEU C 276 15.57 -16.21 15.63
C LEU C 276 16.64 -15.78 14.63
N ASP C 277 17.69 -15.12 15.14
CA ASP C 277 18.85 -14.74 14.34
C ASP C 277 19.61 -15.94 13.79
N GLY C 278 19.68 -17.00 14.59
CA GLY C 278 20.46 -18.18 14.23
C GLY C 278 19.67 -19.32 13.59
N PHE C 279 18.34 -19.29 13.70
CA PHE C 279 17.56 -20.43 13.21
C PHE C 279 17.42 -20.45 11.67
N ASP C 280 17.26 -21.65 11.12
CA ASP C 280 17.36 -21.88 9.67
C ASP C 280 16.05 -21.66 8.90
N GLY C 281 14.99 -21.31 9.62
CA GLY C 281 13.70 -21.01 8.99
C GLY C 281 12.76 -22.20 8.86
N THR C 282 13.23 -23.39 9.21
CA THR C 282 12.42 -24.60 9.09
C THR C 282 11.38 -24.67 10.19
N LYS C 283 10.24 -25.30 9.88
CA LYS C 283 9.20 -25.53 10.88
C LYS C 283 9.76 -26.30 12.08
N GLN C 284 10.64 -27.26 11.82
CA GLN C 284 11.23 -28.05 12.91
C GLN C 284 12.10 -27.24 13.86
N ALA C 285 12.97 -26.39 13.32
CA ALA C 285 13.80 -25.52 14.16
C ALA C 285 12.95 -24.53 14.93
N PHE C 286 11.91 -23.98 14.27
CA PHE C 286 10.97 -23.05 14.92
C PHE C 286 10.32 -23.68 16.15
N ALA C 287 9.90 -24.94 16.01
CA ALA C 287 9.29 -25.69 17.11
C ALA C 287 10.24 -25.87 18.29
N GLN C 288 11.51 -26.13 17.99
CA GLN C 288 12.56 -26.33 19.00
C GLN C 288 12.87 -25.07 19.84
N LEU C 289 12.67 -23.88 19.26
CA LEU C 289 12.94 -22.62 19.97
C LEU C 289 12.15 -22.48 21.27
N TRP C 290 10.92 -23.02 21.28
CA TRP C 290 10.02 -22.92 22.42
C TRP C 290 10.38 -23.85 23.57
N ALA C 291 11.34 -24.75 23.33
CA ALA C 291 11.89 -25.63 24.36
C ALA C 291 13.13 -25.07 25.02
N ASP C 292 13.55 -23.86 24.62
CA ASP C 292 14.77 -23.25 25.16
C ASP C 292 14.75 -23.08 26.67
N GLU C 293 15.82 -23.52 27.32
CA GLU C 293 15.91 -23.50 28.77
C GLU C 293 17.07 -22.66 29.29
N ASP C 294 17.54 -21.72 28.48
CA ASP C 294 18.57 -20.78 28.92
C ASP C 294 17.99 -19.91 30.02
N ASN C 295 18.77 -19.73 31.08
CA ASN C 295 18.34 -19.02 32.29
C ASN C 295 17.22 -19.77 33.06
N TYR C 296 17.24 -21.10 32.95
CA TYR C 296 16.32 -21.98 33.71
C TYR C 296 16.36 -21.60 35.20
N PRO C 297 15.19 -21.53 35.87
CA PRO C 297 13.82 -21.86 35.43
C PRO C 297 13.03 -20.70 34.81
N PHE C 298 13.67 -19.54 34.67
CA PHE C 298 13.02 -18.33 34.13
C PHE C 298 13.03 -18.30 32.60
N SER C 299 13.26 -19.47 32.00
CA SER C 299 13.48 -19.60 30.56
C SER C 299 12.23 -19.44 29.71
N ILE C 300 12.44 -19.34 28.39
CA ILE C 300 11.35 -19.32 27.40
C ILE C 300 10.42 -20.52 27.64
N CYS C 301 11.02 -21.70 27.76
CA CYS C 301 10.32 -22.87 28.27
C CYS C 301 10.41 -22.80 29.79
N ARG C 302 9.43 -22.13 30.38
CA ARG C 302 9.48 -21.77 31.79
C ARG C 302 9.14 -22.98 32.67
N ALA C 303 9.79 -23.04 33.83
CA ALA C 303 9.53 -24.11 34.79
C ALA C 303 9.16 -23.53 36.14
N TYR C 304 8.26 -24.23 36.84
CA TYR C 304 7.94 -23.89 38.21
C TYR C 304 9.09 -24.32 39.10
N GLU C 305 9.46 -23.45 40.05
CA GLU C 305 10.45 -23.77 41.06
C GLU C 305 10.18 -22.91 42.28
N GLU C 306 9.85 -23.55 43.40
CA GLU C 306 9.45 -22.84 44.63
C GLU C 306 10.57 -21.95 45.15
N GLY C 307 10.24 -20.67 45.37
CA GLY C 307 11.21 -19.68 45.82
C GLY C 307 11.95 -19.00 44.68
N LYS C 308 11.67 -19.44 43.45
CA LYS C 308 12.29 -18.85 42.26
C LYS C 308 11.23 -18.48 41.22
N SER C 309 10.56 -19.48 40.65
CA SER C 309 9.55 -19.25 39.63
C SER C 309 8.17 -19.74 40.05
N ARG C 310 7.19 -18.85 39.94
CA ARG C 310 5.82 -19.13 40.38
C ARG C 310 4.97 -19.81 39.30
N GLY C 311 5.32 -19.60 38.03
CA GLY C 311 4.59 -20.21 36.91
C GLY C 311 5.44 -21.16 36.07
N ALA C 312 4.80 -21.76 35.07
CA ALA C 312 5.48 -22.63 34.11
C ALA C 312 4.86 -22.42 32.75
N THR C 313 5.56 -22.86 31.71
CA THR C 313 4.93 -22.91 30.39
C THR C 313 3.87 -24.00 30.42
N LEU C 314 2.63 -23.61 30.15
CA LEU C 314 1.47 -24.48 30.29
C LEU C 314 0.99 -24.99 28.93
N PHE C 315 1.27 -24.19 27.90
CA PHE C 315 1.07 -24.65 26.53
C PHE C 315 1.87 -23.83 25.52
N ASN C 316 2.12 -24.46 24.39
CA ASN C 316 2.78 -23.85 23.26
C ASN C 316 1.86 -24.00 22.05
N ILE C 317 1.82 -22.96 21.21
CA ILE C 317 1.10 -23.02 19.95
C ILE C 317 2.02 -22.48 18.86
N ILE C 318 1.93 -23.10 17.68
CA ILE C 318 2.67 -22.69 16.50
C ILE C 318 1.66 -22.61 15.36
N TYR C 319 1.60 -21.45 14.70
CA TYR C 319 0.76 -21.28 13.51
C TYR C 319 1.60 -21.43 12.25
N ASP C 320 1.26 -22.43 11.45
CA ASP C 320 1.89 -22.63 10.14
C ASP C 320 1.01 -21.94 9.12
N HIS C 321 1.34 -20.68 8.84
CA HIS C 321 0.49 -19.84 7.99
C HIS C 321 0.32 -20.39 6.56
N ALA C 322 1.40 -20.92 6.00
CA ALA C 322 1.33 -21.55 4.67
C ALA C 322 0.22 -22.61 4.57
N ARG C 323 0.09 -23.40 5.63
CA ARG C 323 -0.79 -24.58 5.59
C ARG C 323 -2.10 -24.35 6.35
N ARG C 324 -2.22 -23.18 6.96
CA ARG C 324 -3.35 -22.87 7.87
C ARG C 324 -3.57 -24.00 8.90
N GLU C 325 -2.52 -24.29 9.65
CA GLU C 325 -2.48 -25.40 10.58
C GLU C 325 -1.82 -24.91 11.85
N ALA C 326 -2.42 -25.23 13.00
CA ALA C 326 -1.83 -24.87 14.28
C ALA C 326 -1.42 -26.13 15.03
N THR C 327 -0.23 -26.12 15.60
CA THR C 327 0.24 -27.25 16.40
C THR C 327 0.28 -26.81 17.85
N VAL C 328 -0.36 -27.59 18.72
CA VAL C 328 -0.45 -27.26 20.13
C VAL C 328 0.29 -28.33 20.91
N ARG C 329 1.13 -27.90 21.84
CA ARG C 329 1.74 -28.80 22.81
C ARG C 329 1.28 -28.35 24.20
N LEU C 330 0.65 -29.26 24.94
CA LEU C 330 0.20 -28.97 26.28
C LEU C 330 1.36 -29.24 27.23
N GLY C 331 1.54 -28.34 28.19
CA GLY C 331 2.65 -28.47 29.14
C GLY C 331 3.90 -27.78 28.62
N ARG C 332 5.05 -28.21 29.13
CA ARG C 332 6.34 -27.67 28.71
C ARG C 332 6.80 -28.36 27.41
N PRO C 333 7.13 -27.57 26.38
CA PRO C 333 7.59 -28.12 25.09
C PRO C 333 8.83 -29.02 25.16
N THR C 334 9.58 -28.99 26.26
CA THR C 334 10.67 -29.95 26.47
C THR C 334 10.14 -31.37 26.68
N ASN C 335 8.92 -31.46 27.23
CA ASN C 335 8.32 -32.74 27.58
C ASN C 335 6.81 -32.57 27.65
N PRO C 336 6.15 -32.42 26.50
CA PRO C 336 4.72 -32.06 26.51
C PRO C 336 3.84 -33.18 27.06
N ASP C 337 2.76 -32.78 27.73
CA ASP C 337 1.73 -33.72 28.20
C ASP C 337 1.09 -34.38 26.99
N GLU C 338 0.80 -33.58 25.97
CA GLU C 338 0.29 -34.07 24.68
C GLU C 338 0.54 -33.06 23.57
N MET C 339 0.41 -33.52 22.33
CA MET C 339 0.53 -32.68 21.16
C MET C 339 -0.62 -33.02 20.21
N PHE C 340 -1.13 -32.01 19.50
CA PHE C 340 -2.15 -32.21 18.47
C PHE C 340 -2.14 -31.03 17.48
N VAL C 341 -2.80 -31.22 16.34
CA VAL C 341 -2.92 -30.15 15.35
C VAL C 341 -4.38 -29.74 15.13
N MET C 342 -4.56 -28.48 14.78
CA MET C 342 -5.88 -27.96 14.44
C MET C 342 -5.82 -27.43 13.02
N ARG C 343 -6.83 -27.77 12.24
CA ARG C 343 -6.99 -27.22 10.92
C ARG C 343 -8.47 -27.20 10.55
N PHE C 344 -8.81 -26.45 9.51
CA PHE C 344 -10.21 -26.23 9.16
C PHE C 344 -10.62 -27.13 8.01
N ASP C 345 -11.81 -27.71 8.13
CA ASP C 345 -12.34 -28.54 7.06
C ASP C 345 -13.35 -27.76 6.20
N GLU C 346 -13.93 -28.42 5.21
CA GLU C 346 -14.82 -27.73 4.29
C GLU C 346 -16.13 -27.24 4.95
N GLU C 347 -16.60 -27.95 5.98
CA GLU C 347 -17.75 -27.48 6.76
C GLU C 347 -17.44 -26.23 7.60
N ASP C 348 -16.23 -26.14 8.14
CA ASP C 348 -15.76 -24.91 8.81
C ASP C 348 -15.82 -23.72 7.83
N GLU C 349 -15.42 -23.98 6.59
CA GLU C 349 -15.42 -22.96 5.54
C GLU C 349 -16.84 -22.66 5.05
N ARG C 350 -17.67 -23.70 4.94
CA ARG C 350 -19.08 -23.55 4.58
C ARG C 350 -19.80 -22.61 5.58
N SER C 351 -19.55 -22.82 6.87
CA SER C 351 -20.09 -21.95 7.92
C SER C 351 -19.65 -20.49 7.74
N ALA C 352 -18.35 -20.28 7.52
CA ALA C 352 -17.79 -18.93 7.37
C ALA C 352 -18.38 -18.16 6.18
N LEU C 353 -18.77 -18.89 5.14
CA LEU C 353 -19.40 -18.31 3.95
C LEU C 353 -20.90 -18.15 4.10
N ASN C 354 -21.47 -18.75 5.13
CA ASN C 354 -22.93 -18.88 5.28
C ASN C 354 -23.55 -19.58 4.05
N ALA C 355 -22.95 -20.69 3.65
CA ALA C 355 -23.41 -21.44 2.47
C ALA C 355 -24.01 -22.79 2.84
N MET D 1 -8.88 39.84 9.72
CA MET D 1 -8.90 38.95 10.92
C MET D 1 -7.58 39.11 11.69
N LEU D 2 -7.67 39.09 13.02
CA LEU D 2 -6.49 39.20 13.87
C LEU D 2 -5.59 37.98 13.66
N HIS D 3 -4.34 38.22 13.29
CA HIS D 3 -3.40 37.15 13.03
C HIS D 3 -2.25 37.25 14.02
N ILE D 4 -2.08 36.23 14.84
CA ILE D 4 -1.03 36.24 15.87
C ILE D 4 0.04 35.19 15.56
N LEU D 5 1.29 35.63 15.44
CA LEU D 5 2.43 34.75 15.25
C LEU D 5 3.01 34.36 16.61
N CYS D 6 2.98 33.05 16.89
CA CYS D 6 3.41 32.51 18.17
C CYS D 6 4.64 31.64 17.96
N GLN D 7 5.69 31.88 18.75
CA GLN D 7 6.92 31.07 18.68
C GLN D 7 7.66 31.01 20.01
N GLY D 8 8.51 30.00 20.17
CA GLY D 8 9.28 29.80 21.40
C GLY D 8 8.80 28.57 22.14
N THR D 9 8.96 28.59 23.46
CA THR D 9 8.49 27.49 24.32
C THR D 9 6.95 27.45 24.33
N PRO D 10 6.35 26.32 24.77
CA PRO D 10 4.88 26.28 24.83
C PRO D 10 4.27 27.44 25.63
N PHE D 11 4.87 27.81 26.76
CA PHE D 11 4.39 28.95 27.55
C PHE D 11 4.38 30.25 26.75
N GLU D 12 5.50 30.54 26.10
CA GLU D 12 5.65 31.77 25.29
C GLU D 12 4.64 31.80 24.14
N ILE D 13 4.47 30.67 23.47
CA ILE D 13 3.45 30.51 22.43
C ILE D 13 2.09 30.87 23.02
N GLY D 14 1.78 30.31 24.19
CA GLY D 14 0.55 30.64 24.91
C GLY D 14 0.45 32.11 25.29
N TYR D 15 1.50 32.66 25.90
CA TYR D 15 1.50 34.07 26.34
C TYR D 15 1.20 35.05 25.21
N GLU D 16 1.86 34.85 24.06
CA GLU D 16 1.67 35.68 22.88
C GLU D 16 0.21 35.66 22.41
N HIS D 17 -0.37 34.46 22.41
CA HIS D 17 -1.79 34.24 22.09
C HIS D 17 -2.67 35.00 23.09
N GLY D 18 -2.44 34.76 24.38
CA GLY D 18 -3.22 35.35 25.45
C GLY D 18 -3.21 36.86 25.47
N SER D 19 -2.03 37.47 25.35
CA SER D 19 -1.92 38.93 25.43
C SER D 19 -2.46 39.65 24.19
N ALA D 20 -2.11 39.16 23.00
CA ALA D 20 -2.56 39.79 21.76
C ALA D 20 -4.06 39.63 21.49
N ALA D 21 -4.66 38.59 22.06
CA ALA D 21 -6.09 38.33 21.92
C ALA D 21 -6.86 38.53 23.23
N LYS D 22 -6.26 39.26 24.17
CA LYS D 22 -6.80 39.37 25.53
C LYS D 22 -8.29 39.67 25.57
N ALA D 23 -8.69 40.76 24.91
CA ALA D 23 -10.09 41.20 24.90
C ALA D 23 -11.00 40.17 24.23
N VAL D 24 -10.46 39.47 23.24
CA VAL D 24 -11.25 38.51 22.50
C VAL D 24 -11.49 37.24 23.34
N ILE D 25 -10.48 36.85 24.11
CA ILE D 25 -10.54 35.69 25.01
C ILE D 25 -11.60 35.88 26.11
N ALA D 26 -11.68 37.10 26.65
CA ALA D 26 -12.72 37.44 27.62
C ALA D 26 -14.12 37.17 27.07
N ARG D 27 -14.32 37.52 25.79
CA ARG D 27 -15.58 37.25 25.07
C ARG D 27 -15.81 35.75 24.85
N SER D 28 -14.74 35.04 24.47
CA SER D 28 -14.82 33.57 24.33
C SER D 28 -15.26 32.91 25.63
N ILE D 29 -14.68 33.36 26.74
CA ILE D 29 -15.02 32.83 28.06
C ILE D 29 -16.49 33.09 28.42
N ASP D 30 -16.94 34.33 28.24
CA ASP D 30 -18.34 34.71 28.47
C ASP D 30 -19.30 33.87 27.65
N PHE D 31 -18.99 33.68 26.36
CA PHE D 31 -19.85 32.87 25.50
C PHE D 31 -19.88 31.40 25.93
N ALA D 32 -18.68 30.83 26.13
CA ALA D 32 -18.54 29.44 26.53
C ALA D 32 -19.28 29.12 27.82
N VAL D 33 -19.19 30.01 28.81
CA VAL D 33 -19.91 29.84 30.07
C VAL D 33 -21.43 29.81 29.84
N ASP D 34 -21.94 30.75 29.04
CA ASP D 34 -23.38 30.81 28.72
C ASP D 34 -23.85 29.57 27.96
N LEU D 35 -23.05 29.12 27.01
CA LEU D 35 -23.34 27.91 26.24
C LEU D 35 -23.42 26.69 27.16
N ILE D 36 -22.37 26.48 27.96
CA ILE D 36 -22.28 25.33 28.86
C ILE D 36 -23.43 25.30 29.87
N ARG D 37 -23.72 26.43 30.49
CA ARG D 37 -24.84 26.52 31.43
C ARG D 37 -26.17 26.24 30.75
N GLY D 38 -26.35 26.76 29.53
CA GLY D 38 -27.58 26.57 28.77
C GLY D 38 -27.76 25.15 28.24
N LYS D 39 -26.67 24.57 27.74
CA LYS D 39 -26.68 23.24 27.13
C LYS D 39 -26.75 22.06 28.10
N THR D 40 -26.23 22.23 29.31
CA THR D 40 -26.10 21.10 30.24
C THR D 40 -27.14 21.08 31.35
N LYS D 41 -27.59 22.27 31.76
CA LYS D 41 -28.50 22.42 32.90
C LYS D 41 -28.06 21.67 34.18
N LYS D 42 -26.81 21.17 34.20
CA LYS D 42 -26.19 20.58 35.40
C LYS D 42 -25.93 21.69 36.43
N THR D 43 -25.87 21.32 37.71
CA THR D 43 -25.53 22.30 38.76
C THR D 43 -24.12 22.86 38.54
N ASP D 44 -23.92 24.12 38.90
CA ASP D 44 -22.59 24.74 38.75
C ASP D 44 -21.50 23.97 39.51
N GLU D 45 -21.87 23.44 40.68
CA GLU D 45 -20.95 22.64 41.47
C GLU D 45 -20.56 21.37 40.73
N GLU D 46 -21.52 20.73 40.08
CA GLU D 46 -21.23 19.57 39.22
C GLU D 46 -20.29 19.94 38.08
N LEU D 47 -20.53 21.11 37.47
CA LEU D 47 -19.68 21.58 36.37
C LEU D 47 -18.26 21.87 36.84
N LYS D 48 -18.16 22.47 38.02
CA LYS D 48 -16.88 22.74 38.67
C LYS D 48 -16.06 21.46 38.88
N GLN D 49 -16.73 20.36 39.27
CA GLN D 49 -16.07 19.07 39.54
C GLN D 49 -15.43 18.54 38.28
N VAL D 50 -16.19 18.60 37.19
CA VAL D 50 -15.74 18.13 35.90
C VAL D 50 -14.58 19.00 35.44
N LEU D 51 -14.68 20.31 35.66
CA LEU D 51 -13.60 21.22 35.27
C LEU D 51 -12.31 20.92 36.05
N SER D 52 -12.46 20.62 37.35
CA SER D 52 -11.32 20.26 38.21
C SER D 52 -10.56 19.05 37.67
N GLN D 53 -11.29 17.99 37.33
CA GLN D 53 -10.69 16.76 36.81
C GLN D 53 -10.05 16.94 35.43
N LEU D 54 -10.75 17.60 34.52
CA LEU D 54 -10.21 17.91 33.17
C LEU D 54 -8.87 18.65 33.25
N GLY D 55 -8.82 19.67 34.12
CA GLY D 55 -7.59 20.42 34.39
C GLY D 55 -6.45 19.52 34.85
N ARG D 56 -6.74 18.65 35.81
CA ARG D 56 -5.77 17.69 36.33
C ARG D 56 -5.28 16.76 35.23
N VAL D 57 -6.22 16.21 34.46
CA VAL D 57 -5.91 15.25 33.40
C VAL D 57 -5.00 15.88 32.34
N ILE D 58 -5.37 17.07 31.88
CA ILE D 58 -4.62 17.75 30.83
C ILE D 58 -3.19 18.03 31.28
N GLU D 59 -3.03 18.57 32.49
CA GLU D 59 -1.69 18.83 33.06
C GLU D 59 -0.84 17.56 33.12
N GLU D 60 -1.43 16.47 33.58
CA GLU D 60 -0.75 15.19 33.70
C GLU D 60 -0.44 14.53 32.34
N ARG D 61 -1.43 14.52 31.44
CA ARG D 61 -1.31 13.75 30.20
C ARG D 61 -0.63 14.53 29.06
N TRP D 62 -0.95 15.82 28.93
CA TRP D 62 -0.34 16.66 27.87
C TRP D 62 0.30 17.92 28.45
N PRO D 63 1.44 17.76 29.17
CA PRO D 63 2.06 18.91 29.85
C PRO D 63 2.46 20.03 28.89
N LYS D 64 2.89 19.70 27.68
CA LYS D 64 3.21 20.74 26.69
C LYS D 64 2.00 21.60 26.33
N TYR D 65 0.82 20.97 26.20
CA TYR D 65 -0.39 21.73 25.92
C TYR D 65 -0.86 22.51 27.15
N TYR D 66 -0.67 21.92 28.33
CA TYR D 66 -1.03 22.59 29.58
C TYR D 66 -0.18 23.83 29.82
N GLU D 67 1.12 23.74 29.51
N GLU D 67 1.12 23.74 29.50
CA GLU D 67 2.01 24.89 29.66
CA GLU D 67 2.05 24.86 29.61
C GLU D 67 1.63 26.03 28.71
C GLU D 67 1.58 26.02 28.73
N GLU D 68 1.15 25.67 27.52
CA GLU D 68 0.63 26.65 26.56
C GLU D 68 -0.66 27.29 27.08
N ILE D 69 -1.53 26.46 27.62
CA ILE D 69 -2.76 26.90 28.27
C ILE D 69 -2.47 27.88 29.43
N ARG D 70 -1.47 27.56 30.24
CA ARG D 70 -1.01 28.44 31.33
C ARG D 70 -0.51 29.77 30.80
N GLY D 71 0.22 29.72 29.67
CA GLY D 71 0.72 30.92 29.01
C GLY D 71 -0.41 31.80 28.50
N ILE D 72 -1.43 31.18 27.91
CA ILE D 72 -2.64 31.89 27.47
C ILE D 72 -3.32 32.58 28.66
N ALA D 73 -3.50 31.83 29.75
CA ALA D 73 -4.11 32.37 30.96
C ALA D 73 -3.33 33.58 31.51
N LYS D 74 -2.01 33.45 31.60
CA LYS D 74 -1.16 34.55 32.06
C LYS D 74 -1.28 35.77 31.14
N GLY D 75 -1.19 35.56 29.83
CA GLY D 75 -1.26 36.64 28.85
C GLY D 75 -2.59 37.36 28.78
N ALA D 76 -3.69 36.61 28.87
CA ALA D 76 -5.04 37.17 28.84
C ALA D 76 -5.54 37.60 30.22
N GLU D 77 -4.71 37.42 31.24
CA GLU D 77 -5.06 37.76 32.64
C GLU D 77 -6.31 37.02 33.15
N ARG D 78 -6.37 35.72 32.84
CA ARG D 78 -7.48 34.86 33.23
C ARG D 78 -6.94 33.73 34.11
N ASP D 79 -7.84 33.04 34.80
CA ASP D 79 -7.48 31.85 35.57
C ASP D 79 -7.20 30.71 34.60
N VAL D 80 -6.21 29.88 34.92
CA VAL D 80 -5.91 28.70 34.10
C VAL D 80 -7.16 27.85 33.85
N SER D 81 -8.01 27.69 34.87
CA SER D 81 -9.24 26.88 34.75
C SER D 81 -10.18 27.36 33.63
N GLU D 82 -10.21 28.66 33.39
CA GLU D 82 -11.04 29.26 32.36
C GLU D 82 -10.57 28.89 30.96
N ILE D 83 -9.25 28.86 30.76
CA ILE D 83 -8.67 28.45 29.50
C ILE D 83 -8.82 26.95 29.28
N VAL D 84 -8.70 26.16 30.35
CA VAL D 84 -9.01 24.74 30.27
C VAL D 84 -10.44 24.53 29.79
N MET D 85 -11.37 25.29 30.39
CA MET D 85 -12.78 25.23 29.99
C MET D 85 -13.02 25.51 28.51
N LEU D 86 -12.37 26.55 27.99
CA LEU D 86 -12.43 26.86 26.56
C LEU D 86 -11.97 25.68 25.71
N ASN D 87 -10.86 25.07 26.13
CA ASN D 87 -10.27 23.98 25.39
C ASN D 87 -10.95 22.62 25.60
N THR D 88 -11.94 22.61 26.50
CA THR D 88 -12.76 21.43 26.74
C THR D 88 -14.24 21.77 26.57
N ARG D 89 -14.53 22.82 25.81
CA ARG D 89 -15.91 23.26 25.61
C ARG D 89 -16.79 22.16 25.04
N THR D 90 -16.24 21.35 24.14
CA THR D 90 -16.96 20.22 23.54
C THR D 90 -17.34 19.19 24.59
N GLU D 91 -16.38 18.87 25.46
CA GLU D 91 -16.61 17.93 26.56
C GLU D 91 -17.75 18.37 27.48
N PHE D 92 -17.87 19.68 27.72
CA PHE D 92 -19.01 20.22 28.45
C PHE D 92 -20.30 20.24 27.60
N ALA D 93 -20.27 20.95 26.48
CA ALA D 93 -21.49 21.25 25.72
C ALA D 93 -22.09 20.04 25.01
N TYR D 94 -21.24 19.07 24.67
CA TYR D 94 -21.71 17.87 23.96
C TYR D 94 -21.62 16.64 24.86
N GLY D 95 -20.54 16.54 25.63
CA GLY D 95 -20.34 15.41 26.56
C GLY D 95 -21.31 15.40 27.73
N LEU D 96 -21.70 16.60 28.19
CA LEU D 96 -22.68 16.74 29.26
C LEU D 96 -24.03 17.31 28.78
N LYS D 97 -24.33 17.16 27.49
CA LYS D 97 -25.55 17.72 26.87
C LYS D 97 -26.82 17.14 27.50
N ALA D 98 -27.72 18.02 27.91
CA ALA D 98 -28.96 17.64 28.61
C ALA D 98 -29.91 16.84 27.71
N THR D 104 -20.37 21.46 7.27
CA THR D 104 -20.29 20.57 6.11
C THR D 104 -18.84 20.54 5.65
N THR D 105 -18.32 19.34 5.42
CA THR D 105 -16.91 19.14 5.10
C THR D 105 -16.76 18.16 3.94
N ALA D 106 -15.82 18.43 3.05
CA ALA D 106 -15.57 17.57 1.89
C ALA D 106 -14.09 17.47 1.53
N TYR D 107 -13.72 16.29 1.04
CA TYR D 107 -12.40 16.02 0.45
C TYR D 107 -12.67 15.35 -0.90
N CYS D 108 -12.01 15.84 -1.94
CA CYS D 108 -12.10 15.25 -3.28
C CYS D 108 -10.74 15.04 -3.87
N GLN D 109 -10.39 13.79 -4.15
CA GLN D 109 -9.17 13.51 -4.88
C GLN D 109 -9.40 13.94 -6.34
N LEU D 110 -8.39 14.57 -6.92
CA LEU D 110 -8.51 15.10 -8.27
C LEU D 110 -7.18 14.96 -8.99
N PRO D 111 -7.20 14.90 -10.34
CA PRO D 111 -5.95 14.76 -11.09
C PRO D 111 -5.04 15.99 -10.99
N ASN D 112 -5.61 17.14 -10.62
CA ASN D 112 -4.84 18.37 -10.42
C ASN D 112 -4.32 18.51 -9.00
N GLY D 113 -4.69 17.59 -8.14
CA GLY D 113 -4.43 17.71 -6.72
C GLY D 113 -5.74 17.74 -5.95
N ALA D 114 -5.75 17.13 -4.78
CA ALA D 114 -6.95 17.06 -3.97
C ALA D 114 -7.41 18.44 -3.49
N LEU D 115 -8.72 18.58 -3.29
CA LEU D 115 -9.26 19.76 -2.67
C LEU D 115 -10.04 19.32 -1.44
N GLN D 116 -9.89 20.08 -0.36
CA GLN D 116 -10.51 19.76 0.91
C GLN D 116 -11.04 21.04 1.50
N GLY D 117 -12.20 20.99 2.15
CA GLY D 117 -12.73 22.20 2.77
C GLY D 117 -13.89 21.98 3.70
N GLN D 118 -14.33 23.05 4.35
CA GLN D 118 -15.56 23.01 5.14
C GLN D 118 -16.18 24.38 5.34
N ASN D 119 -17.48 24.37 5.60
CA ASN D 119 -18.13 25.48 6.27
C ASN D 119 -18.18 25.16 7.76
N TRP D 120 -17.84 26.15 8.57
CA TRP D 120 -17.97 26.04 10.00
C TRP D 120 -19.23 26.80 10.36
N ASP D 121 -20.20 26.09 10.94
CA ASP D 121 -21.48 26.65 11.33
C ASP D 121 -21.59 26.67 12.84
N PHE D 122 -21.92 27.83 13.41
CA PHE D 122 -22.07 27.94 14.85
C PHE D 122 -22.86 29.18 15.24
N PHE D 123 -22.97 29.43 16.54
CA PHE D 123 -23.66 30.62 17.05
C PHE D 123 -22.96 31.89 16.58
N SER D 124 -23.75 32.81 16.02
CA SER D 124 -23.24 34.03 15.40
C SER D 124 -22.44 34.91 16.36
N ALA D 125 -22.70 34.78 17.66
CA ALA D 125 -21.96 35.53 18.68
C ALA D 125 -20.46 35.19 18.71
N THR D 126 -20.09 34.01 18.23
CA THR D 126 -18.68 33.59 18.22
C THR D 126 -17.90 34.08 16.99
N LYS D 127 -18.61 34.53 15.96
CA LYS D 127 -17.96 35.04 14.74
C LYS D 127 -16.93 36.12 15.07
N GLU D 128 -17.31 37.08 15.93
CA GLU D 128 -16.42 38.18 16.32
C GLU D 128 -15.19 37.74 17.12
N ASN D 129 -15.20 36.48 17.56
CA ASN D 129 -14.10 35.90 18.36
C ASN D 129 -13.12 35.04 17.56
N LEU D 130 -13.36 34.90 16.27
CA LEU D 130 -12.49 34.12 15.39
C LEU D 130 -11.20 34.88 15.10
N ILE D 131 -10.09 34.20 15.31
CA ILE D 131 -8.76 34.76 15.07
C ILE D 131 -7.97 33.69 14.34
N ARG D 132 -6.76 34.01 13.90
CA ARG D 132 -5.92 32.98 13.34
C ARG D 132 -4.53 33.02 13.92
N LEU D 133 -3.96 31.85 14.14
CA LEU D 133 -2.66 31.74 14.74
C LEU D 133 -1.70 31.10 13.76
N THR D 134 -0.47 31.59 13.73
CA THR D 134 0.64 30.85 13.14
C THR D 134 1.51 30.42 14.32
N ILE D 135 1.68 29.11 14.47
CA ILE D 135 2.48 28.58 15.59
C ILE D 135 3.73 27.87 15.08
N ARG D 136 4.88 28.40 15.46
CA ARG D 136 6.18 27.80 15.14
C ARG D 136 6.76 27.11 16.38
N GLN D 137 7.10 25.84 16.21
CA GLN D 137 7.72 25.05 17.26
C GLN D 137 8.87 24.31 16.59
N ALA D 138 10.09 24.57 17.05
CA ALA D 138 11.29 23.94 16.47
C ALA D 138 11.16 22.42 16.38
N GLY D 139 11.38 21.88 15.19
CA GLY D 139 11.27 20.43 14.95
C GLY D 139 9.88 19.89 14.71
N LEU D 140 8.87 20.75 14.83
CA LEU D 140 7.48 20.37 14.50
C LEU D 140 6.96 21.18 13.32
N PRO D 141 5.97 20.65 12.59
CA PRO D 141 5.42 21.45 11.50
C PRO D 141 4.90 22.79 12.00
N THR D 142 5.09 23.83 11.19
CA THR D 142 4.53 25.15 11.47
C THR D 142 3.04 25.08 11.16
N ILE D 143 2.23 25.60 12.08
CA ILE D 143 0.77 25.50 11.97
C ILE D 143 0.16 26.86 11.71
N LYS D 144 -0.81 26.88 10.80
CA LYS D 144 -1.65 28.07 10.59
C LYS D 144 -3.09 27.61 10.66
N PHE D 145 -3.84 28.16 11.62
CA PHE D 145 -5.21 27.74 11.81
C PHE D 145 -6.15 28.84 12.31
N ILE D 146 -7.43 28.65 12.02
CA ILE D 146 -8.50 29.54 12.45
C ILE D 146 -9.06 28.96 13.73
N THR D 147 -9.19 29.78 14.76
CA THR D 147 -9.71 29.33 16.04
C THR D 147 -10.52 30.43 16.71
N GLU D 148 -11.34 30.03 17.67
CA GLU D 148 -11.91 30.99 18.63
C GLU D 148 -10.79 31.32 19.59
N ALA D 149 -10.59 32.60 19.88
CA ALA D 149 -9.46 33.03 20.72
C ALA D 149 -9.46 32.31 22.08
N GLY D 150 -8.29 31.80 22.47
CA GLY D 150 -8.11 31.05 23.71
C GLY D 150 -8.00 29.55 23.51
N ILE D 151 -8.32 29.08 22.31
CA ILE D 151 -8.38 27.65 22.00
C ILE D 151 -7.18 27.23 21.15
N ILE D 152 -6.52 26.16 21.58
CA ILE D 152 -5.20 25.78 21.04
C ILE D 152 -5.19 24.84 19.85
N GLY D 153 -6.36 24.32 19.48
CA GLY D 153 -6.49 23.45 18.33
C GLY D 153 -7.82 23.67 17.68
N LYS D 154 -7.83 23.86 16.36
CA LYS D 154 -9.08 24.02 15.63
C LYS D 154 -8.89 23.64 14.16
N VAL D 155 -9.26 24.55 13.25
CA VAL D 155 -9.31 24.21 11.84
C VAL D 155 -8.20 24.92 11.07
N GLY D 156 -7.31 24.13 10.46
CA GLY D 156 -6.21 24.68 9.67
C GLY D 156 -5.31 23.60 9.10
N PHE D 157 -4.10 24.02 8.73
CA PHE D 157 -3.14 23.13 8.09
C PHE D 157 -1.72 23.43 8.55
N ASN D 158 -0.77 22.58 8.16
CA ASN D 158 0.61 22.77 8.56
C ASN D 158 1.59 22.68 7.39
N SER D 159 2.85 23.01 7.66
CA SER D 159 3.87 23.09 6.62
C SER D 159 4.20 21.71 6.03
N ALA D 160 3.77 20.65 6.70
CA ALA D 160 3.93 19.29 6.22
C ALA D 160 2.81 18.92 5.26
N GLY D 161 1.86 19.84 5.09
CA GLY D 161 0.73 19.64 4.19
C GLY D 161 -0.44 18.92 4.81
N VAL D 162 -0.44 18.75 6.13
CA VAL D 162 -1.58 18.14 6.82
C VAL D 162 -2.68 19.17 7.04
N ALA D 163 -3.88 18.87 6.55
CA ALA D 163 -5.01 19.78 6.65
C ALA D 163 -6.12 19.15 7.49
N VAL D 164 -6.70 19.96 8.38
CA VAL D 164 -7.59 19.44 9.41
C VAL D 164 -8.92 20.18 9.38
N ASN D 165 -9.99 19.39 9.40
CA ASN D 165 -11.35 19.92 9.52
C ASN D 165 -12.06 19.33 10.73
N TYR D 166 -13.08 20.04 11.22
CA TYR D 166 -13.76 19.67 12.43
C TYR D 166 -15.29 19.85 12.29
N ASN D 167 -16.04 18.80 12.63
CA ASN D 167 -17.51 18.87 12.64
C ASN D 167 -18.07 18.48 14.00
N ALA D 168 -19.10 19.19 14.45
CA ALA D 168 -19.79 18.81 15.68
C ALA D 168 -20.45 17.44 15.47
N LEU D 169 -20.38 16.58 16.49
CA LEU D 169 -21.06 15.29 16.48
C LEU D 169 -21.66 15.00 17.87
N HIS D 170 -22.84 14.39 17.86
CA HIS D 170 -23.71 14.36 19.04
C HIS D 170 -23.80 12.99 19.75
N LEU D 171 -22.75 12.16 19.67
CA LEU D 171 -22.78 10.89 20.40
C LEU D 171 -22.68 11.09 21.91
N GLN D 172 -23.34 10.21 22.65
CA GLN D 172 -23.46 10.36 24.10
C GLN D 172 -22.18 9.90 24.81
N GLY D 173 -21.86 10.55 25.92
CA GLY D 173 -20.79 10.07 26.79
C GLY D 173 -19.73 11.10 27.10
N LEU D 174 -19.20 11.02 28.32
CA LEU D 174 -18.10 11.86 28.74
C LEU D 174 -17.13 11.05 29.56
N ARG D 175 -15.87 11.05 29.12
CA ARG D 175 -14.78 10.43 29.87
C ARG D 175 -13.72 11.51 30.15
N PRO D 176 -13.76 12.14 31.33
CA PRO D 176 -12.83 13.25 31.60
C PRO D 176 -11.34 12.88 31.54
N THR D 177 -11.02 11.58 31.60
CA THR D 177 -9.62 11.13 31.48
C THR D 177 -9.19 10.91 30.03
N GLY D 178 -10.14 10.91 29.10
CA GLY D 178 -9.85 10.76 27.67
C GLY D 178 -9.28 12.02 27.06
N VAL D 179 -8.94 11.97 25.78
CA VAL D 179 -8.38 13.14 25.11
C VAL D 179 -9.48 14.08 24.64
N PRO D 180 -9.43 15.36 25.07
CA PRO D 180 -10.41 16.33 24.57
C PRO D 180 -10.31 16.50 23.05
N SER D 181 -11.44 16.78 22.40
CA SER D 181 -11.47 16.87 20.95
C SER D 181 -10.55 17.97 20.41
N HIS D 182 -10.51 19.11 21.08
CA HIS D 182 -9.64 20.20 20.63
C HIS D 182 -8.17 19.89 20.83
N ILE D 183 -7.85 19.07 21.83
CA ILE D 183 -6.49 18.56 21.99
C ILE D 183 -6.18 17.60 20.86
N ALA D 184 -7.13 16.74 20.50
CA ALA D 184 -6.94 15.83 19.36
C ALA D 184 -6.68 16.62 18.08
N LEU D 185 -7.39 17.74 17.89
CA LEU D 185 -7.16 18.63 16.74
C LEU D 185 -5.73 19.16 16.68
N ARG D 186 -5.20 19.56 17.84
CA ARG D 186 -3.83 20.07 17.90
C ARG D 186 -2.80 18.96 17.68
N ILE D 187 -3.09 17.75 18.19
CA ILE D 187 -2.25 16.58 17.91
C ILE D 187 -2.14 16.36 16.40
N ALA D 188 -3.27 16.41 15.72
CA ALA D 188 -3.31 16.26 14.25
C ALA D 188 -2.52 17.37 13.55
N LEU D 189 -2.69 18.59 14.06
CA LEU D 189 -2.03 19.75 13.45
C LEU D 189 -0.52 19.72 13.60
N GLU D 190 -0.03 18.95 14.56
CA GLU D 190 1.41 18.78 14.79
C GLU D 190 1.97 17.52 14.12
N SER D 191 1.11 16.79 13.41
CA SER D 191 1.53 15.58 12.70
C SER D 191 2.08 15.86 11.29
N THR D 192 2.91 14.96 10.80
CA THR D 192 3.55 15.13 9.50
C THR D 192 2.78 14.46 8.34
N SER D 193 1.79 13.64 8.68
CA SER D 193 0.92 13.00 7.69
C SER D 193 -0.42 12.66 8.35
N PRO D 194 -1.48 12.45 7.52
CA PRO D 194 -2.74 11.93 8.06
C PRO D 194 -2.57 10.58 8.78
N SER D 195 -1.73 9.70 8.25
CA SER D 195 -1.41 8.43 8.92
C SER D 195 -0.87 8.65 10.32
N GLN D 196 0.10 9.56 10.44
CA GLN D 196 0.69 9.85 11.73
C GLN D 196 -0.35 10.44 12.69
N ALA D 197 -1.18 11.36 12.18
CA ALA D 197 -2.26 11.97 12.95
C ALA D 197 -3.23 10.93 13.49
N TYR D 198 -3.66 10.00 12.63
CA TYR D 198 -4.51 8.88 13.07
C TYR D 198 -3.83 8.11 14.19
N ASP D 199 -2.60 7.66 13.95
CA ASP D 199 -1.82 6.91 14.94
C ASP D 199 -1.75 7.63 16.30
N ARG D 200 -1.45 8.94 16.25
CA ARG D 200 -1.20 9.69 17.47
C ARG D 200 -2.48 9.94 18.27
N ILE D 201 -3.59 10.15 17.57
CA ILE D 201 -4.91 10.23 18.20
C ILE D 201 -5.30 8.88 18.84
N VAL D 202 -5.21 7.81 18.05
CA VAL D 202 -5.51 6.46 18.55
C VAL D 202 -4.62 6.04 19.71
N GLU D 203 -3.37 6.52 19.70
CA GLU D 203 -2.40 6.22 20.76
C GLU D 203 -2.84 6.68 22.15
N GLN D 204 -3.68 7.71 22.21
CA GLN D 204 -4.15 8.27 23.49
C GLN D 204 -5.03 7.30 24.26
N GLY D 205 -5.58 6.31 23.56
CA GLY D 205 -6.34 5.24 24.19
C GLY D 205 -7.79 5.55 24.52
N GLY D 206 -8.34 6.58 23.85
CA GLY D 206 -9.76 6.91 23.98
C GLY D 206 -10.08 8.39 24.07
N MET D 207 -11.17 8.79 23.42
CA MET D 207 -11.56 10.19 23.36
C MET D 207 -12.36 10.57 24.61
N ALA D 208 -12.34 11.85 24.94
CA ALA D 208 -13.10 12.36 26.09
C ALA D 208 -14.59 12.51 25.82
N ALA D 209 -14.94 12.85 24.58
CA ALA D 209 -16.33 13.13 24.21
C ALA D 209 -16.56 12.82 22.73
N SER D 210 -17.49 13.52 22.11
CA SER D 210 -17.88 13.24 20.72
C SER D 210 -17.64 14.42 19.79
N ALA D 211 -17.04 14.13 18.64
CA ALA D 211 -16.94 15.06 17.52
C ALA D 211 -16.55 14.28 16.26
N PHE D 212 -16.37 15.00 15.16
CA PHE D 212 -15.82 14.40 13.95
C PHE D 212 -14.61 15.20 13.55
N ILE D 213 -13.53 14.50 13.22
CA ILE D 213 -12.30 15.13 12.73
C ILE D 213 -11.93 14.55 11.36
N MET D 214 -11.63 15.43 10.40
CA MET D 214 -11.08 15.01 9.10
C MET D 214 -9.62 15.47 8.97
N VAL D 215 -8.75 14.54 8.57
CA VAL D 215 -7.34 14.85 8.32
C VAL D 215 -6.96 14.40 6.90
N GLY D 216 -6.39 15.32 6.12
CA GLY D 216 -5.98 14.98 4.77
C GLY D 216 -4.74 15.71 4.30
N ASN D 217 -4.06 15.11 3.32
CA ASN D 217 -3.04 15.82 2.56
C ASN D 217 -3.32 15.59 1.07
N GLY D 218 -2.31 15.77 0.23
CA GLY D 218 -2.47 15.54 -1.20
C GLY D 218 -2.65 14.07 -1.57
N HIS D 219 -2.20 13.17 -0.68
CA HIS D 219 -2.13 11.74 -1.00
C HIS D 219 -3.28 10.93 -0.41
N GLU D 220 -3.66 11.26 0.82
CA GLU D 220 -4.63 10.46 1.58
C GLU D 220 -5.47 11.35 2.49
N ALA D 221 -6.60 10.81 2.93
CA ALA D 221 -7.48 11.50 3.88
C ALA D 221 -8.32 10.47 4.65
N PHE D 222 -8.62 10.79 5.91
CA PHE D 222 -9.54 9.97 6.69
C PHE D 222 -10.46 10.85 7.51
N GLY D 223 -11.63 10.31 7.84
CA GLY D 223 -12.55 10.92 8.78
C GLY D 223 -12.59 10.08 10.04
N LEU D 224 -12.89 10.71 11.15
CA LEU D 224 -12.99 10.01 12.42
C LEU D 224 -14.27 10.44 13.13
N GLU D 225 -15.24 9.51 13.23
CA GLU D 225 -16.43 9.73 14.08
C GLU D 225 -16.17 9.05 15.42
N PHE D 226 -16.29 9.80 16.50
CA PHE D 226 -15.95 9.22 17.79
C PHE D 226 -16.83 9.61 18.98
N SER D 227 -16.85 8.72 19.97
CA SER D 227 -17.36 8.99 21.30
C SER D 227 -16.32 8.40 22.25
N PRO D 228 -16.56 8.47 23.58
CA PRO D 228 -15.61 7.78 24.47
C PRO D 228 -15.60 6.27 24.27
N THR D 229 -16.60 5.74 23.60
CA THR D 229 -16.74 4.29 23.46
C THR D 229 -16.77 3.82 22.01
N SER D 230 -16.27 4.66 21.09
CA SER D 230 -16.30 4.38 19.66
C SER D 230 -15.37 5.30 18.86
N ILE D 231 -14.54 4.70 18.01
CA ILE D 231 -13.70 5.45 17.08
C ILE D 231 -13.82 4.78 15.71
N ARG D 232 -14.59 5.39 14.82
N ARG D 232 -14.60 5.38 14.82
CA ARG D 232 -14.84 4.83 13.49
CA ARG D 232 -14.83 4.81 13.48
C ARG D 232 -14.19 5.67 12.40
C ARG D 232 -14.17 5.67 12.41
N LYS D 233 -13.44 5.00 11.52
CA LYS D 233 -12.73 5.69 10.45
C LYS D 233 -13.53 5.73 9.14
N GLN D 234 -13.75 6.94 8.63
CA GLN D 234 -14.34 7.15 7.31
C GLN D 234 -13.20 7.21 6.29
N VAL D 235 -13.39 6.56 5.14
CA VAL D 235 -12.37 6.51 4.08
C VAL D 235 -12.95 7.06 2.78
N LEU D 236 -12.09 7.30 1.79
CA LEU D 236 -12.54 7.78 0.49
C LEU D 236 -13.45 6.74 -0.17
N ASP D 237 -14.53 7.22 -0.79
CA ASP D 237 -15.44 6.32 -1.50
C ASP D 237 -14.90 6.01 -2.90
N ALA D 238 -15.68 5.28 -3.71
CA ALA D 238 -15.23 4.84 -5.05
C ALA D 238 -14.95 6.01 -6.01
N ASN D 239 -15.44 7.21 -5.67
CA ASN D 239 -15.16 8.41 -6.46
C ASN D 239 -14.02 9.26 -5.91
N GLY D 240 -13.28 8.72 -4.94
CA GLY D 240 -12.18 9.45 -4.30
C GLY D 240 -12.67 10.59 -3.42
N ARG D 241 -13.90 10.48 -2.94
CA ARG D 241 -14.53 11.55 -2.17
C ARG D 241 -14.92 11.17 -0.75
N MET D 242 -15.02 12.19 0.11
N MET D 242 -14.94 12.16 0.13
CA MET D 242 -15.47 12.01 1.48
CA MET D 242 -15.50 12.03 1.47
C MET D 242 -16.27 13.25 1.91
C MET D 242 -16.35 13.26 1.72
N VAL D 243 -17.51 13.05 2.31
CA VAL D 243 -18.39 14.14 2.75
C VAL D 243 -18.83 13.89 4.18
N HIS D 244 -18.79 14.91 5.03
CA HIS D 244 -19.34 14.78 6.36
C HIS D 244 -20.11 16.03 6.79
N THR D 245 -21.20 15.81 7.51
CA THR D 245 -21.96 16.87 8.13
C THR D 245 -21.95 16.67 9.67
N ASN D 246 -23.12 16.58 10.29
CA ASN D 246 -23.19 16.54 11.75
C ASN D 246 -23.87 15.30 12.32
N HIS D 247 -23.84 14.20 11.56
CA HIS D 247 -24.41 12.95 12.03
C HIS D 247 -23.55 11.77 11.59
N CYS D 248 -23.72 10.64 12.28
CA CYS D 248 -22.93 9.46 12.04
C CYS D 248 -23.31 8.82 10.70
N LEU D 249 -22.32 8.66 9.83
CA LEU D 249 -22.51 7.99 8.54
C LEU D 249 -22.06 6.53 8.63
N LEU D 250 -21.30 6.21 9.67
CA LEU D 250 -20.69 4.91 9.83
C LEU D 250 -21.43 4.10 10.88
N GLN D 251 -21.34 2.77 10.78
CA GLN D 251 -21.96 1.89 11.77
C GLN D 251 -21.15 1.91 13.06
N HIS D 252 -21.80 2.31 14.14
CA HIS D 252 -21.15 2.34 15.45
C HIS D 252 -21.61 1.16 16.27
N GLY D 253 -21.01 0.96 17.43
CA GLY D 253 -21.40 -0.14 18.32
C GLY D 253 -22.86 -0.08 18.73
N LYS D 254 -23.36 -1.19 19.26
CA LYS D 254 -24.76 -1.30 19.66
C LYS D 254 -25.19 -0.27 20.70
N ASN D 255 -24.29 0.09 21.63
CA ASN D 255 -24.67 0.98 22.72
C ASN D 255 -24.60 2.47 22.40
N GLU D 256 -24.00 2.82 21.26
CA GLU D 256 -23.81 4.22 20.89
C GLU D 256 -25.15 4.93 20.65
N LYS D 257 -25.29 6.12 21.20
CA LYS D 257 -26.52 6.90 21.00
C LYS D 257 -26.24 8.32 20.52
N GLU D 258 -26.86 8.65 19.39
CA GLU D 258 -26.79 9.97 18.83
C GLU D 258 -27.92 10.81 19.45
N LEU D 259 -27.53 11.91 20.09
CA LEU D 259 -28.44 12.76 20.88
C LEU D 259 -28.87 14.04 20.17
N ASP D 260 -30.14 14.13 19.81
CA ASP D 260 -30.70 15.33 19.18
C ASP D 260 -29.85 15.86 18.01
N PRO D 261 -29.55 15.00 17.01
CA PRO D 261 -28.80 15.57 15.88
C PRO D 261 -29.73 16.43 15.02
N LEU D 262 -29.16 17.38 14.28
CA LEU D 262 -29.92 18.25 13.38
C LEU D 262 -30.47 17.47 12.19
N PRO D 263 -31.81 17.53 11.98
CA PRO D 263 -32.39 16.85 10.80
C PRO D 263 -31.77 17.30 9.47
N ASP D 264 -31.45 18.59 9.36
CA ASP D 264 -30.83 19.13 8.15
C ASP D 264 -29.44 18.56 7.88
N SER D 265 -28.85 17.89 8.87
CA SER D 265 -27.55 17.24 8.70
C SER D 265 -27.62 16.21 7.57
N TRP D 266 -28.76 15.53 7.48
CA TRP D 266 -29.03 14.55 6.44
C TRP D 266 -29.21 15.23 5.08
N ASN D 267 -30.08 16.24 5.00
CA ASN D 267 -30.24 17.00 3.74
C ASN D 267 -28.92 17.51 3.18
N ARG D 268 -28.10 18.09 4.04
CA ARG D 268 -26.83 18.70 3.63
C ARG D 268 -25.82 17.66 3.15
N HIS D 269 -25.77 16.52 3.84
CA HIS D 269 -24.95 15.41 3.38
C HIS D 269 -25.32 14.96 1.95
N GLN D 270 -26.61 14.68 1.73
CA GLN D 270 -27.07 14.26 0.39
C GLN D 270 -26.86 15.38 -0.62
N ARG D 271 -27.21 16.61 -0.24
CA ARG D 271 -27.03 17.77 -1.10
C ARG D 271 -25.58 17.92 -1.59
N MET D 272 -24.62 17.86 -0.67
CA MET D 272 -23.20 17.99 -1.03
C MET D 272 -22.73 16.84 -1.93
N GLU D 273 -23.18 15.62 -1.63
CA GLU D 273 -22.86 14.47 -2.50
C GLU D 273 -23.40 14.67 -3.91
N PHE D 274 -24.64 15.14 -4.00
CA PHE D 274 -25.25 15.50 -5.28
C PHE D 274 -24.43 16.58 -6.02
N LEU D 275 -24.05 17.64 -5.30
CA LEU D 275 -23.28 18.74 -5.90
C LEU D 275 -21.93 18.26 -6.43
N LEU D 276 -21.24 17.43 -5.65
CA LEU D 276 -19.95 16.87 -6.04
C LEU D 276 -20.06 15.95 -7.27
N ASP D 277 -21.25 15.39 -7.46
CA ASP D 277 -21.54 14.57 -8.65
C ASP D 277 -21.53 15.33 -9.97
N GLY D 278 -21.97 16.59 -9.94
CA GLY D 278 -21.99 17.44 -11.14
C GLY D 278 -20.80 18.37 -11.23
N PHE D 279 -20.04 18.45 -10.14
CA PHE D 279 -18.82 19.24 -9.99
C PHE D 279 -17.77 18.95 -11.08
N ASP D 280 -17.27 19.99 -11.75
CA ASP D 280 -16.28 19.82 -12.83
C ASP D 280 -14.83 19.66 -12.37
N GLY D 281 -14.58 19.83 -11.07
CA GLY D 281 -13.25 19.62 -10.51
C GLY D 281 -12.43 20.89 -10.28
N THR D 282 -12.86 22.00 -10.88
CA THR D 282 -12.09 23.24 -10.82
C THR D 282 -12.15 23.83 -9.40
N LYS D 283 -11.10 24.56 -9.05
CA LYS D 283 -11.04 25.22 -7.75
C LYS D 283 -12.18 26.26 -7.63
N GLN D 284 -12.47 26.95 -8.73
CA GLN D 284 -13.55 27.95 -8.77
C GLN D 284 -14.91 27.31 -8.44
N ALA D 285 -15.22 26.21 -9.12
CA ALA D 285 -16.43 25.43 -8.87
C ALA D 285 -16.48 24.86 -7.45
N PHE D 286 -15.34 24.40 -6.93
CA PHE D 286 -15.28 23.88 -5.56
C PHE D 286 -15.64 24.97 -4.56
N ALA D 287 -15.13 26.18 -4.80
CA ALA D 287 -15.43 27.33 -3.94
C ALA D 287 -16.92 27.66 -3.92
N GLN D 288 -17.57 27.57 -5.08
CA GLN D 288 -19.00 27.90 -5.23
C GLN D 288 -19.94 26.94 -4.49
N LEU D 289 -19.50 25.69 -4.29
CA LEU D 289 -20.32 24.69 -3.61
C LEU D 289 -20.72 25.11 -2.21
N TRP D 290 -19.78 25.79 -1.53
CA TRP D 290 -19.95 26.20 -0.14
C TRP D 290 -20.96 27.32 0.05
N ALA D 291 -21.38 27.94 -1.05
CA ALA D 291 -22.39 28.97 -1.07
C ALA D 291 -23.80 28.43 -1.33
N ASP D 292 -23.94 27.10 -1.39
CA ASP D 292 -25.22 26.49 -1.69
C ASP D 292 -26.28 26.86 -0.66
N GLU D 293 -27.45 27.26 -1.14
CA GLU D 293 -28.55 27.67 -0.26
C GLU D 293 -29.82 26.84 -0.38
N ASP D 294 -29.72 25.66 -0.98
CA ASP D 294 -30.85 24.74 -1.02
C ASP D 294 -31.26 24.43 0.41
N ASN D 295 -32.57 24.53 0.68
CA ASN D 295 -33.13 24.31 2.02
C ASN D 295 -32.76 25.42 3.01
N TYR D 296 -32.50 26.61 2.50
CA TYR D 296 -32.30 27.83 3.31
C TYR D 296 -33.41 27.95 4.37
N PRO D 297 -33.07 28.34 5.61
CA PRO D 297 -31.77 28.75 6.15
C PRO D 297 -30.88 27.60 6.64
N PHE D 298 -31.38 26.37 6.56
CA PHE D 298 -30.66 25.20 7.07
C PHE D 298 -29.68 24.65 6.03
N SER D 299 -29.23 25.53 5.14
CA SER D 299 -28.44 25.16 3.97
C SER D 299 -26.97 24.91 4.28
N ILE D 300 -26.25 24.37 3.31
CA ILE D 300 -24.80 24.20 3.41
C ILE D 300 -24.18 25.56 3.78
N CYS D 301 -24.59 26.60 3.07
CA CYS D 301 -24.28 27.96 3.47
C CYS D 301 -25.39 28.42 4.42
N ARG D 302 -25.17 28.19 5.70
CA ARG D 302 -26.19 28.29 6.74
C ARG D 302 -26.44 29.76 7.10
N ALA D 303 -27.70 30.08 7.37
CA ALA D 303 -28.09 31.44 7.76
C ALA D 303 -28.85 31.46 9.08
N TYR D 304 -28.66 32.53 9.84
CA TYR D 304 -29.46 32.76 11.03
C TYR D 304 -30.84 33.29 10.64
N GLU D 305 -31.88 32.64 11.17
CA GLU D 305 -33.24 33.19 11.14
C GLU D 305 -33.87 33.03 12.52
N GLU D 306 -34.25 34.16 13.11
CA GLU D 306 -34.84 34.21 14.45
C GLU D 306 -36.15 33.43 14.46
N GLY D 307 -36.09 32.19 14.97
CA GLY D 307 -37.25 31.32 15.02
C GLY D 307 -37.08 30.00 14.27
N LYS D 308 -36.06 29.91 13.43
CA LYS D 308 -35.80 28.70 12.64
C LYS D 308 -34.42 28.10 12.89
N SER D 309 -33.38 28.90 12.66
CA SER D 309 -31.99 28.45 12.76
C SER D 309 -31.21 29.33 13.74
N ARG D 310 -30.54 28.70 14.70
CA ARG D 310 -29.83 29.43 15.75
C ARG D 310 -28.45 29.92 15.31
N GLY D 311 -27.87 29.27 14.30
CA GLY D 311 -26.54 29.62 13.82
C GLY D 311 -26.43 29.93 12.34
N ALA D 312 -25.22 30.25 11.90
CA ALA D 312 -24.93 30.56 10.51
C ALA D 312 -23.56 30.03 10.13
N THR D 313 -23.26 30.01 8.83
CA THR D 313 -21.90 29.75 8.39
C THR D 313 -21.08 30.98 8.75
N LEU D 314 -20.08 30.75 9.60
CA LEU D 314 -19.26 31.82 10.15
C LEU D 314 -17.93 31.96 9.41
N PHE D 315 -17.43 30.84 8.88
CA PHE D 315 -16.35 30.89 7.89
C PHE D 315 -16.27 29.63 7.04
N ASN D 316 -15.54 29.79 5.94
CA ASN D 316 -15.24 28.72 5.00
C ASN D 316 -13.74 28.64 4.80
N ILE D 317 -13.22 27.42 4.67
CA ILE D 317 -11.82 27.21 4.35
C ILE D 317 -11.70 26.17 3.24
N ILE D 318 -10.78 26.43 2.32
CA ILE D 318 -10.48 25.51 1.22
C ILE D 318 -8.99 25.26 1.18
N TYR D 319 -8.60 24.00 1.29
CA TYR D 319 -7.20 23.62 1.20
C TYR D 319 -6.88 23.21 -0.24
N ASP D 320 -5.94 23.92 -0.84
CA ASP D 320 -5.41 23.59 -2.16
C ASP D 320 -4.17 22.74 -1.92
N HIS D 321 -4.35 21.43 -1.93
CA HIS D 321 -3.27 20.51 -1.60
C HIS D 321 -2.10 20.57 -2.58
N ALA D 322 -2.39 20.79 -3.86
CA ALA D 322 -1.35 20.96 -4.87
C ALA D 322 -0.37 22.09 -4.52
N ARG D 323 -0.91 23.22 -4.06
CA ARG D 323 -0.13 24.45 -3.85
C ARG D 323 0.22 24.72 -2.37
N ARG D 324 -0.27 23.87 -1.47
CA ARG D 324 -0.15 24.09 -0.01
CA ARG D 324 -0.18 24.08 -0.01
C ARG D 324 -0.64 25.49 0.39
N GLU D 325 -1.81 25.86 -0.08
CA GLU D 325 -2.42 27.14 0.27
C GLU D 325 -3.79 26.89 0.85
N ALA D 326 -4.17 27.70 1.84
CA ALA D 326 -5.50 27.62 2.40
C ALA D 326 -6.20 28.95 2.19
N THR D 327 -7.32 28.92 1.49
CA THR D 327 -8.11 30.11 1.26
C THR D 327 -9.24 30.19 2.28
N VAL D 328 -9.25 31.29 3.03
CA VAL D 328 -10.25 31.50 4.07
C VAL D 328 -11.21 32.59 3.63
N ARG D 329 -12.51 32.29 3.71
CA ARG D 329 -13.56 33.29 3.52
C ARG D 329 -14.32 33.41 4.84
N LEU D 330 -14.26 34.59 5.45
CA LEU D 330 -14.94 34.83 6.71
C LEU D 330 -16.41 35.19 6.43
N GLY D 331 -17.31 34.76 7.30
CA GLY D 331 -18.75 34.98 7.10
C GLY D 331 -19.34 33.93 6.16
N ARG D 332 -20.44 34.29 5.51
CA ARG D 332 -21.15 33.36 4.63
C ARG D 332 -20.55 33.40 3.23
N PRO D 333 -20.23 32.22 2.65
CA PRO D 333 -19.64 32.12 1.32
C PRO D 333 -20.45 32.73 0.17
N THR D 334 -21.75 32.94 0.36
CA THR D 334 -22.57 33.68 -0.61
C THR D 334 -22.08 35.12 -0.78
N ASN D 335 -21.61 35.70 0.32
CA ASN D 335 -20.96 37.04 0.31
C ASN D 335 -20.03 37.22 1.51
N PRO D 336 -18.75 36.84 1.36
CA PRO D 336 -17.82 36.80 2.49
C PRO D 336 -17.49 38.19 3.07
N ASP D 337 -17.32 38.25 4.39
CA ASP D 337 -16.87 39.47 5.07
C ASP D 337 -15.51 39.89 4.55
N GLU D 338 -14.65 38.91 4.35
CA GLU D 338 -13.34 39.07 3.75
C GLU D 338 -12.78 37.72 3.31
N MET D 339 -11.73 37.78 2.51
CA MET D 339 -11.06 36.60 1.96
C MET D 339 -9.55 36.81 1.98
N PHE D 340 -8.82 35.77 2.39
CA PHE D 340 -7.35 35.79 2.31
C PHE D 340 -6.82 34.37 2.09
N VAL D 341 -5.54 34.28 1.78
CA VAL D 341 -4.88 33.01 1.51
C VAL D 341 -3.71 32.85 2.48
N MET D 342 -3.64 31.70 3.15
CA MET D 342 -2.53 31.41 4.06
C MET D 342 -1.53 30.53 3.34
N ARG D 343 -0.26 30.91 3.41
CA ARG D 343 0.85 30.19 2.79
C ARG D 343 2.00 30.13 3.78
N PHE D 344 2.83 29.10 3.70
CA PHE D 344 4.01 29.02 4.53
C PHE D 344 5.22 29.62 3.81
N ASP D 345 6.02 30.40 4.54
CA ASP D 345 7.25 30.96 3.98
C ASP D 345 8.47 30.14 4.40
N GLU D 346 9.66 30.61 4.05
CA GLU D 346 10.85 29.81 4.32
C GLU D 346 11.26 29.79 5.79
N GLU D 347 10.91 30.82 6.55
CA GLU D 347 11.08 30.80 8.02
C GLU D 347 10.16 29.78 8.71
N ASP D 348 8.92 29.68 8.24
CA ASP D 348 7.99 28.63 8.71
C ASP D 348 8.58 27.24 8.49
N GLU D 349 9.23 27.07 7.34
CA GLU D 349 9.84 25.80 6.97
C GLU D 349 11.10 25.50 7.79
N ARG D 350 11.97 26.50 7.96
CA ARG D 350 13.17 26.38 8.78
C ARG D 350 12.85 25.93 10.22
N SER D 351 11.88 26.59 10.85
CA SER D 351 11.38 26.21 12.17
C SER D 351 11.01 24.73 12.24
N ALA D 352 10.31 24.25 11.22
CA ALA D 352 9.87 22.85 11.12
C ALA D 352 11.04 21.88 11.02
N LEU D 353 12.14 22.34 10.45
CA LEU D 353 13.32 21.51 10.25
C LEU D 353 14.29 21.65 11.41
N ASN D 354 14.01 22.60 12.30
CA ASN D 354 14.95 23.01 13.35
C ASN D 354 16.33 23.36 12.77
N ALA D 355 16.35 24.26 11.80
CA ALA D 355 17.59 24.65 11.11
C ALA D 355 17.82 26.16 11.15
#